data_3PQB
#
_entry.id   3PQB
#
_cell.length_a   68.003
_cell.length_b   115.973
_cell.length_c   291.405
_cell.angle_alpha   90.00
_cell.angle_beta   90.00
_cell.angle_gamma   90.00
#
_symmetry.space_group_name_H-M   'P 21 21 21'
#
loop_
_entity.id
_entity.type
_entity.pdbx_description
1 polymer 'Putative oxidoreductase'
2 non-polymer 'FLAVIN-ADENINE DINUCLEOTIDE'
3 non-polymer (1R)-1,4-anhydro-6-deoxy-1-[(6R)-8-ethenyl-1,6-dihydroxy-10,12-dimethoxy-6H-dibenzo[c,h]chromen-4-yl]-D-galactitol
4 water water
#
_entity_poly.entity_id   1
_entity_poly.type   'polypeptide(L)'
_entity_poly.pdbx_seq_one_letter_code
;GSHMTASVPPFTVGREDPRYIELSHSDNHRFVVEPEEFFLPATPDDVVASLQKAVTEGRGVACRSGGHCGQDFVGTPRRD
LVLDLHNLHAIGPAADGAGVRVGSGATVDQVQKALFRRWNAALPLGACSAVGMGGLVAGGGYGPLSRQLGLVVDHLHAVE
VAVVDESRTVRLVTARADDTGDLGELFWAHTGGGGGNFGVVTAYEFRSPEHLATEPVGLPRAAGRLHVQKVVFPWAMIDE
TSFVTVMRRFFEWHERHSEPGSPESSLFATFFVNHVSSGVLQLMVQQDADVDPEGEILARFVASLTEGTGVVGIPRGGVM
SWLTGTRYMSQADCGDVMGARSASKSAYHRAAPTDEQLSVLHRHLHADHPGQASYVMFNSYGGEINRRGPSDAAVPQRDS
VVKSSWFSAWQDAELDELHLGWLRGLYEEFFAGTGGVPVTGGRTDGCYINYPDADLLDPARNRSGEPWHHLYYKDNYARL
RSAKRAWDPLNTFHHSMSIGL
;
_entity_poly.pdbx_strand_id   A,B,C,D
#
loop_
_chem_comp.id
_chem_comp.type
_chem_comp.name
_chem_comp.formula
FAD non-polymer 'FLAVIN-ADENINE DINUCLEOTIDE' 'C27 H33 N9 O15 P2'
VGP non-polymer (1R)-1,4-anhydro-6-deoxy-1-[(6R)-8-ethenyl-1,6-dihydroxy-10,12-dimethoxy-6H-dibenzo[c,h]chromen-4-yl]-D-galactitol 'C27 H28 O9'
#
# COMPACT_ATOMS: atom_id res chain seq x y z
N PRO A 10 -5.36 -49.28 14.91
CA PRO A 10 -4.83 -49.73 16.20
C PRO A 10 -3.61 -50.62 16.02
N PHE A 11 -2.60 -50.48 16.88
CA PHE A 11 -1.39 -51.30 16.69
C PHE A 11 -0.60 -51.61 17.97
N THR A 12 0.40 -52.48 17.82
CA THR A 12 1.15 -53.01 18.95
C THR A 12 2.65 -52.73 18.85
N VAL A 13 3.25 -52.38 19.98
CA VAL A 13 4.68 -52.06 20.04
C VAL A 13 5.40 -52.95 21.04
N GLY A 14 6.13 -53.95 20.52
CA GLY A 14 6.86 -54.89 21.37
C GLY A 14 8.28 -54.43 21.62
N ARG A 15 9.06 -55.22 22.35
CA ARG A 15 10.40 -54.82 22.77
C ARG A 15 11.40 -54.61 21.65
N GLU A 16 11.17 -55.23 20.49
CA GLU A 16 12.11 -55.12 19.37
C GLU A 16 11.84 -53.89 18.49
N ASP A 17 10.67 -53.26 18.70
CA ASP A 17 10.25 -52.07 17.94
C ASP A 17 10.94 -50.82 18.48
N PRO A 18 11.47 -49.98 17.60
CA PRO A 18 12.24 -48.81 18.04
C PRO A 18 11.41 -47.78 18.83
N ARG A 19 10.08 -47.78 18.67
CA ARG A 19 9.22 -46.85 19.40
C ARG A 19 9.12 -47.22 20.88
N TYR A 20 9.47 -48.48 21.17
CA TYR A 20 9.43 -48.99 22.53
C TYR A 20 10.19 -48.08 23.50
N ILE A 21 11.42 -47.72 23.11
CA ILE A 21 12.25 -46.85 23.95
C ILE A 21 11.50 -45.60 24.40
N GLU A 22 10.79 -44.96 23.49
CA GLU A 22 10.11 -43.73 23.87
C GLU A 22 8.93 -44.09 24.77
N LEU A 23 8.18 -45.14 24.42
CA LEU A 23 6.99 -45.50 25.20
C LEU A 23 7.34 -45.96 26.62
N SER A 24 8.58 -46.37 26.83
CA SER A 24 9.00 -46.92 28.12
C SER A 24 9.26 -45.82 29.14
N HIS A 25 9.15 -44.56 28.71
CA HIS A 25 9.29 -43.44 29.62
C HIS A 25 7.96 -42.72 29.74
N SER A 26 7.50 -42.51 30.97
CA SER A 26 6.45 -41.54 31.22
C SER A 26 7.15 -40.22 31.50
N ASP A 27 6.39 -39.20 31.90
CA ASP A 27 6.97 -37.89 32.13
C ASP A 27 8.05 -37.95 33.21
N ASN A 28 7.77 -38.61 34.34
CA ASN A 28 8.75 -38.73 35.42
C ASN A 28 9.75 -39.84 35.12
N HIS A 29 10.99 -39.45 34.81
CA HIS A 29 12.03 -40.40 34.44
C HIS A 29 12.64 -41.21 35.58
N ARG A 30 12.13 -41.06 36.80
CA ARG A 30 12.61 -41.94 37.88
C ARG A 30 12.09 -43.35 37.68
N PHE A 31 11.01 -43.47 36.93
CA PHE A 31 10.32 -44.75 36.81
C PHE A 31 10.30 -45.18 35.37
N VAL A 32 10.39 -46.47 35.15
CA VAL A 32 10.39 -46.97 33.79
C VAL A 32 9.18 -47.89 33.62
N VAL A 33 8.60 -47.88 32.43
CA VAL A 33 7.48 -48.73 32.10
C VAL A 33 7.93 -49.73 31.06
N GLU A 34 8.12 -50.99 31.44
CA GLU A 34 8.66 -51.97 30.51
C GLU A 34 7.86 -53.27 30.43
N PRO A 35 6.72 -53.24 29.74
CA PRO A 35 5.89 -54.42 29.55
C PRO A 35 6.42 -55.27 28.41
N GLU A 36 5.80 -56.41 28.16
CA GLU A 36 6.14 -57.19 26.98
C GLU A 36 5.73 -56.44 25.73
N GLU A 37 4.59 -55.80 25.79
CA GLU A 37 4.14 -54.93 24.71
C GLU A 37 3.27 -53.74 25.14
N PHE A 38 3.27 -52.66 24.35
CA PHE A 38 2.28 -51.60 24.47
C PHE A 38 1.21 -51.80 23.41
N PHE A 39 -0.01 -51.47 23.71
CA PHE A 39 -1.03 -51.51 22.73
C PHE A 39 -1.59 -50.13 22.59
N LEU A 40 -1.92 -49.75 21.39
CA LEU A 40 -2.43 -48.44 21.14
C LEU A 40 -3.76 -48.50 20.47
N PRO A 41 -4.80 -48.43 21.25
CA PRO A 41 -6.14 -48.52 20.74
C PRO A 41 -6.56 -47.31 19.96
N ALA A 42 -7.53 -47.41 19.09
CA ALA A 42 -8.00 -46.22 18.46
C ALA A 42 -9.43 -45.97 18.85
N THR A 43 -10.06 -46.95 19.45
CA THR A 43 -11.44 -46.89 19.83
C THR A 43 -11.66 -47.60 21.17
N PRO A 44 -12.77 -47.36 21.81
CA PRO A 44 -13.10 -48.05 23.03
C PRO A 44 -13.21 -49.53 22.84
N ASP A 45 -13.58 -50.01 21.66
CA ASP A 45 -13.64 -51.43 21.43
C ASP A 45 -12.30 -52.10 21.32
N ASP A 46 -11.32 -51.42 20.78
CA ASP A 46 -10.00 -51.93 20.86
C ASP A 46 -9.61 -52.09 22.31
N VAL A 47 -10.03 -51.19 23.18
CA VAL A 47 -9.65 -51.31 24.56
C VAL A 47 -10.29 -52.55 25.10
N VAL A 48 -11.55 -52.77 24.79
CA VAL A 48 -12.26 -53.92 25.33
C VAL A 48 -11.69 -55.25 24.84
N ALA A 49 -11.45 -55.34 23.53
CA ALA A 49 -10.92 -56.58 22.95
C ALA A 49 -9.54 -56.89 23.53
N SER A 50 -8.71 -55.85 23.64
CA SER A 50 -7.36 -56.03 24.16
C SER A 50 -7.34 -56.50 25.62
N LEU A 51 -8.09 -55.82 26.48
CA LEU A 51 -8.23 -56.27 27.86
C LEU A 51 -8.74 -57.69 27.94
N GLN A 52 -9.75 -58.02 27.13
CA GLN A 52 -10.31 -59.35 27.15
C GLN A 52 -9.23 -60.39 26.88
N LYS A 53 -8.54 -60.27 25.77
CA LYS A 53 -7.47 -61.15 25.51
C LYS A 53 -6.58 -61.25 26.69
N ALA A 54 -6.12 -60.13 27.18
CA ALA A 54 -5.14 -60.17 28.26
C ALA A 54 -5.60 -60.91 29.51
N VAL A 55 -6.75 -60.57 30.05
CA VAL A 55 -7.23 -61.18 31.29
C VAL A 55 -7.58 -62.65 31.09
N THR A 56 -8.08 -63.00 29.91
CA THR A 56 -8.36 -64.40 29.59
C THR A 56 -7.07 -65.25 29.68
N GLU A 57 -5.99 -64.72 29.18
CA GLU A 57 -4.73 -65.42 29.20
C GLU A 57 -3.92 -65.14 30.43
N GLY A 58 -4.56 -64.58 31.44
CA GLY A 58 -3.94 -64.32 32.73
C GLY A 58 -2.86 -63.24 32.77
N ARG A 59 -2.76 -62.43 31.74
CA ARG A 59 -1.74 -61.40 31.71
C ARG A 59 -2.06 -60.15 32.53
N GLY A 60 -1.05 -59.62 33.18
CA GLY A 60 -1.25 -58.42 33.96
C GLY A 60 -1.25 -57.16 33.10
N VAL A 61 -2.16 -56.23 33.41
CA VAL A 61 -2.37 -55.04 32.57
C VAL A 61 -2.39 -53.74 33.37
N ALA A 62 -2.19 -52.63 32.66
CA ALA A 62 -2.35 -51.27 33.18
C ALA A 62 -2.54 -50.33 31.99
N CYS A 63 -2.97 -49.10 32.26
CA CYS A 63 -3.15 -48.14 31.19
C CYS A 63 -2.42 -46.85 31.49
N ARG A 64 -2.26 -46.04 30.46
CA ARG A 64 -1.61 -44.75 30.58
C ARG A 64 -2.29 -43.79 29.62
N SER A 65 -2.56 -42.59 30.12
CA SER A 65 -3.12 -41.56 29.26
C SER A 65 -2.04 -40.52 29.00
N GLY A 66 -1.85 -39.57 29.90
CA GLY A 66 -0.92 -38.49 29.66
C GLY A 66 0.50 -38.75 30.17
N GLY A 67 0.64 -39.77 30.99
CA GLY A 67 1.92 -40.13 31.56
C GLY A 67 2.47 -39.23 32.66
N HIS A 68 1.62 -38.43 33.27
CA HIS A 68 2.06 -37.51 34.28
C HIS A 68 2.11 -37.98 35.71
N CYS A 69 1.84 -39.24 35.90
CA CYS A 69 1.80 -39.83 37.23
C CYS A 69 3.03 -39.49 38.05
N GLY A 70 2.83 -39.05 39.28
CA GLY A 70 3.94 -38.74 40.17
C GLY A 70 4.67 -39.96 40.71
N GLN A 71 4.07 -41.14 40.55
CA GLN A 71 4.64 -42.39 41.05
C GLN A 71 4.75 -43.43 39.92
N ASP A 72 5.18 -44.63 40.30
CA ASP A 72 5.41 -45.73 39.36
C ASP A 72 4.17 -46.60 39.13
N PHE A 73 2.99 -46.00 39.24
CA PHE A 73 1.74 -46.75 39.12
C PHE A 73 1.60 -47.54 37.82
N VAL A 74 2.02 -46.98 36.70
CA VAL A 74 1.75 -47.64 35.44
C VAL A 74 2.63 -48.87 35.25
N GLY A 75 3.93 -48.75 35.54
CA GLY A 75 4.88 -49.81 35.20
C GLY A 75 5.31 -50.73 36.32
N THR A 76 4.79 -50.48 37.52
CA THR A 76 5.11 -51.28 38.70
C THR A 76 3.82 -51.67 39.43
N PRO A 77 3.64 -52.96 39.71
CA PRO A 77 4.48 -54.12 39.41
C PRO A 77 4.57 -54.39 37.91
N ARG A 78 5.54 -55.16 37.45
CA ARG A 78 5.67 -55.47 36.04
C ARG A 78 4.38 -55.84 35.38
N ARG A 79 4.15 -55.28 34.23
CA ARG A 79 2.96 -55.58 33.46
C ARG A 79 3.33 -56.37 32.22
N ASP A 80 2.40 -57.18 31.74
CA ASP A 80 2.62 -57.87 30.48
C ASP A 80 2.18 -56.92 29.37
N LEU A 81 1.14 -56.15 29.66
CA LEU A 81 0.52 -55.29 28.66
C LEU A 81 0.19 -53.90 29.23
N VAL A 82 0.66 -52.85 28.55
CA VAL A 82 0.24 -51.47 28.87
C VAL A 82 -0.55 -50.89 27.70
N LEU A 83 -1.75 -50.44 27.99
CA LEU A 83 -2.57 -49.75 27.01
C LEU A 83 -2.25 -48.26 27.06
N ASP A 84 -1.72 -47.73 25.96
CA ASP A 84 -1.45 -46.30 25.82
C ASP A 84 -2.61 -45.63 25.09
N LEU A 85 -3.29 -44.72 25.79
CA LEU A 85 -4.61 -44.25 25.34
C LEU A 85 -4.62 -42.96 24.52
N HIS A 86 -3.47 -42.41 24.21
CA HIS A 86 -3.40 -41.14 23.53
C HIS A 86 -4.13 -40.99 22.22
N ASN A 87 -4.47 -42.05 21.54
CA ASN A 87 -5.32 -41.95 20.34
C ASN A 87 -6.82 -41.73 20.61
N LEU A 88 -7.26 -41.98 21.85
CA LEU A 88 -8.66 -41.75 22.19
C LEU A 88 -8.83 -40.32 22.66
N HIS A 89 -8.80 -39.36 21.73
CA HIS A 89 -8.73 -37.95 22.08
C HIS A 89 -9.87 -37.14 21.44
N ALA A 90 -10.87 -37.83 20.91
CA ALA A 90 -11.98 -37.15 20.25
C ALA A 90 -12.78 -36.31 21.25
N ILE A 91 -13.19 -35.13 20.81
CA ILE A 91 -14.05 -34.25 21.59
C ILE A 91 -15.25 -33.90 20.74
N GLY A 92 -16.45 -34.09 21.29
CA GLY A 92 -17.65 -33.79 20.52
C GLY A 92 -18.86 -33.57 21.41
N PRO A 93 -19.96 -33.11 20.90
CA PRO A 93 -21.12 -33.04 21.77
C PRO A 93 -21.51 -34.43 22.22
N ALA A 94 -22.12 -34.54 23.39
CA ALA A 94 -22.51 -35.83 23.90
C ALA A 94 -23.71 -36.28 23.12
N ALA A 95 -24.02 -37.55 23.18
CA ALA A 95 -25.17 -38.00 22.42
C ALA A 95 -26.16 -38.79 23.23
N ASP A 96 -27.06 -38.11 23.93
CA ASP A 96 -27.13 -36.68 23.92
C ASP A 96 -28.34 -36.31 24.74
N GLY A 97 -28.70 -35.04 24.72
CA GLY A 97 -28.00 -34.09 23.89
C GLY A 97 -27.54 -32.87 24.66
N ALA A 98 -27.05 -33.08 25.86
CA ALA A 98 -26.42 -32.03 26.61
C ALA A 98 -24.99 -32.42 26.94
N GLY A 99 -24.12 -31.42 26.98
CA GLY A 99 -22.74 -31.62 27.35
C GLY A 99 -21.79 -32.11 26.29
N VAL A 100 -20.60 -32.41 26.73
CA VAL A 100 -19.53 -32.77 25.86
C VAL A 100 -18.90 -34.07 26.22
N ARG A 101 -18.66 -34.87 25.21
CA ARG A 101 -17.87 -36.09 25.37
C ARG A 101 -16.39 -35.86 25.01
N VAL A 102 -15.50 -36.37 25.87
CA VAL A 102 -14.05 -36.20 25.76
C VAL A 102 -13.35 -37.53 25.98
N GLY A 103 -12.58 -37.98 24.99
CA GLY A 103 -11.83 -39.22 25.10
C GLY A 103 -10.82 -39.15 26.22
N SER A 104 -10.57 -40.28 26.86
CA SER A 104 -9.72 -40.26 28.04
C SER A 104 -8.27 -39.98 27.69
N GLY A 105 -7.93 -40.14 26.42
CA GLY A 105 -6.56 -39.90 25.99
C GLY A 105 -6.25 -38.46 25.61
N ALA A 106 -7.28 -37.60 25.61
CA ALA A 106 -7.06 -36.19 25.29
C ALA A 106 -6.22 -35.48 26.37
N THR A 107 -5.38 -34.55 25.94
CA THR A 107 -4.61 -33.75 26.87
C THR A 107 -5.35 -32.47 27.23
N VAL A 108 -4.92 -31.84 28.32
CA VAL A 108 -5.51 -30.59 28.74
C VAL A 108 -5.49 -29.56 27.61
N ASP A 109 -4.38 -29.52 26.88
CA ASP A 109 -4.23 -28.53 25.82
C ASP A 109 -5.30 -28.72 24.73
N GLN A 110 -5.45 -29.95 24.26
CA GLN A 110 -6.48 -30.27 23.27
C GLN A 110 -7.87 -29.91 23.77
N VAL A 111 -8.17 -30.25 25.02
CA VAL A 111 -9.51 -29.97 25.55
C VAL A 111 -9.78 -28.46 25.64
N GLN A 112 -8.82 -27.70 26.15
CA GLN A 112 -8.96 -26.26 26.28
C GLN A 112 -9.17 -25.61 24.92
N LYS A 113 -8.32 -25.99 23.97
CA LYS A 113 -8.47 -25.43 22.65
C LYS A 113 -9.83 -25.76 22.03
N ALA A 114 -10.22 -27.04 22.07
CA ALA A 114 -11.50 -27.42 21.48
C ALA A 114 -12.69 -26.71 22.14
N LEU A 115 -12.76 -26.74 23.47
CA LEU A 115 -13.85 -26.13 24.19
C LEU A 115 -13.94 -24.66 23.83
N PHE A 116 -12.80 -23.99 23.85
CA PHE A 116 -12.80 -22.56 23.57
C PHE A 116 -13.18 -22.21 22.14
N ARG A 117 -12.55 -22.88 21.18
CA ARG A 117 -12.76 -22.59 19.76
C ARG A 117 -14.15 -22.98 19.26
N ARG A 118 -14.67 -24.09 19.75
CA ARG A 118 -16.00 -24.53 19.32
C ARG A 118 -17.17 -23.87 20.07
N TRP A 119 -17.04 -23.65 21.37
CA TRP A 119 -18.21 -23.24 22.14
C TRP A 119 -18.01 -22.04 23.05
N ASN A 120 -16.83 -21.42 22.96
CA ASN A 120 -16.46 -20.39 23.93
C ASN A 120 -16.62 -20.90 25.37
N ALA A 121 -16.29 -22.16 25.58
CA ALA A 121 -16.45 -22.81 26.87
C ALA A 121 -15.11 -23.02 27.57
N ALA A 122 -15.18 -23.35 28.85
CA ALA A 122 -13.97 -23.63 29.64
C ALA A 122 -14.31 -24.52 30.82
N LEU A 123 -13.42 -25.46 31.13
CA LEU A 123 -13.56 -26.26 32.32
C LEU A 123 -12.39 -25.94 33.22
N PRO A 124 -12.50 -26.25 34.52
CA PRO A 124 -11.39 -25.93 35.42
C PRO A 124 -10.22 -26.92 35.31
N LEU A 125 -9.72 -27.12 34.10
CA LEU A 125 -8.59 -28.00 33.87
C LEU A 125 -7.30 -27.44 34.48
N GLY A 126 -6.30 -28.29 34.61
CA GLY A 126 -5.07 -27.91 35.29
C GLY A 126 -4.27 -26.88 34.52
N ALA A 127 -3.15 -26.48 35.11
CA ALA A 127 -2.27 -25.51 34.47
C ALA A 127 -1.22 -26.15 33.53
N CYS A 128 -1.15 -27.48 33.51
CA CYS A 128 -0.17 -28.17 32.67
C CYS A 128 -0.81 -28.73 31.41
N SER A 129 -0.43 -28.20 30.25
CA SER A 129 -1.06 -28.56 28.99
C SER A 129 -0.92 -30.04 28.55
N ALA A 130 0.11 -30.73 29.03
CA ALA A 130 0.36 -32.12 28.59
C ALA A 130 -0.29 -33.22 29.44
N VAL A 131 -0.88 -32.86 30.57
CA VAL A 131 -1.55 -33.83 31.42
C VAL A 131 -2.72 -34.47 30.69
N GLY A 132 -2.91 -35.76 30.91
CA GLY A 132 -3.98 -36.50 30.26
C GLY A 132 -5.28 -36.47 31.06
N MET A 133 -6.41 -36.47 30.36
CA MET A 133 -7.71 -36.44 31.02
C MET A 133 -7.90 -37.67 31.90
N GLY A 134 -7.32 -38.79 31.46
CA GLY A 134 -7.45 -40.07 32.14
C GLY A 134 -7.22 -39.95 33.63
N GLY A 135 -5.99 -39.65 34.01
CA GLY A 135 -5.64 -39.52 35.42
C GLY A 135 -6.16 -38.26 36.09
N LEU A 136 -6.10 -37.14 35.36
CA LEU A 136 -6.52 -35.86 35.90
C LEU A 136 -7.95 -35.93 36.45
N VAL A 137 -8.89 -36.34 35.61
CA VAL A 137 -10.29 -36.34 36.01
C VAL A 137 -10.53 -37.33 37.15
N ALA A 138 -10.07 -38.57 36.97
CA ALA A 138 -10.29 -39.59 37.98
C ALA A 138 -9.82 -39.14 39.38
N GLY A 139 -8.73 -38.37 39.43
CA GLY A 139 -8.23 -37.88 40.71
C GLY A 139 -8.90 -36.65 41.33
N GLY A 140 -9.82 -36.01 40.59
CA GLY A 140 -10.40 -34.76 41.07
C GLY A 140 -10.21 -33.61 40.09
N GLY A 141 -8.99 -33.11 39.97
CA GLY A 141 -8.64 -32.08 38.99
C GLY A 141 -9.00 -30.67 39.42
N TYR A 142 -7.99 -29.84 39.63
CA TYR A 142 -8.25 -28.43 39.91
C TYR A 142 -7.37 -27.58 39.04
N GLY A 143 -7.72 -26.30 38.93
CA GLY A 143 -7.00 -25.40 38.05
C GLY A 143 -7.23 -23.95 38.45
N PRO A 144 -6.62 -23.03 37.69
CA PRO A 144 -6.78 -21.58 37.87
C PRO A 144 -8.24 -21.14 37.87
N LEU A 145 -9.12 -21.89 37.20
CA LEU A 145 -10.53 -21.50 37.17
C LEU A 145 -11.37 -22.11 38.29
N SER A 146 -10.74 -22.90 39.15
CA SER A 146 -11.49 -23.68 40.13
C SER A 146 -12.22 -22.86 41.21
N ARG A 147 -11.73 -21.68 41.53
CA ARG A 147 -12.43 -20.85 42.50
C ARG A 147 -13.73 -20.31 41.94
N GLN A 148 -13.87 -20.31 40.61
CA GLN A 148 -15.13 -19.96 39.98
C GLN A 148 -15.97 -21.18 39.59
N LEU A 149 -15.30 -22.23 39.14
CA LEU A 149 -16.00 -23.35 38.53
C LEU A 149 -16.01 -24.64 39.35
N GLY A 150 -15.20 -24.70 40.42
CA GLY A 150 -15.10 -25.92 41.21
C GLY A 150 -14.04 -26.88 40.65
N LEU A 151 -14.16 -28.16 40.97
CA LEU A 151 -13.25 -29.19 40.49
C LEU A 151 -13.77 -29.74 39.19
N VAL A 152 -12.89 -30.35 38.40
CA VAL A 152 -13.30 -30.98 37.16
C VAL A 152 -14.40 -32.02 37.38
N VAL A 153 -14.25 -32.80 38.44
CA VAL A 153 -15.26 -33.83 38.72
C VAL A 153 -16.62 -33.23 39.06
N ASP A 154 -16.64 -31.95 39.42
CA ASP A 154 -17.91 -31.28 39.66
C ASP A 154 -18.68 -31.02 38.36
N HIS A 155 -18.06 -31.29 37.23
CA HIS A 155 -18.73 -31.09 35.93
C HIS A 155 -18.92 -32.43 35.23
N LEU A 156 -18.57 -33.50 35.93
CA LEU A 156 -18.66 -34.83 35.36
C LEU A 156 -20.12 -35.26 35.29
N HIS A 157 -20.54 -35.63 34.09
CA HIS A 157 -21.88 -36.15 33.89
C HIS A 157 -21.87 -37.67 33.69
N ALA A 158 -20.85 -38.18 33.02
CA ALA A 158 -20.80 -39.63 32.79
C ALA A 158 -19.38 -40.17 32.57
N VAL A 159 -19.20 -41.46 32.83
CA VAL A 159 -17.93 -42.10 32.58
C VAL A 159 -18.13 -43.41 31.84
N GLU A 160 -17.45 -43.56 30.72
CA GLU A 160 -17.47 -44.76 29.92
C GLU A 160 -16.17 -45.51 30.19
N VAL A 161 -16.30 -46.67 30.82
CA VAL A 161 -15.16 -47.41 31.37
C VAL A 161 -15.25 -48.93 31.13
N ALA A 162 -14.09 -49.51 30.82
CA ALA A 162 -14.00 -50.95 30.59
C ALA A 162 -13.64 -51.65 31.88
N VAL A 163 -14.53 -52.53 32.35
CA VAL A 163 -14.35 -53.20 33.63
C VAL A 163 -14.34 -54.71 33.48
N VAL A 164 -13.76 -55.36 34.49
CA VAL A 164 -13.58 -56.81 34.48
C VAL A 164 -14.30 -57.45 35.66
N ASP A 165 -15.20 -58.40 35.39
CA ASP A 165 -15.99 -59.03 36.46
C ASP A 165 -15.40 -60.35 36.98
N GLU A 166 -16.11 -60.98 37.92
CA GLU A 166 -15.61 -62.17 38.62
C GLU A 166 -15.35 -63.37 37.69
N SER A 167 -16.01 -63.39 36.53
CA SER A 167 -15.82 -64.46 35.57
C SER A 167 -14.80 -64.12 34.48
N ARG A 168 -13.99 -63.09 34.71
CA ARG A 168 -12.99 -62.61 33.77
C ARG A 168 -13.55 -62.11 32.45
N THR A 169 -14.74 -61.57 32.46
CA THR A 169 -15.36 -61.00 31.27
C THR A 169 -15.23 -59.47 31.30
N VAL A 170 -14.79 -58.90 30.18
CA VAL A 170 -14.63 -57.46 30.08
C VAL A 170 -15.84 -56.83 29.42
N ARG A 171 -16.37 -55.77 29.99
CA ARG A 171 -17.41 -55.08 29.30
C ARG A 171 -17.30 -53.58 29.46
N LEU A 172 -17.76 -52.86 28.46
CA LEU A 172 -17.74 -51.41 28.42
C LEU A 172 -19.04 -50.89 29.04
N VAL A 173 -18.96 -50.29 30.22
CA VAL A 173 -20.16 -49.74 30.85
C VAL A 173 -20.11 -48.22 30.95
N THR A 174 -21.26 -47.57 30.89
CA THR A 174 -21.34 -46.14 31.11
C THR A 174 -22.08 -45.88 32.38
N ALA A 175 -21.50 -45.09 33.26
CA ALA A 175 -22.10 -44.78 34.54
C ALA A 175 -22.42 -43.29 34.58
N ARG A 176 -23.63 -42.96 35.01
CA ARG A 176 -24.11 -41.59 34.93
C ARG A 176 -24.36 -40.97 36.29
N ALA A 177 -24.22 -39.64 36.34
CA ALA A 177 -24.43 -38.92 37.58
C ALA A 177 -25.81 -39.24 38.18
N ASP A 178 -26.78 -39.53 37.33
CA ASP A 178 -28.15 -39.84 37.79
C ASP A 178 -28.45 -41.32 38.09
N ASP A 179 -27.49 -42.20 37.82
CA ASP A 179 -27.65 -43.63 38.04
C ASP A 179 -27.70 -43.98 39.53
N THR A 180 -28.39 -45.08 39.84
CA THR A 180 -28.39 -45.59 41.22
C THR A 180 -27.79 -47.00 41.26
N GLY A 181 -27.83 -47.62 42.43
CA GLY A 181 -27.20 -48.91 42.62
C GLY A 181 -25.72 -48.93 42.24
N ASP A 182 -25.31 -50.07 41.72
CA ASP A 182 -23.91 -50.35 41.41
C ASP A 182 -23.34 -49.29 40.46
N LEU A 183 -24.10 -48.96 39.44
CA LEU A 183 -23.66 -47.97 38.47
C LEU A 183 -23.42 -46.62 39.15
N GLY A 184 -24.35 -46.20 39.99
CA GLY A 184 -24.20 -44.98 40.74
C GLY A 184 -22.89 -45.00 41.53
N GLU A 185 -22.58 -46.14 42.14
CA GLU A 185 -21.30 -46.31 42.85
C GLU A 185 -20.06 -46.17 41.95
N LEU A 186 -20.10 -46.79 40.77
CA LEU A 186 -19.00 -46.67 39.82
C LEU A 186 -18.79 -45.19 39.39
N PHE A 187 -19.88 -44.52 39.06
CA PHE A 187 -19.77 -43.11 38.73
C PHE A 187 -19.14 -42.33 39.88
N TRP A 188 -19.71 -42.47 41.08
CA TRP A 188 -19.23 -41.71 42.22
C TRP A 188 -17.74 -41.98 42.46
N ALA A 189 -17.32 -43.24 42.31
CA ALA A 189 -15.94 -43.63 42.55
C ALA A 189 -15.01 -42.94 41.58
N HIS A 190 -15.51 -42.63 40.38
CA HIS A 190 -14.68 -41.89 39.43
C HIS A 190 -14.55 -40.38 39.68
N THR A 191 -15.25 -39.87 40.66
CA THR A 191 -15.15 -38.45 40.93
C THR A 191 -14.11 -38.19 42.05
N GLY A 192 -12.90 -38.72 41.89
CA GLY A 192 -11.85 -38.53 42.88
C GLY A 192 -11.18 -39.79 43.43
N GLY A 193 -11.67 -40.96 43.04
CA GLY A 193 -11.05 -42.21 43.46
C GLY A 193 -9.63 -42.43 42.92
N GLY A 194 -9.26 -41.71 41.86
CA GLY A 194 -7.93 -41.84 41.29
C GLY A 194 -7.83 -42.90 40.21
N GLY A 195 -6.92 -42.67 39.26
CA GLY A 195 -6.73 -43.61 38.17
C GLY A 195 -6.13 -44.91 38.62
N GLY A 196 -6.24 -45.91 37.76
CA GLY A 196 -5.63 -47.22 37.98
C GLY A 196 -6.36 -48.12 38.96
N ASN A 197 -7.64 -47.83 39.24
CA ASN A 197 -8.37 -48.53 40.29
C ASN A 197 -9.54 -49.41 39.83
N PHE A 198 -10.37 -48.89 38.93
CA PHE A 198 -11.63 -49.58 38.63
C PHE A 198 -11.73 -50.17 37.24
N GLY A 199 -10.89 -49.71 36.33
CA GLY A 199 -10.93 -50.21 34.98
C GLY A 199 -10.37 -49.12 34.09
N VAL A 200 -10.43 -49.32 32.78
CA VAL A 200 -9.85 -48.36 31.85
C VAL A 200 -10.93 -47.41 31.35
N VAL A 201 -10.89 -46.17 31.78
CA VAL A 201 -11.85 -45.20 31.29
C VAL A 201 -11.52 -44.92 29.84
N THR A 202 -12.53 -45.00 28.97
CA THR A 202 -12.32 -44.69 27.57
C THR A 202 -12.85 -43.30 27.26
N ALA A 203 -13.82 -42.84 28.06
CA ALA A 203 -14.29 -41.46 27.85
C ALA A 203 -15.03 -40.84 29.03
N TYR A 204 -15.02 -39.52 29.09
CA TYR A 204 -15.79 -38.79 30.09
C TYR A 204 -16.81 -37.91 29.39
N GLU A 205 -17.96 -37.69 30.01
CA GLU A 205 -18.93 -36.69 29.55
C GLU A 205 -19.11 -35.63 30.63
N PHE A 206 -19.08 -34.38 30.18
CA PHE A 206 -19.15 -33.23 31.06
C PHE A 206 -20.42 -32.44 30.79
N ARG A 207 -21.08 -32.06 31.88
CA ARG A 207 -22.27 -31.21 31.84
C ARG A 207 -22.24 -30.48 33.17
N SER A 208 -22.21 -29.16 33.13
CA SER A 208 -22.05 -28.37 34.36
C SER A 208 -23.31 -28.26 35.20
N PRO A 209 -23.14 -27.95 36.49
CA PRO A 209 -24.25 -27.66 37.40
C PRO A 209 -25.09 -26.54 36.80
N GLU A 210 -26.36 -26.47 37.14
CA GLU A 210 -27.20 -25.52 36.48
C GLU A 210 -26.69 -24.10 36.55
N HIS A 211 -26.19 -23.72 37.69
CA HIS A 211 -25.81 -22.32 37.91
C HIS A 211 -24.52 -21.89 37.21
N LEU A 212 -23.80 -22.86 36.65
CA LEU A 212 -22.57 -22.57 35.91
C LEU A 212 -22.75 -22.75 34.39
N ALA A 213 -23.75 -23.53 34.01
CA ALA A 213 -23.99 -23.88 32.61
C ALA A 213 -24.47 -22.70 31.77
N THR A 214 -24.08 -22.71 30.49
CA THR A 214 -24.58 -21.76 29.50
C THR A 214 -24.74 -22.50 28.15
N GLU A 215 -25.46 -21.88 27.22
CA GLU A 215 -25.55 -22.43 25.88
C GLU A 215 -24.17 -22.37 25.24
N PRO A 216 -23.94 -23.17 24.18
CA PRO A 216 -24.92 -24.08 23.58
C PRO A 216 -24.79 -25.53 24.08
N VAL A 217 -23.73 -25.83 24.82
CA VAL A 217 -23.45 -27.23 25.17
C VAL A 217 -23.54 -27.53 26.66
N GLY A 218 -24.01 -26.56 27.45
CA GLY A 218 -24.21 -26.78 28.88
C GLY A 218 -22.91 -26.75 29.69
N LEU A 219 -21.92 -26.04 29.18
CA LEU A 219 -20.67 -25.80 29.91
C LEU A 219 -20.58 -24.33 30.28
N PRO A 220 -19.58 -23.96 31.11
CA PRO A 220 -19.41 -22.56 31.50
C PRO A 220 -18.84 -21.72 30.36
N ARG A 221 -19.07 -20.43 30.40
CA ARG A 221 -18.53 -19.52 29.38
C ARG A 221 -17.08 -19.18 29.73
N ALA A 222 -16.18 -19.21 28.73
CA ALA A 222 -14.82 -18.72 28.95
C ALA A 222 -14.85 -17.20 29.05
N ALA A 223 -14.09 -16.66 30.01
CA ALA A 223 -14.01 -15.21 30.16
C ALA A 223 -13.52 -14.53 28.87
N GLY A 224 -14.03 -13.33 28.61
CA GLY A 224 -13.58 -12.54 27.47
C GLY A 224 -12.10 -12.22 27.59
N ARG A 225 -11.68 -11.77 28.78
CA ARG A 225 -10.31 -11.34 28.99
C ARG A 225 -9.82 -11.72 30.37
N LEU A 226 -8.52 -11.94 30.49
CA LEU A 226 -7.88 -12.22 31.76
C LEU A 226 -6.83 -11.17 32.02
N HIS A 227 -6.81 -10.64 33.25
CA HIS A 227 -5.63 -9.95 33.76
C HIS A 227 -4.66 -11.03 34.14
N VAL A 228 -3.45 -10.96 33.62
CA VAL A 228 -2.40 -11.92 33.96
C VAL A 228 -1.18 -11.15 34.40
N GLN A 229 -0.54 -11.62 35.45
CA GLN A 229 0.62 -10.92 35.98
C GLN A 229 1.62 -11.87 36.61
N LYS A 230 2.90 -11.68 36.33
CA LYS A 230 3.96 -12.43 36.97
C LYS A 230 4.87 -11.44 37.68
N VAL A 231 5.21 -11.71 38.93
CA VAL A 231 6.03 -10.78 39.70
C VAL A 231 7.22 -11.52 40.25
N VAL A 232 8.42 -10.99 40.00
CA VAL A 232 9.64 -11.63 40.46
C VAL A 232 10.19 -10.87 41.66
N PHE A 233 10.45 -11.60 42.76
CA PHE A 233 11.04 -11.01 43.95
C PHE A 233 12.43 -11.61 44.14
N PRO A 234 13.47 -10.77 44.11
CA PRO A 234 14.84 -11.26 44.31
C PRO A 234 15.04 -11.71 45.76
N TRP A 235 15.62 -12.89 45.96
CA TRP A 235 15.87 -13.41 47.29
C TRP A 235 16.75 -12.44 48.06
N ALA A 236 17.63 -11.76 47.33
CA ALA A 236 18.61 -10.87 47.93
C ALA A 236 17.95 -9.75 48.76
N MET A 237 16.69 -9.44 48.43
CA MET A 237 15.96 -8.39 49.14
C MET A 237 15.09 -8.94 50.29
N ILE A 238 15.13 -10.25 50.48
CA ILE A 238 14.26 -10.87 51.46
C ILE A 238 15.02 -11.53 52.63
N ASP A 239 14.77 -11.05 53.84
CA ASP A 239 15.30 -11.70 55.04
C ASP A 239 14.23 -12.59 55.67
N GLU A 240 14.59 -13.36 56.69
CA GLU A 240 13.67 -14.32 57.28
C GLU A 240 12.33 -13.67 57.65
N THR A 241 12.42 -12.54 58.35
CA THR A 241 11.24 -11.85 58.87
C THR A 241 10.26 -11.43 57.78
N SER A 242 10.75 -10.76 56.75
CA SER A 242 9.90 -10.32 55.66
C SER A 242 9.37 -11.52 54.83
N PHE A 243 10.15 -12.59 54.75
CA PHE A 243 9.67 -13.83 54.12
C PHE A 243 8.46 -14.38 54.87
N VAL A 244 8.58 -14.45 56.19
CA VAL A 244 7.49 -14.92 57.02
C VAL A 244 6.27 -14.00 56.87
N THR A 245 6.51 -12.69 56.81
CA THR A 245 5.41 -11.75 56.65
C THR A 245 4.65 -11.94 55.32
N VAL A 246 5.41 -12.02 54.22
CA VAL A 246 4.81 -12.24 52.90
C VAL A 246 3.99 -13.52 52.85
N MET A 247 4.58 -14.62 53.32
CA MET A 247 3.84 -15.90 53.34
C MET A 247 2.57 -15.83 54.18
N ARG A 248 2.69 -15.22 55.37
CA ARG A 248 1.55 -15.11 56.28
C ARG A 248 0.43 -14.32 55.60
N ARG A 249 0.77 -13.20 55.00
CA ARG A 249 -0.24 -12.42 54.30
C ARG A 249 -0.90 -13.19 53.15
N PHE A 250 -0.11 -13.95 52.40
CA PHE A 250 -0.65 -14.75 51.32
C PHE A 250 -1.73 -15.68 51.86
N PHE A 251 -1.35 -16.44 52.88
CA PHE A 251 -2.31 -17.35 53.52
C PHE A 251 -3.53 -16.62 54.11
N GLU A 252 -3.33 -15.48 54.75
CA GLU A 252 -4.42 -14.81 55.45
C GLU A 252 -5.40 -14.24 54.46
N TRP A 253 -4.87 -13.69 53.37
CA TRP A 253 -5.73 -13.24 52.30
C TRP A 253 -6.59 -14.42 51.87
N HIS A 254 -5.99 -15.60 51.71
CA HIS A 254 -6.86 -16.74 51.36
C HIS A 254 -7.86 -17.16 52.46
N GLU A 255 -7.49 -17.00 53.71
CA GLU A 255 -8.41 -17.26 54.82
C GLU A 255 -9.65 -16.38 54.70
N ARG A 256 -9.46 -15.11 54.33
CA ARG A 256 -10.62 -14.19 54.28
C ARG A 256 -11.46 -14.29 53.01
N HIS A 257 -10.82 -14.59 51.87
CA HIS A 257 -11.48 -14.44 50.58
C HIS A 257 -11.60 -15.75 49.79
N SER A 258 -12.15 -16.78 50.40
CA SER A 258 -12.27 -18.05 49.70
C SER A 258 -13.67 -18.65 49.81
N GLU A 259 -14.66 -17.81 50.14
CA GLU A 259 -16.04 -18.24 50.11
C GLU A 259 -16.53 -18.36 48.67
N PRO A 260 -17.41 -19.33 48.40
CA PRO A 260 -18.03 -19.49 47.08
C PRO A 260 -18.84 -18.26 46.71
N GLY A 261 -18.64 -17.74 45.51
CA GLY A 261 -19.43 -16.63 45.01
C GLY A 261 -18.90 -15.23 45.29
N SER A 262 -17.90 -15.11 46.16
CA SER A 262 -17.32 -13.81 46.46
C SER A 262 -16.62 -13.23 45.22
N PRO A 263 -16.45 -11.90 45.20
CA PRO A 263 -15.76 -11.23 44.09
C PRO A 263 -14.32 -11.76 43.92
N GLU A 264 -13.64 -11.95 45.05
CA GLU A 264 -12.26 -12.39 45.06
C GLU A 264 -12.08 -13.79 44.47
N SER A 265 -13.18 -14.51 44.30
CA SER A 265 -13.10 -15.86 43.76
C SER A 265 -12.79 -15.80 42.26
N SER A 266 -12.80 -14.61 41.68
CA SER A 266 -12.38 -14.46 40.28
C SER A 266 -10.85 -14.38 40.16
N LEU A 267 -10.16 -14.36 41.30
CA LEU A 267 -8.71 -14.25 41.33
C LEU A 267 -8.07 -15.59 41.69
N PHE A 268 -6.96 -15.90 41.03
CA PHE A 268 -6.22 -17.12 41.36
C PHE A 268 -4.71 -16.88 41.33
N ALA A 269 -4.04 -17.23 42.42
CA ALA A 269 -2.59 -17.03 42.52
C ALA A 269 -1.79 -18.32 42.68
N THR A 270 -0.61 -18.33 42.08
CA THR A 270 0.36 -19.40 42.21
C THR A 270 1.66 -18.79 42.70
N PHE A 271 2.09 -19.15 43.90
CA PHE A 271 3.33 -18.62 44.43
C PHE A 271 4.43 -19.68 44.39
N PHE A 272 5.40 -19.51 43.50
CA PHE A 272 6.58 -20.37 43.48
C PHE A 272 7.60 -19.85 44.47
N VAL A 273 7.70 -20.53 45.61
CA VAL A 273 8.68 -20.20 46.63
C VAL A 273 9.88 -21.08 46.38
N ASN A 274 10.81 -20.53 45.59
CA ASN A 274 11.96 -21.28 45.11
C ASN A 274 13.07 -21.38 46.13
N HIS A 275 13.83 -22.47 46.06
CA HIS A 275 15.05 -22.58 46.83
C HIS A 275 15.97 -21.42 46.44
N VAL A 276 16.79 -20.97 47.37
CA VAL A 276 17.57 -19.75 47.15
C VAL A 276 18.48 -19.81 45.92
N SER A 277 18.89 -21.00 45.52
CA SER A 277 19.79 -21.12 44.37
C SER A 277 19.15 -20.64 43.05
N SER A 278 17.83 -20.45 43.06
CA SER A 278 17.11 -19.93 41.89
C SER A 278 17.16 -18.41 41.83
N GLY A 279 17.56 -17.79 42.94
CA GLY A 279 17.69 -16.34 42.99
C GLY A 279 16.41 -15.55 43.19
N VAL A 280 15.26 -16.19 42.96
CA VAL A 280 14.00 -15.46 43.00
C VAL A 280 12.84 -16.26 43.56
N LEU A 281 11.85 -15.56 44.09
CA LEU A 281 10.51 -16.10 44.31
C LEU A 281 9.68 -15.56 43.16
N GLN A 282 8.69 -16.32 42.70
CA GLN A 282 7.89 -15.85 41.58
C GLN A 282 6.39 -16.00 41.83
N LEU A 283 5.66 -14.90 41.79
CA LEU A 283 4.22 -14.89 42.04
C LEU A 283 3.45 -14.74 40.73
N MET A 284 2.56 -15.67 40.43
CA MET A 284 1.73 -15.55 39.23
C MET A 284 0.28 -15.32 39.68
N VAL A 285 -0.40 -14.37 39.06
CA VAL A 285 -1.77 -14.08 39.44
C VAL A 285 -2.61 -13.84 38.21
N GLN A 286 -3.79 -14.43 38.17
CA GLN A 286 -4.73 -14.06 37.11
C GLN A 286 -6.11 -13.72 37.67
N GLN A 287 -6.82 -12.83 36.97
CA GLN A 287 -8.16 -12.47 37.36
C GLN A 287 -9.05 -12.32 36.14
N ASP A 288 -10.25 -12.87 36.25
CA ASP A 288 -11.28 -12.69 35.25
C ASP A 288 -11.55 -11.19 35.05
N ALA A 289 -11.33 -10.70 33.83
CA ALA A 289 -11.49 -9.29 33.51
C ALA A 289 -12.94 -8.86 33.24
N ASP A 290 -13.83 -9.83 33.02
CA ASP A 290 -15.26 -9.55 32.86
C ASP A 290 -15.86 -9.11 34.19
N VAL A 291 -15.46 -9.82 35.25
CA VAL A 291 -15.90 -9.53 36.61
C VAL A 291 -15.34 -8.21 37.12
N ASP A 292 -14.05 -7.97 36.83
CA ASP A 292 -13.32 -6.81 37.34
C ASP A 292 -12.47 -6.18 36.22
N PRO A 293 -13.08 -5.28 35.42
CA PRO A 293 -12.45 -4.71 34.22
C PRO A 293 -11.13 -3.99 34.46
N GLU A 294 -10.91 -3.43 35.62
CA GLU A 294 -9.67 -2.73 35.81
C GLU A 294 -8.64 -3.54 36.58
N GLY A 295 -9.03 -4.70 37.11
CA GLY A 295 -8.15 -5.59 37.83
C GLY A 295 -7.74 -5.03 39.18
N GLU A 296 -8.70 -4.40 39.85
CA GLU A 296 -8.47 -3.77 41.15
C GLU A 296 -8.11 -4.80 42.21
N ILE A 297 -8.88 -5.88 42.23
CA ILE A 297 -8.64 -6.93 43.22
C ILE A 297 -7.23 -7.47 43.07
N LEU A 298 -6.82 -7.72 41.83
CA LEU A 298 -5.47 -8.21 41.55
C LEU A 298 -4.41 -7.24 42.07
N ALA A 299 -4.55 -5.96 41.71
CA ALA A 299 -3.60 -4.94 42.12
C ALA A 299 -3.50 -4.83 43.63
N ARG A 300 -4.63 -4.83 44.33
CA ARG A 300 -4.64 -4.76 45.80
C ARG A 300 -4.01 -5.98 46.46
N PHE A 301 -4.31 -7.18 45.94
CA PHE A 301 -3.72 -8.41 46.46
C PHE A 301 -2.20 -8.35 46.38
N VAL A 302 -1.72 -8.03 45.17
CA VAL A 302 -0.28 -7.98 44.94
C VAL A 302 0.39 -6.95 45.83
N ALA A 303 -0.21 -5.76 45.92
CA ALA A 303 0.39 -4.68 46.69
C ALA A 303 0.41 -5.04 48.17
N SER A 304 -0.68 -5.63 48.63
CA SER A 304 -0.83 -5.97 50.04
C SER A 304 0.19 -7.01 50.48
N LEU A 305 0.60 -7.87 49.56
CA LEU A 305 1.60 -8.88 49.97
C LEU A 305 2.87 -8.27 50.55
N THR A 306 3.37 -7.18 49.97
CA THR A 306 4.68 -6.67 50.35
C THR A 306 4.72 -5.25 50.95
N GLU A 307 3.58 -4.69 51.25
CA GLU A 307 3.49 -3.29 51.66
C GLU A 307 4.52 -2.90 52.70
N GLY A 308 4.45 -3.52 53.84
CA GLY A 308 5.20 -3.08 55.00
C GLY A 308 6.69 -3.32 54.89
N THR A 309 7.09 -4.18 53.96
CA THR A 309 8.45 -4.68 53.90
C THR A 309 9.33 -3.83 52.99
N GLY A 310 10.58 -4.24 52.86
CA GLY A 310 11.49 -3.56 51.94
C GLY A 310 11.48 -4.23 50.58
N VAL A 311 10.67 -5.27 50.46
CA VAL A 311 10.63 -6.09 49.25
C VAL A 311 9.90 -5.41 48.08
N VAL A 312 10.59 -5.34 46.95
CA VAL A 312 10.01 -4.75 45.75
C VAL A 312 10.09 -5.74 44.60
N GLY A 313 8.93 -6.04 44.02
CA GLY A 313 8.84 -6.97 42.92
C GLY A 313 8.92 -6.33 41.54
N ILE A 314 9.41 -7.11 40.57
CA ILE A 314 9.38 -6.69 39.18
C ILE A 314 8.24 -7.40 38.45
N PRO A 315 7.20 -6.64 38.09
CA PRO A 315 5.99 -7.20 37.48
C PRO A 315 6.03 -7.17 35.95
N ARG A 316 5.34 -8.13 35.34
CA ARG A 316 5.13 -8.13 33.90
C ARG A 316 3.79 -8.81 33.62
N GLY A 317 3.20 -8.50 32.47
CA GLY A 317 1.91 -9.06 32.11
C GLY A 317 0.98 -8.04 31.47
N GLY A 318 -0.33 -8.25 31.61
CA GLY A 318 -1.30 -7.33 31.03
C GLY A 318 -2.69 -7.95 30.95
N VAL A 319 -3.47 -7.50 29.99
CA VAL A 319 -4.80 -8.07 29.78
C VAL A 319 -4.80 -8.81 28.46
N MET A 320 -5.14 -10.10 28.50
CA MET A 320 -5.08 -10.92 27.31
C MET A 320 -6.38 -11.64 27.06
N SER A 321 -6.57 -12.12 25.84
CA SER A 321 -7.73 -12.91 25.49
C SER A 321 -7.59 -14.24 26.20
N TRP A 322 -8.66 -15.04 26.21
CA TRP A 322 -8.66 -16.21 27.08
C TRP A 322 -7.58 -17.25 26.74
N LEU A 323 -7.53 -17.72 25.51
CA LEU A 323 -6.61 -18.77 25.11
C LEU A 323 -5.15 -18.34 25.29
N THR A 324 -4.87 -17.11 24.86
CA THR A 324 -3.52 -16.56 24.97
C THR A 324 -3.11 -16.36 26.45
N GLY A 325 -3.99 -15.76 27.24
CA GLY A 325 -3.70 -15.55 28.65
C GLY A 325 -3.45 -16.87 29.36
N THR A 326 -4.30 -17.85 29.05
CA THR A 326 -4.22 -19.13 29.72
C THR A 326 -2.87 -19.77 29.37
N ARG A 327 -2.43 -19.69 28.12
CA ARG A 327 -1.17 -20.26 27.72
C ARG A 327 0.04 -19.52 28.25
N TYR A 328 -0.12 -18.24 28.44
CA TYR A 328 0.89 -17.41 29.07
C TYR A 328 1.16 -17.85 30.53
N MET A 329 0.10 -18.25 31.23
CA MET A 329 0.18 -18.69 32.63
C MET A 329 0.57 -20.17 32.78
N SER A 330 0.40 -20.94 31.70
CA SER A 330 0.53 -22.40 31.73
C SER A 330 1.93 -22.96 31.53
N GLN A 331 2.07 -24.25 31.86
CA GLN A 331 3.29 -25.03 31.61
C GLN A 331 3.05 -26.06 30.49
N ALA A 332 3.80 -25.97 29.39
CA ALA A 332 3.68 -26.95 28.31
C ALA A 332 4.79 -28.01 28.31
N ASP A 333 4.65 -29.02 27.44
CA ASP A 333 5.64 -30.08 27.30
C ASP A 333 6.87 -29.65 26.45
N CYS A 334 7.65 -28.72 27.02
CA CYS A 334 8.85 -28.20 26.36
C CYS A 334 9.87 -27.75 27.41
N GLY A 335 11.13 -27.65 26.98
CA GLY A 335 12.20 -27.14 27.82
C GLY A 335 12.58 -28.05 28.98
N ASP A 336 12.98 -27.45 30.10
CA ASP A 336 13.63 -28.15 31.22
C ASP A 336 12.74 -29.06 32.08
N VAL A 337 11.42 -29.03 31.86
CA VAL A 337 10.51 -29.94 32.54
C VAL A 337 10.45 -31.33 31.87
N MET A 338 11.13 -31.44 30.73
CA MET A 338 11.13 -32.69 29.95
C MET A 338 12.33 -33.56 30.29
N GLY A 339 12.10 -34.88 30.36
CA GLY A 339 13.15 -35.85 30.66
C GLY A 339 13.69 -35.88 32.09
N ALA A 340 13.06 -35.16 33.00
CA ALA A 340 13.61 -34.98 34.33
C ALA A 340 13.10 -36.05 35.32
N ARG A 341 13.88 -36.27 36.35
CA ARG A 341 13.45 -37.08 37.47
C ARG A 341 12.82 -36.13 38.47
N SER A 342 11.70 -36.51 39.06
CA SER A 342 11.10 -35.62 40.04
C SER A 342 10.45 -36.31 41.22
N ALA A 343 10.21 -35.54 42.28
CA ALA A 343 9.45 -36.02 43.42
C ALA A 343 8.58 -34.87 43.93
N SER A 344 7.41 -35.20 44.42
CA SER A 344 6.51 -34.17 44.88
C SER A 344 5.68 -34.68 46.05
N LYS A 345 5.32 -33.77 46.95
CA LYS A 345 4.40 -34.06 48.02
C LYS A 345 3.31 -33.00 48.03
N SER A 346 2.23 -33.25 48.75
CA SER A 346 1.10 -32.32 48.69
C SER A 346 0.56 -32.02 50.07
N ALA A 347 -0.11 -30.88 50.21
CA ALA A 347 -0.85 -30.60 51.43
C ALA A 347 -2.03 -29.69 51.13
N TYR A 348 -3.15 -29.95 51.78
CA TYR A 348 -4.28 -29.03 51.79
C TYR A 348 -4.20 -28.18 53.06
N HIS A 349 -4.30 -26.87 52.92
CA HIS A 349 -4.35 -25.96 54.08
C HIS A 349 -5.73 -25.31 54.23
N ARG A 350 -6.25 -25.47 55.44
CA ARG A 350 -7.52 -24.89 55.89
C ARG A 350 -7.27 -23.56 56.57
N ALA A 351 -6.06 -23.36 57.07
CA ALA A 351 -5.68 -22.10 57.71
C ALA A 351 -4.19 -21.86 57.52
N ALA A 352 -3.74 -20.67 57.88
CA ALA A 352 -2.33 -20.31 57.74
C ALA A 352 -1.42 -21.21 58.60
N PRO A 353 -0.24 -21.52 58.07
CA PRO A 353 0.79 -22.17 58.89
C PRO A 353 1.20 -21.21 59.99
N THR A 354 1.75 -21.74 61.09
CA THR A 354 2.35 -20.91 62.12
C THR A 354 3.60 -20.23 61.58
N ASP A 355 4.05 -19.19 62.24
CA ASP A 355 5.25 -18.53 61.81
C ASP A 355 6.46 -19.37 62.01
N GLU A 356 6.40 -20.29 62.92
CA GLU A 356 7.51 -21.17 63.18
C GLU A 356 7.69 -22.22 62.09
N GLN A 357 6.58 -22.70 61.55
CA GLN A 357 6.57 -23.49 60.32
C GLN A 357 7.19 -22.69 59.15
N LEU A 358 6.76 -21.45 58.99
CA LEU A 358 7.30 -20.60 57.91
C LEU A 358 8.82 -20.37 58.04
N SER A 359 9.32 -20.34 59.28
CA SER A 359 10.74 -20.19 59.51
C SER A 359 11.48 -21.46 59.09
N VAL A 360 10.91 -22.60 59.46
CA VAL A 360 11.44 -23.88 59.01
C VAL A 360 11.57 -23.89 57.47
N LEU A 361 10.49 -23.51 56.80
CA LEU A 361 10.50 -23.40 55.34
C LEU A 361 11.65 -22.52 54.85
N HIS A 362 11.76 -21.32 55.38
CA HIS A 362 12.86 -20.41 55.02
C HIS A 362 14.23 -21.09 55.13
N ARG A 363 14.51 -21.68 56.28
CA ARG A 363 15.77 -22.32 56.50
C ARG A 363 16.06 -23.43 55.55
N HIS A 364 15.09 -24.28 55.23
CA HIS A 364 15.33 -25.31 54.22
C HIS A 364 15.53 -24.73 52.82
N LEU A 365 14.88 -23.60 52.55
CA LEU A 365 15.06 -22.96 51.25
C LEU A 365 16.46 -22.34 51.13
N HIS A 366 17.15 -22.16 52.26
CA HIS A 366 18.51 -21.66 52.20
C HIS A 366 19.64 -22.68 52.38
N ALA A 367 19.27 -23.91 52.58
CA ALA A 367 20.21 -24.95 52.79
C ALA A 367 20.98 -25.09 51.52
N ASP A 368 22.18 -25.62 51.66
CA ASP A 368 23.08 -25.76 50.58
C ASP A 368 22.69 -26.99 49.82
N HIS A 369 22.16 -26.81 48.64
CA HIS A 369 21.52 -27.87 47.94
C HIS A 369 21.45 -27.37 46.52
N PRO A 370 21.53 -28.25 45.55
CA PRO A 370 21.34 -27.84 44.15
C PRO A 370 19.84 -27.78 43.79
N GLY A 371 19.22 -26.62 43.97
CA GLY A 371 17.78 -26.52 43.91
C GLY A 371 17.26 -25.57 42.85
N GLN A 372 17.92 -25.56 41.71
CA GLN A 372 17.49 -24.72 40.60
C GLN A 372 16.10 -25.12 40.08
N ALA A 373 15.63 -26.29 40.49
CA ALA A 373 14.28 -26.73 40.20
C ALA A 373 13.70 -27.38 41.45
N SER A 374 13.96 -26.76 42.60
CA SER A 374 13.41 -27.21 43.88
C SER A 374 12.61 -26.08 44.48
N TYR A 375 11.35 -26.33 44.81
CA TYR A 375 10.52 -25.24 45.31
C TYR A 375 9.29 -25.75 46.02
N VAL A 376 8.54 -24.83 46.62
CA VAL A 376 7.21 -25.13 47.13
C VAL A 376 6.22 -24.19 46.46
N MET A 377 5.26 -24.74 45.78
CA MET A 377 4.27 -24.00 45.09
C MET A 377 2.99 -23.88 45.94
N PHE A 378 2.57 -22.67 46.26
CA PHE A 378 1.29 -22.47 46.95
C PHE A 378 0.23 -21.91 45.99
N ASN A 379 -0.90 -22.62 45.86
CA ASN A 379 -1.97 -22.20 44.95
C ASN A 379 -3.24 -21.81 45.70
N SER A 380 -3.87 -20.72 45.27
CA SER A 380 -5.19 -20.38 45.75
C SER A 380 -6.10 -21.61 45.62
N TYR A 381 -6.97 -21.80 46.60
CA TYR A 381 -7.91 -22.91 46.57
C TYR A 381 -9.25 -22.41 47.09
N GLY A 382 -10.22 -23.31 47.27
CA GLY A 382 -11.50 -22.90 47.81
C GLY A 382 -12.44 -22.28 46.80
N GLY A 383 -13.15 -21.22 47.20
CA GLY A 383 -14.16 -20.63 46.35
C GLY A 383 -15.19 -21.68 45.97
N GLU A 384 -15.53 -21.76 44.69
CA GLU A 384 -16.57 -22.67 44.21
C GLU A 384 -16.34 -24.12 44.65
N ILE A 385 -15.08 -24.50 44.75
CA ILE A 385 -14.73 -25.84 45.19
C ILE A 385 -15.44 -26.20 46.50
N ASN A 386 -15.54 -25.23 47.41
CA ASN A 386 -16.07 -25.50 48.75
C ASN A 386 -17.58 -25.42 48.83
N ARG A 387 -18.25 -25.32 47.69
CA ARG A 387 -19.71 -25.32 47.69
C ARG A 387 -20.27 -26.71 48.03
N ARG A 388 -19.63 -27.76 47.55
CA ARG A 388 -20.12 -29.12 47.76
C ARG A 388 -19.73 -29.69 49.13
N GLY A 389 -20.42 -30.75 49.54
CA GLY A 389 -20.14 -31.44 50.80
C GLY A 389 -19.11 -32.53 50.59
N PRO A 390 -18.37 -32.90 51.65
CA PRO A 390 -17.29 -33.88 51.52
C PRO A 390 -17.71 -35.23 50.93
N SER A 391 -18.97 -35.64 51.09
CA SER A 391 -19.39 -36.96 50.64
C SER A 391 -19.99 -36.95 49.24
N ASP A 392 -20.15 -35.76 48.65
CA ASP A 392 -20.79 -35.61 47.32
C ASP A 392 -19.96 -36.19 46.17
N ALA A 393 -18.64 -36.11 46.30
CA ALA A 393 -17.74 -36.78 45.37
C ALA A 393 -16.74 -37.57 46.18
N ALA A 394 -15.93 -38.35 45.50
CA ALA A 394 -14.92 -39.11 46.20
C ALA A 394 -13.88 -38.19 46.83
N VAL A 395 -13.69 -36.99 46.29
CA VAL A 395 -12.80 -36.00 46.88
C VAL A 395 -13.43 -35.42 48.14
N PRO A 396 -12.76 -35.54 49.29
CA PRO A 396 -13.29 -35.16 50.61
C PRO A 396 -12.99 -33.72 51.06
N GLN A 397 -11.92 -33.11 50.55
CA GLN A 397 -11.49 -31.80 51.03
C GLN A 397 -12.34 -30.67 50.44
N ARG A 398 -13.27 -30.18 51.24
CA ARG A 398 -14.20 -29.17 50.73
C ARG A 398 -14.21 -27.92 51.57
N ASP A 399 -13.12 -27.63 52.28
CA ASP A 399 -13.05 -26.38 53.05
C ASP A 399 -11.63 -25.84 53.19
N SER A 400 -10.73 -26.27 52.33
CA SER A 400 -9.38 -25.73 52.32
C SER A 400 -9.33 -24.43 51.53
N VAL A 401 -8.31 -23.62 51.79
CA VAL A 401 -8.21 -22.33 51.14
C VAL A 401 -6.91 -22.17 50.37
N VAL A 402 -5.93 -22.97 50.71
CA VAL A 402 -4.69 -22.99 49.90
C VAL A 402 -4.25 -24.43 49.69
N LYS A 403 -3.63 -24.72 48.56
CA LYS A 403 -3.15 -26.02 48.19
C LYS A 403 -1.68 -25.98 47.89
N SER A 404 -0.86 -26.79 48.53
CA SER A 404 0.58 -26.73 48.29
C SER A 404 1.17 -27.99 47.63
N SER A 405 2.14 -27.75 46.75
CA SER A 405 2.91 -28.79 46.09
C SER A 405 4.39 -28.61 46.43
N TRP A 406 5.01 -29.63 46.99
CA TRP A 406 6.39 -29.59 47.46
C TRP A 406 7.25 -30.38 46.49
N PHE A 407 8.15 -29.70 45.78
CA PHE A 407 8.63 -30.25 44.53
C PHE A 407 10.14 -30.22 44.35
N SER A 408 10.68 -31.28 43.80
CA SER A 408 12.07 -31.25 43.35
C SER A 408 12.26 -32.05 42.07
N ALA A 409 13.02 -31.48 41.15
CA ALA A 409 13.32 -32.13 39.90
C ALA A 409 14.83 -32.06 39.67
N TRP A 410 15.37 -33.06 38.99
CA TRP A 410 16.82 -33.16 38.76
C TRP A 410 17.07 -34.15 37.62
N GLN A 411 18.33 -34.31 37.23
CA GLN A 411 18.66 -35.10 36.04
C GLN A 411 19.28 -36.46 36.27
N ASP A 412 20.22 -36.55 37.21
CA ASP A 412 21.01 -37.78 37.35
C ASP A 412 20.45 -38.71 38.41
N ALA A 413 20.32 -39.99 38.05
CA ALA A 413 19.83 -41.01 38.99
C ALA A 413 20.66 -41.05 40.28
N GLU A 414 21.97 -40.88 40.13
CA GLU A 414 22.91 -40.89 41.25
C GLU A 414 22.57 -39.84 42.33
N LEU A 415 21.73 -38.86 41.98
CA LEU A 415 21.35 -37.82 42.93
C LEU A 415 19.96 -38.01 43.56
N ASP A 416 19.28 -39.11 43.24
CA ASP A 416 17.93 -39.36 43.80
C ASP A 416 17.90 -39.15 45.31
N GLU A 417 18.77 -39.88 46.01
CA GLU A 417 18.80 -39.83 47.47
C GLU A 417 19.01 -38.40 47.97
N LEU A 418 19.85 -37.64 47.28
CA LEU A 418 20.09 -36.27 47.71
C LEU A 418 18.77 -35.50 47.66
N HIS A 419 18.09 -35.55 46.50
CA HIS A 419 16.89 -34.72 46.35
C HIS A 419 15.73 -35.21 47.22
N LEU A 420 15.48 -36.51 47.24
CA LEU A 420 14.46 -37.04 48.15
C LEU A 420 14.80 -36.57 49.57
N GLY A 421 16.10 -36.62 49.88
CA GLY A 421 16.56 -36.25 51.19
C GLY A 421 16.07 -34.86 51.54
N TRP A 422 16.23 -33.94 50.60
CA TRP A 422 15.93 -32.55 50.88
C TRP A 422 14.41 -32.42 51.02
N LEU A 423 13.68 -33.04 50.10
CA LEU A 423 12.23 -32.89 50.11
C LEU A 423 11.67 -33.41 51.43
N ARG A 424 12.05 -34.63 51.77
CA ARG A 424 11.57 -35.26 53.00
C ARG A 424 11.94 -34.37 54.19
N GLY A 425 13.19 -33.90 54.18
CA GLY A 425 13.71 -33.13 55.30
C GLY A 425 12.80 -31.95 55.55
N LEU A 426 12.38 -31.28 54.48
CA LEU A 426 11.61 -30.04 54.62
C LEU A 426 10.18 -30.40 55.05
N TYR A 427 9.52 -31.27 54.35
CA TYR A 427 8.13 -31.61 54.58
C TYR A 427 7.94 -32.18 55.97
N GLU A 428 8.74 -33.14 56.32
CA GLU A 428 8.61 -33.74 57.60
C GLU A 428 8.93 -32.77 58.71
N GLU A 429 9.76 -31.75 58.48
CA GLU A 429 10.03 -30.83 59.58
C GLU A 429 8.92 -29.78 59.66
N PHE A 430 8.40 -29.38 58.51
CA PHE A 430 7.38 -28.35 58.44
C PHE A 430 6.14 -28.85 59.19
N PHE A 431 5.85 -30.14 59.03
CA PHE A 431 4.68 -30.75 59.68
C PHE A 431 5.05 -31.61 60.89
N ALA A 432 6.19 -31.31 61.52
CA ALA A 432 6.69 -32.13 62.62
C ALA A 432 5.68 -32.18 63.76
N GLY A 433 4.95 -31.07 63.95
CA GLY A 433 3.94 -30.99 64.98
C GLY A 433 2.89 -32.08 64.88
N THR A 434 2.65 -32.56 63.67
CA THR A 434 1.63 -33.60 63.46
C THR A 434 2.20 -34.84 62.76
N GLY A 435 3.32 -35.34 63.28
CA GLY A 435 3.89 -36.59 62.80
C GLY A 435 4.54 -36.52 61.42
N GLY A 436 4.83 -35.32 60.92
CA GLY A 436 5.52 -35.19 59.65
C GLY A 436 4.64 -35.22 58.44
N VAL A 437 3.32 -35.23 58.65
CA VAL A 437 2.38 -35.14 57.54
C VAL A 437 1.29 -34.13 57.83
N PRO A 438 0.63 -33.65 56.77
CA PRO A 438 -0.46 -32.71 56.99
C PRO A 438 -1.75 -33.46 57.34
N VAL A 439 -1.91 -33.80 58.62
CA VAL A 439 -3.06 -34.58 59.07
C VAL A 439 -4.37 -33.88 58.75
N THR A 440 -5.46 -34.64 58.70
CA THR A 440 -6.75 -34.06 58.38
C THR A 440 -7.41 -33.42 59.61
N GLY A 441 -8.31 -32.48 59.39
CA GLY A 441 -9.11 -31.91 60.46
C GLY A 441 -8.50 -30.84 61.36
N GLY A 442 -7.33 -30.31 61.00
CA GLY A 442 -6.73 -29.24 61.77
C GLY A 442 -6.46 -28.00 60.94
N ARG A 443 -5.22 -27.52 61.01
CA ARG A 443 -4.74 -26.49 60.10
C ARG A 443 -4.68 -27.02 58.67
N THR A 444 -4.56 -28.34 58.52
CA THR A 444 -4.45 -28.96 57.21
C THR A 444 -5.59 -29.96 56.99
N ASP A 445 -5.74 -30.46 55.76
CA ASP A 445 -6.76 -31.45 55.48
C ASP A 445 -6.26 -32.53 54.52
N GLY A 446 -5.02 -32.97 54.72
CA GLY A 446 -4.54 -34.13 54.03
C GLY A 446 -3.91 -33.83 52.69
N CYS A 447 -4.07 -34.76 51.76
CA CYS A 447 -3.28 -34.78 50.52
C CYS A 447 -4.17 -35.05 49.33
N TYR A 448 -3.62 -34.78 48.15
CA TYR A 448 -4.34 -34.87 46.90
C TYR A 448 -3.81 -36.07 46.10
N ILE A 449 -4.70 -37.00 45.79
CA ILE A 449 -4.31 -38.28 45.20
C ILE A 449 -3.58 -38.11 43.83
N ASN A 450 -3.82 -36.98 43.16
CA ASN A 450 -3.11 -36.67 41.90
C ASN A 450 -1.67 -36.20 42.10
N TYR A 451 -1.26 -35.98 43.34
CA TYR A 451 0.15 -35.82 43.70
C TYR A 451 0.53 -36.97 44.65
N PRO A 452 0.43 -38.21 44.17
CA PRO A 452 0.62 -39.37 45.06
C PRO A 452 2.02 -39.40 45.66
N ASP A 453 2.12 -39.83 46.91
CA ASP A 453 3.40 -39.84 47.62
C ASP A 453 3.59 -41.16 48.41
N ALA A 454 4.44 -42.04 47.88
CA ALA A 454 4.66 -43.36 48.50
C ALA A 454 5.28 -43.28 49.91
N ASP A 455 5.91 -42.16 50.24
CA ASP A 455 6.46 -42.00 51.57
C ASP A 455 5.38 -42.10 52.66
N LEU A 456 4.14 -41.75 52.33
CA LEU A 456 3.06 -41.86 53.31
C LEU A 456 2.84 -43.29 53.81
N LEU A 457 3.36 -44.28 53.08
CA LEU A 457 3.23 -45.68 53.47
C LEU A 457 4.28 -46.14 54.49
N ASP A 458 5.24 -45.28 54.81
CA ASP A 458 6.40 -45.69 55.60
C ASP A 458 6.45 -45.01 56.98
N PRO A 459 6.44 -45.81 58.03
CA PRO A 459 6.48 -45.30 59.40
C PRO A 459 7.64 -44.34 59.67
N ALA A 460 8.81 -44.55 59.05
CA ALA A 460 9.90 -43.60 59.23
C ALA A 460 9.52 -42.20 58.74
N ARG A 461 8.66 -42.12 57.72
CA ARG A 461 8.27 -40.83 57.13
C ARG A 461 7.00 -40.26 57.76
N ASN A 462 6.08 -41.15 58.13
CA ASN A 462 4.77 -40.76 58.60
C ASN A 462 4.50 -41.28 60.01
N ARG A 463 4.54 -40.39 60.97
CA ARG A 463 4.39 -40.74 62.36
C ARG A 463 3.11 -40.26 62.93
N SER A 464 2.13 -39.97 62.10
CA SER A 464 0.83 -39.50 62.53
C SER A 464 -0.22 -40.55 62.92
N GLY A 465 -0.06 -41.76 62.51
CA GLY A 465 -1.12 -42.68 62.75
C GLY A 465 -2.22 -42.67 61.73
N GLU A 466 -2.22 -41.69 60.86
CA GLU A 466 -3.17 -41.58 59.79
C GLU A 466 -2.63 -42.27 58.57
N PRO A 467 -3.30 -43.31 58.10
CA PRO A 467 -2.90 -44.06 56.90
C PRO A 467 -3.11 -43.27 55.60
N TRP A 468 -2.34 -43.61 54.58
CA TRP A 468 -2.41 -42.90 53.31
C TRP A 468 -3.86 -42.71 52.83
N HIS A 469 -4.64 -43.78 52.89
CA HIS A 469 -6.00 -43.73 52.36
C HIS A 469 -6.90 -42.76 53.14
N HIS A 470 -6.57 -42.48 54.39
CA HIS A 470 -7.33 -41.47 55.13
C HIS A 470 -6.87 -40.04 54.75
N LEU A 471 -5.58 -39.85 54.54
CA LEU A 471 -5.09 -38.53 54.15
C LEU A 471 -5.66 -38.16 52.78
N TYR A 472 -5.84 -39.13 51.91
CA TYR A 472 -6.31 -38.85 50.57
C TYR A 472 -7.81 -38.87 50.43
N TYR A 473 -8.46 -39.82 51.10
CA TYR A 473 -9.89 -40.01 50.89
C TYR A 473 -10.77 -39.72 52.13
N LYS A 474 -10.14 -39.50 53.27
CA LYS A 474 -10.87 -39.42 54.55
C LYS A 474 -12.00 -40.45 54.67
N ASP A 475 -13.20 -39.99 55.03
CA ASP A 475 -14.28 -40.93 55.29
C ASP A 475 -14.96 -41.50 54.03
N ASN A 476 -14.44 -41.17 52.85
CA ASN A 476 -14.95 -41.77 51.60
C ASN A 476 -14.31 -43.09 51.24
N TYR A 477 -13.29 -43.48 52.02
CA TYR A 477 -12.57 -44.71 51.69
C TYR A 477 -13.48 -45.93 51.71
N ALA A 478 -14.35 -46.05 52.72
CA ALA A 478 -15.18 -47.25 52.84
C ALA A 478 -16.01 -47.43 51.58
N ARG A 479 -16.62 -46.35 51.15
CA ARG A 479 -17.45 -46.38 49.95
C ARG A 479 -16.61 -46.73 48.70
N LEU A 480 -15.40 -46.18 48.63
CA LEU A 480 -14.52 -46.53 47.51
C LEU A 480 -14.20 -48.03 47.51
N ARG A 481 -13.97 -48.59 48.70
CA ARG A 481 -13.67 -50.01 48.82
C ARG A 481 -14.83 -50.86 48.35
N SER A 482 -16.05 -50.51 48.77
CA SER A 482 -17.23 -51.24 48.28
C SER A 482 -17.28 -51.19 46.75
N ALA A 483 -17.05 -50.01 46.18
CA ALA A 483 -17.13 -49.88 44.74
C ALA A 483 -16.07 -50.76 44.07
N LYS A 484 -14.90 -50.82 44.70
CA LYS A 484 -13.80 -51.63 44.21
C LYS A 484 -14.17 -53.11 44.20
N ARG A 485 -14.72 -53.61 45.31
CA ARG A 485 -15.17 -55.00 45.40
C ARG A 485 -16.23 -55.31 44.35
N ALA A 486 -17.18 -54.40 44.19
CA ALA A 486 -18.26 -54.58 43.23
C ALA A 486 -17.79 -54.61 41.78
N TRP A 487 -16.85 -53.73 41.44
CA TRP A 487 -16.49 -53.51 40.03
C TRP A 487 -15.14 -54.07 39.56
N ASP A 488 -14.24 -54.34 40.50
CA ASP A 488 -12.96 -54.96 40.16
C ASP A 488 -12.64 -56.06 41.17
N PRO A 489 -13.53 -57.06 41.25
CA PRO A 489 -13.43 -58.10 42.29
C PRO A 489 -12.12 -58.91 42.21
N LEU A 490 -11.58 -59.08 41.00
CA LEU A 490 -10.34 -59.83 40.81
C LEU A 490 -9.08 -59.01 41.06
N ASN A 491 -9.27 -57.74 41.44
CA ASN A 491 -8.18 -56.79 41.60
C ASN A 491 -7.29 -56.76 40.36
N THR A 492 -7.93 -56.74 39.19
CA THR A 492 -7.22 -56.64 37.93
C THR A 492 -6.39 -55.36 37.85
N PHE A 493 -6.90 -54.28 38.45
CA PHE A 493 -6.24 -52.99 38.40
C PHE A 493 -5.71 -52.60 39.76
N HIS A 494 -4.39 -52.55 39.87
CA HIS A 494 -3.76 -52.29 41.15
C HIS A 494 -2.40 -51.63 40.97
N HIS A 495 -1.93 -50.99 42.03
CA HIS A 495 -0.61 -50.42 42.07
C HIS A 495 -0.26 -50.17 43.53
N SER A 496 0.87 -49.52 43.78
CA SER A 496 1.33 -49.38 45.16
C SER A 496 0.38 -48.56 46.07
N MET A 497 -0.51 -47.77 45.46
CA MET A 497 -1.43 -46.95 46.24
C MET A 497 -2.84 -47.06 45.70
N SER A 498 -3.22 -48.27 45.32
CA SER A 498 -4.55 -48.52 44.80
C SER A 498 -5.52 -48.90 45.94
N ILE A 499 -6.76 -48.55 45.76
CA ILE A 499 -7.85 -48.96 46.63
C ILE A 499 -7.93 -50.45 46.94
N GLY A 500 -7.77 -50.75 48.20
CA GLY A 500 -7.69 -52.11 48.61
C GLY A 500 -9.05 -52.71 48.55
N LEU A 501 -9.04 -53.94 48.15
CA LEU A 501 -10.24 -54.71 48.03
C LEU A 501 -10.74 -55.20 49.38
N PRO B 9 -24.70 24.95 -9.66
CA PRO B 9 -25.16 23.55 -9.73
C PRO B 9 -24.08 22.60 -9.33
N PRO B 10 -24.24 21.84 -8.26
CA PRO B 10 -23.25 20.80 -7.97
C PRO B 10 -23.86 19.51 -8.40
N PHE B 11 -23.06 18.53 -8.77
CA PHE B 11 -23.64 17.31 -9.26
C PHE B 11 -22.69 16.14 -9.25
N THR B 12 -23.20 14.98 -9.64
CA THR B 12 -22.52 13.73 -9.47
C THR B 12 -22.43 12.98 -10.76
N VAL B 13 -21.28 12.40 -11.02
CA VAL B 13 -21.03 11.57 -12.20
C VAL B 13 -20.63 10.14 -11.81
N GLY B 14 -21.56 9.19 -11.98
CA GLY B 14 -21.31 7.80 -11.66
C GLY B 14 -20.82 7.02 -12.87
N ARG B 15 -20.59 5.71 -12.67
CA ARG B 15 -19.98 4.87 -13.71
C ARG B 15 -20.81 4.74 -14.99
N GLU B 16 -22.12 4.95 -14.90
CA GLU B 16 -22.99 4.76 -16.06
C GLU B 16 -23.13 6.04 -16.91
N ASP B 17 -22.68 7.16 -16.35
CA ASP B 17 -22.71 8.48 -17.01
C ASP B 17 -21.57 8.59 -18.04
N PRO B 18 -21.87 9.11 -19.24
CA PRO B 18 -20.86 9.16 -20.32
C PRO B 18 -19.68 10.10 -20.03
N ARG B 19 -19.85 11.05 -19.12
CA ARG B 19 -18.77 11.95 -18.72
C ARG B 19 -17.70 11.26 -17.88
N TYR B 20 -18.10 10.14 -17.27
CA TYR B 20 -17.19 9.33 -16.47
C TYR B 20 -15.87 9.05 -17.23
N ILE B 21 -15.99 8.64 -18.49
CA ILE B 21 -14.80 8.24 -19.25
C ILE B 21 -13.78 9.35 -19.26
N GLU B 22 -14.24 10.59 -19.40
CA GLU B 22 -13.29 11.69 -19.48
C GLU B 22 -12.74 11.99 -18.09
N LEU B 23 -13.60 11.94 -17.08
CA LEU B 23 -13.17 12.24 -15.72
C LEU B 23 -12.18 11.21 -15.20
N SER B 24 -12.19 10.00 -15.75
CA SER B 24 -11.36 8.90 -15.28
C SER B 24 -9.91 9.02 -15.75
N HIS B 25 -9.63 10.03 -16.56
CA HIS B 25 -8.25 10.33 -16.94
C HIS B 25 -7.84 11.67 -16.35
N SER B 26 -6.71 11.68 -15.65
CA SER B 26 -6.00 12.92 -15.37
C SER B 26 -5.03 13.16 -16.53
N ASP B 27 -4.20 14.18 -16.42
CA ASP B 27 -3.29 14.51 -17.52
C ASP B 27 -2.34 13.36 -17.85
N ASN B 28 -1.75 12.72 -16.84
CA ASN B 28 -0.87 11.58 -17.07
C ASN B 28 -1.67 10.29 -17.27
N HIS B 29 -1.68 9.80 -18.51
CA HIS B 29 -2.47 8.63 -18.87
C HIS B 29 -1.91 7.28 -18.40
N ARG B 30 -0.81 7.28 -17.66
CA ARG B 30 -0.33 6.01 -17.10
C ARG B 30 -1.25 5.54 -15.98
N PHE B 31 -1.98 6.48 -15.41
CA PHE B 31 -2.76 6.19 -14.21
C PHE B 31 -4.22 6.47 -14.47
N VAL B 32 -5.08 5.65 -13.88
CA VAL B 32 -6.50 5.82 -14.11
C VAL B 32 -7.17 6.12 -12.78
N VAL B 33 -8.20 6.97 -12.83
CA VAL B 33 -8.95 7.35 -11.64
C VAL B 33 -10.37 6.80 -11.77
N GLU B 34 -10.68 5.73 -11.04
CA GLU B 34 -11.97 5.06 -11.21
C GLU B 34 -12.74 4.84 -9.92
N PRO B 35 -13.35 5.90 -9.38
CA PRO B 35 -14.13 5.81 -8.15
C PRO B 35 -15.52 5.31 -8.46
N GLU B 36 -16.34 5.09 -7.45
CA GLU B 36 -17.75 4.79 -7.69
C GLU B 36 -18.43 6.00 -8.31
N GLU B 37 -18.00 7.19 -7.89
CA GLU B 37 -18.54 8.43 -8.43
C GLU B 37 -17.62 9.63 -8.28
N PHE B 38 -17.74 10.57 -9.21
CA PHE B 38 -17.11 11.88 -9.08
C PHE B 38 -18.14 12.88 -8.57
N PHE B 39 -17.71 13.80 -7.70
CA PHE B 39 -18.61 14.86 -7.29
C PHE B 39 -18.01 16.19 -7.73
N LEU B 40 -18.81 16.98 -8.45
CA LEU B 40 -18.38 18.30 -8.91
C LEU B 40 -19.14 19.38 -8.15
N PRO B 41 -18.52 19.90 -7.08
CA PRO B 41 -19.06 20.92 -6.18
C PRO B 41 -18.97 22.29 -6.79
N ALA B 42 -19.88 23.20 -6.43
CA ALA B 42 -19.85 24.56 -6.95
C ALA B 42 -19.37 25.57 -5.90
N THR B 43 -19.33 25.15 -4.64
CA THR B 43 -19.00 26.04 -3.54
C THR B 43 -18.30 25.25 -2.45
N PRO B 44 -17.60 25.94 -1.54
CA PRO B 44 -16.93 25.26 -0.41
C PRO B 44 -17.90 24.47 0.47
N ASP B 45 -19.11 25.01 0.66
CA ASP B 45 -20.14 24.29 1.39
C ASP B 45 -20.44 22.92 0.77
N ASP B 46 -20.53 22.87 -0.57
CA ASP B 46 -20.77 21.62 -1.27
C ASP B 46 -19.66 20.62 -0.95
N VAL B 47 -18.41 21.11 -0.94
CA VAL B 47 -17.28 20.27 -0.60
C VAL B 47 -17.48 19.70 0.80
N VAL B 48 -17.78 20.56 1.75
CA VAL B 48 -17.93 20.12 3.14
C VAL B 48 -19.04 19.07 3.28
N ALA B 49 -20.20 19.32 2.68
CA ALA B 49 -21.32 18.39 2.83
C ALA B 49 -20.97 17.04 2.22
N SER B 50 -20.33 17.08 1.05
CA SER B 50 -19.91 15.85 0.36
C SER B 50 -18.89 15.00 1.16
N LEU B 51 -17.81 15.64 1.61
CA LEU B 51 -16.88 14.97 2.49
C LEU B 51 -17.55 14.39 3.74
N GLN B 52 -18.44 15.11 4.40
CA GLN B 52 -19.09 14.58 5.59
C GLN B 52 -19.84 13.32 5.28
N LYS B 53 -20.71 13.39 4.30
CA LYS B 53 -21.42 12.24 3.87
C LYS B 53 -20.48 11.12 3.74
N ALA B 54 -19.42 11.33 2.99
CA ALA B 54 -18.50 10.23 2.70
C ALA B 54 -17.83 9.63 3.93
N VAL B 55 -17.20 10.46 4.75
CA VAL B 55 -16.48 9.96 5.93
C VAL B 55 -17.42 9.34 6.96
N THR B 56 -18.62 9.90 7.09
CA THR B 56 -19.63 9.30 7.98
C THR B 56 -19.98 7.86 7.57
N GLU B 57 -20.14 7.62 6.28
CA GLU B 57 -20.41 6.31 5.72
C GLU B 57 -19.19 5.42 5.63
N GLY B 58 -18.05 5.92 6.02
CA GLY B 58 -16.81 5.17 5.91
C GLY B 58 -16.17 5.10 4.52
N ARG B 59 -16.68 5.84 3.55
CA ARG B 59 -16.12 5.80 2.21
C ARG B 59 -14.79 6.55 2.07
N GLY B 60 -13.91 5.98 1.28
CA GLY B 60 -12.62 6.61 0.97
C GLY B 60 -12.68 7.72 -0.07
N VAL B 61 -11.94 8.80 0.16
CA VAL B 61 -12.06 9.98 -0.69
C VAL B 61 -10.71 10.52 -1.14
N ALA B 62 -10.75 11.34 -2.19
CA ALA B 62 -9.63 12.14 -2.64
C ALA B 62 -10.15 13.30 -3.49
N CYS B 63 -9.32 14.31 -3.73
CA CYS B 63 -9.73 15.40 -4.59
C CYS B 63 -8.77 15.60 -5.75
N ARG B 64 -9.22 16.37 -6.73
CA ARG B 64 -8.45 16.68 -7.90
C ARG B 64 -8.76 18.11 -8.33
N SER B 65 -7.72 18.88 -8.63
CA SER B 65 -7.93 20.21 -9.14
C SER B 65 -7.59 20.23 -10.64
N GLY B 66 -6.31 20.38 -10.99
CA GLY B 66 -5.94 20.48 -12.40
C GLY B 66 -5.60 19.16 -13.08
N GLY B 67 -5.42 18.10 -12.28
CA GLY B 67 -5.13 16.78 -12.78
C GLY B 67 -3.70 16.59 -13.30
N HIS B 68 -2.77 17.43 -12.88
CA HIS B 68 -1.41 17.37 -13.36
C HIS B 68 -0.43 16.56 -12.54
N CYS B 69 -0.93 15.86 -11.58
CA CYS B 69 -0.09 15.03 -10.73
C CYS B 69 0.83 14.11 -11.52
N GLY B 70 2.11 14.11 -11.15
CA GLY B 70 3.10 13.24 -11.78
C GLY B 70 2.90 11.76 -11.42
N GLN B 71 2.13 11.48 -10.36
CA GLN B 71 1.94 10.12 -9.88
C GLN B 71 0.44 9.76 -9.79
N ASP B 72 0.15 8.55 -9.30
CA ASP B 72 -1.23 8.04 -9.15
C ASP B 72 -1.94 8.47 -7.84
N PHE B 73 -1.58 9.64 -7.31
CA PHE B 73 -2.08 10.06 -5.99
C PHE B 73 -3.60 10.13 -5.90
N VAL B 74 -4.25 10.60 -6.95
CA VAL B 74 -5.69 10.79 -6.87
C VAL B 74 -6.46 9.46 -6.87
N GLY B 75 -6.10 8.53 -7.76
CA GLY B 75 -6.92 7.34 -7.95
C GLY B 75 -6.42 6.06 -7.30
N THR B 76 -5.28 6.15 -6.62
CA THR B 76 -4.68 5.00 -5.95
C THR B 76 -4.29 5.39 -4.54
N PRO B 77 -4.71 4.61 -3.53
CA PRO B 77 -5.55 3.40 -3.60
C PRO B 77 -6.97 3.72 -4.07
N ARG B 78 -7.75 2.71 -4.43
CA ARG B 78 -9.12 2.92 -4.86
C ARG B 78 -9.93 3.85 -3.96
N ARG B 79 -10.72 4.69 -4.59
CA ARG B 79 -11.47 5.64 -3.85
C ARG B 79 -12.91 5.38 -4.14
N ASP B 80 -13.77 5.68 -3.20
CA ASP B 80 -15.20 5.55 -3.43
C ASP B 80 -15.66 6.84 -4.08
N LEU B 81 -15.04 7.93 -3.68
CA LEU B 81 -15.46 9.25 -4.10
C LEU B 81 -14.27 10.14 -4.47
N VAL B 82 -14.33 10.73 -5.65
CA VAL B 82 -13.36 11.77 -6.02
C VAL B 82 -14.05 13.11 -6.22
N LEU B 83 -13.58 14.13 -5.51
CA LEU B 83 -14.09 15.49 -5.68
C LEU B 83 -13.29 16.20 -6.77
N ASP B 84 -13.95 16.56 -7.85
CA ASP B 84 -13.30 17.30 -8.92
C ASP B 84 -13.60 18.78 -8.72
N LEU B 85 -12.55 19.58 -8.52
CA LEU B 85 -12.72 20.94 -7.99
C LEU B 85 -12.77 22.07 -9.03
N HIS B 86 -12.77 21.72 -10.32
CA HIS B 86 -12.60 22.75 -11.34
C HIS B 86 -13.68 23.86 -11.35
N ASN B 87 -14.84 23.62 -10.75
CA ASN B 87 -15.83 24.69 -10.69
C ASN B 87 -15.53 25.74 -9.64
N LEU B 88 -14.62 25.45 -8.71
CA LEU B 88 -14.23 26.42 -7.71
C LEU B 88 -13.08 27.28 -8.23
N HIS B 89 -13.38 28.17 -9.17
CA HIS B 89 -12.37 28.92 -9.87
C HIS B 89 -12.53 30.43 -9.76
N ALA B 90 -13.37 30.87 -8.83
CA ALA B 90 -13.60 32.31 -8.68
C ALA B 90 -12.35 33.04 -8.22
N ILE B 91 -12.11 34.20 -8.80
CA ILE B 91 -11.01 35.07 -8.38
C ILE B 91 -11.58 36.44 -8.00
N GLY B 92 -11.23 36.94 -6.82
CA GLY B 92 -11.79 38.22 -6.40
C GLY B 92 -10.97 38.87 -5.33
N PRO B 93 -11.20 40.17 -5.08
CA PRO B 93 -10.47 40.77 -3.96
C PRO B 93 -10.83 40.02 -2.68
N ALA B 94 -9.92 39.93 -1.75
CA ALA B 94 -10.18 39.18 -0.57
C ALA B 94 -11.12 39.90 0.36
N ALA B 95 -11.72 39.15 1.25
CA ALA B 95 -12.65 39.70 2.22
C ALA B 95 -12.11 40.94 2.86
N ASP B 96 -10.98 40.84 3.54
CA ASP B 96 -10.51 41.98 4.31
C ASP B 96 -10.21 43.24 3.47
N GLY B 97 -10.05 43.08 2.18
CA GLY B 97 -9.72 44.20 1.33
C GLY B 97 -8.23 44.40 1.40
N ALA B 98 -7.51 43.29 1.30
CA ALA B 98 -6.08 43.33 1.38
C ALA B 98 -5.52 42.04 0.84
N GLY B 99 -5.73 41.81 -0.44
CA GLY B 99 -5.22 40.59 -0.97
C GLY B 99 -6.18 40.09 -1.99
N VAL B 100 -5.87 38.94 -2.55
CA VAL B 100 -6.71 38.34 -3.57
C VAL B 100 -7.07 36.87 -3.22
N ARG B 101 -8.35 36.55 -3.31
CA ARG B 101 -8.83 35.18 -3.12
C ARG B 101 -8.97 34.44 -4.46
N VAL B 102 -8.47 33.21 -4.47
CA VAL B 102 -8.46 32.36 -5.67
C VAL B 102 -8.97 30.98 -5.29
N GLY B 103 -10.03 30.53 -5.96
CA GLY B 103 -10.55 29.18 -5.76
C GLY B 103 -9.51 28.13 -6.12
N SER B 104 -9.51 27.02 -5.39
CA SER B 104 -8.48 26.02 -5.56
C SER B 104 -8.59 25.31 -6.90
N GLY B 105 -9.74 25.44 -7.56
CA GLY B 105 -9.96 24.78 -8.84
C GLY B 105 -9.59 25.62 -10.06
N ALA B 106 -9.15 26.85 -9.84
CA ALA B 106 -8.68 27.69 -10.92
C ALA B 106 -7.38 27.15 -11.53
N THR B 107 -7.23 27.32 -12.84
CA THR B 107 -5.96 26.98 -13.51
C THR B 107 -5.01 28.17 -13.55
N VAL B 108 -3.74 27.89 -13.77
CA VAL B 108 -2.75 28.94 -13.95
C VAL B 108 -3.19 29.98 -15.00
N ASP B 109 -3.73 29.52 -16.11
CA ASP B 109 -4.14 30.41 -17.18
C ASP B 109 -5.19 31.42 -16.73
N GLN B 110 -6.24 30.91 -16.09
CA GLN B 110 -7.28 31.77 -15.54
C GLN B 110 -6.73 32.78 -14.53
N VAL B 111 -5.85 32.33 -13.64
CA VAL B 111 -5.29 33.23 -12.64
C VAL B 111 -4.43 34.33 -13.27
N GLN B 112 -3.57 33.95 -14.20
CA GLN B 112 -2.71 34.92 -14.91
C GLN B 112 -3.51 35.96 -15.62
N LYS B 113 -4.50 35.50 -16.39
CA LYS B 113 -5.37 36.41 -17.12
C LYS B 113 -6.11 37.34 -16.17
N ALA B 114 -6.69 36.82 -15.11
CA ALA B 114 -7.47 37.66 -14.22
C ALA B 114 -6.59 38.69 -13.49
N LEU B 115 -5.51 38.24 -12.89
CA LEU B 115 -4.55 39.12 -12.21
C LEU B 115 -4.07 40.25 -13.13
N PHE B 116 -3.70 39.88 -14.35
CA PHE B 116 -3.20 40.87 -15.30
C PHE B 116 -4.27 41.86 -15.76
N ARG B 117 -5.41 41.35 -16.15
CA ARG B 117 -6.46 42.16 -16.70
C ARG B 117 -7.14 43.04 -15.68
N ARG B 118 -7.29 42.57 -14.48
CA ARG B 118 -7.94 43.37 -13.44
C ARG B 118 -7.01 44.32 -12.69
N TRP B 119 -5.78 43.90 -12.42
CA TRP B 119 -4.96 44.70 -11.52
C TRP B 119 -3.54 44.96 -12.01
N ASN B 120 -3.26 44.57 -13.26
CA ASN B 120 -1.89 44.62 -13.77
C ASN B 120 -0.92 43.90 -12.80
N ALA B 121 -1.38 42.78 -12.27
CA ALA B 121 -0.62 42.03 -11.29
C ALA B 121 -0.11 40.72 -11.88
N ALA B 122 0.81 40.10 -11.16
CA ALA B 122 1.38 38.80 -11.56
C ALA B 122 1.90 38.06 -10.34
N LEU B 123 1.69 36.75 -10.32
CA LEU B 123 2.30 35.91 -9.32
C LEU B 123 3.31 35.00 -10.02
N PRO B 124 4.22 34.39 -9.26
CA PRO B 124 5.20 33.51 -9.91
C PRO B 124 4.60 32.12 -10.20
N LEU B 125 3.49 32.08 -10.93
CA LEU B 125 2.88 30.81 -11.32
C LEU B 125 3.73 30.08 -12.35
N GLY B 126 3.46 28.79 -12.53
CA GLY B 126 4.28 27.98 -13.39
C GLY B 126 4.16 28.32 -14.86
N ALA B 127 4.92 27.60 -15.69
CA ALA B 127 4.89 27.81 -17.13
C ALA B 127 3.77 27.04 -17.84
N CYS B 128 3.06 26.20 -17.15
CA CYS B 128 2.03 25.37 -17.75
C CYS B 128 0.60 25.87 -17.46
N SER B 129 -0.09 26.37 -18.47
CA SER B 129 -1.36 27.05 -18.28
C SER B 129 -2.49 26.18 -17.69
N ALA B 130 -2.39 24.86 -17.85
CA ALA B 130 -3.49 23.97 -17.40
C ALA B 130 -3.37 23.43 -15.98
N VAL B 131 -2.25 23.71 -15.34
CA VAL B 131 -2.03 23.26 -13.97
C VAL B 131 -3.04 23.90 -13.01
N GLY B 132 -3.54 23.11 -12.06
CA GLY B 132 -4.47 23.62 -11.08
C GLY B 132 -3.79 24.26 -9.88
N MET B 133 -4.42 25.29 -9.33
CA MET B 133 -3.90 25.96 -8.13
C MET B 133 -3.81 25.00 -6.94
N GLY B 134 -4.78 24.10 -6.85
CA GLY B 134 -4.81 23.10 -5.81
C GLY B 134 -3.46 22.49 -5.49
N GLY B 135 -2.94 21.68 -6.41
CA GLY B 135 -1.66 21.00 -6.21
C GLY B 135 -0.47 21.96 -6.30
N LEU B 136 -0.52 22.87 -7.26
CA LEU B 136 0.60 23.74 -7.50
C LEU B 136 1.00 24.48 -6.22
N VAL B 137 0.04 25.19 -5.63
CA VAL B 137 0.33 26.01 -4.47
C VAL B 137 0.78 25.16 -3.28
N ALA B 138 0.01 24.14 -2.95
CA ALA B 138 0.33 23.26 -1.82
C ALA B 138 1.77 22.75 -1.90
N GLY B 139 2.25 22.44 -3.11
CA GLY B 139 3.60 21.95 -3.25
C GLY B 139 4.75 22.95 -3.29
N GLY B 140 4.43 24.24 -3.34
CA GLY B 140 5.47 25.25 -3.41
C GLY B 140 5.24 26.20 -4.56
N GLY B 141 5.46 25.72 -5.79
CA GLY B 141 5.14 26.49 -6.98
C GLY B 141 6.22 27.45 -7.42
N TYR B 142 6.87 27.18 -8.54
CA TYR B 142 7.80 28.16 -9.06
C TYR B 142 7.54 28.40 -10.53
N GLY B 143 8.11 29.48 -11.05
CA GLY B 143 7.88 29.86 -12.43
C GLY B 143 8.94 30.79 -12.94
N PRO B 144 8.80 31.23 -14.20
CA PRO B 144 9.71 32.17 -14.85
C PRO B 144 9.88 33.45 -14.04
N LEU B 145 8.88 33.84 -13.23
CA LEU B 145 9.01 35.07 -12.46
C LEU B 145 9.62 34.86 -11.08
N SER B 146 9.97 33.61 -10.75
CA SER B 146 10.40 33.30 -9.39
C SER B 146 11.71 33.94 -8.94
N ARG B 147 12.63 34.19 -9.86
CA ARG B 147 13.86 34.87 -9.48
C ARG B 147 13.62 36.31 -9.07
N GLN B 148 12.47 36.87 -9.44
CA GLN B 148 12.09 38.20 -8.96
C GLN B 148 11.11 38.16 -7.80
N LEU B 149 10.19 37.19 -7.82
CA LEU B 149 9.05 37.18 -6.91
C LEU B 149 9.06 36.07 -5.87
N GLY B 150 9.96 35.10 -6.02
CA GLY B 150 9.99 34.01 -5.07
C GLY B 150 9.07 32.86 -5.49
N LEU B 151 8.71 32.00 -4.54
CA LEU B 151 7.79 30.91 -4.80
C LEU B 151 6.36 31.40 -4.56
N VAL B 152 5.40 30.71 -5.15
CA VAL B 152 4.01 31.07 -4.97
C VAL B 152 3.64 31.06 -3.49
N VAL B 153 4.15 30.09 -2.73
CA VAL B 153 3.81 30.03 -1.32
C VAL B 153 4.36 31.22 -0.54
N ASP B 154 5.31 31.93 -1.14
CA ASP B 154 5.86 33.11 -0.48
C ASP B 154 4.87 34.27 -0.56
N HIS B 155 3.80 34.10 -1.35
CA HIS B 155 2.75 35.12 -1.45
C HIS B 155 1.45 34.70 -0.78
N LEU B 156 1.48 33.53 -0.15
CA LEU B 156 0.31 32.95 0.48
C LEU B 156 0.00 33.69 1.75
N HIS B 157 -1.23 34.19 1.83
CA HIS B 157 -1.71 34.87 3.02
C HIS B 157 -2.68 33.99 3.81
N ALA B 158 -3.51 33.23 3.11
CA ALA B 158 -4.42 32.34 3.84
C ALA B 158 -4.83 31.11 3.06
N VAL B 159 -5.32 30.11 3.78
CA VAL B 159 -5.84 28.92 3.18
C VAL B 159 -7.16 28.45 3.80
N GLU B 160 -8.13 28.23 2.97
CA GLU B 160 -9.40 27.74 3.38
C GLU B 160 -9.53 26.26 3.02
N VAL B 161 -9.46 25.41 4.02
CA VAL B 161 -9.41 23.97 3.83
C VAL B 161 -10.39 23.13 4.65
N ALA B 162 -11.05 22.22 3.98
CA ALA B 162 -11.98 21.32 4.64
C ALA B 162 -11.20 20.17 5.28
N VAL B 163 -11.26 20.07 6.60
CA VAL B 163 -10.52 19.06 7.35
C VAL B 163 -11.44 18.14 8.16
N VAL B 164 -10.91 16.99 8.52
CA VAL B 164 -11.67 15.94 9.20
C VAL B 164 -11.02 15.61 10.54
N ASP B 165 -11.76 15.74 11.64
CA ASP B 165 -11.20 15.51 12.98
C ASP B 165 -11.42 14.08 13.50
N GLU B 166 -10.97 13.82 14.73
CA GLU B 166 -10.98 12.48 15.31
C GLU B 166 -12.38 11.88 15.46
N SER B 167 -13.38 12.71 15.51
CA SER B 167 -14.70 12.24 15.69
C SER B 167 -15.43 12.18 14.38
N ARG B 168 -14.68 12.18 13.30
CA ARG B 168 -15.21 12.13 11.93
C ARG B 168 -16.08 13.29 11.46
N THR B 169 -15.89 14.47 12.04
CA THR B 169 -16.63 15.69 11.70
C THR B 169 -15.82 16.53 10.72
N VAL B 170 -16.43 16.97 9.64
CA VAL B 170 -15.74 17.76 8.66
C VAL B 170 -16.02 19.25 8.83
N ARG B 171 -15.00 20.08 8.93
CA ARG B 171 -15.16 21.51 9.08
C ARG B 171 -14.39 22.28 8.02
N LEU B 172 -14.86 23.46 7.69
CA LEU B 172 -14.11 24.37 6.89
C LEU B 172 -13.37 25.27 7.79
N VAL B 173 -12.08 25.25 7.73
CA VAL B 173 -11.29 26.21 8.52
C VAL B 173 -10.41 27.10 7.63
N THR B 174 -10.21 28.35 8.05
CA THR B 174 -9.26 29.22 7.37
C THR B 174 -8.04 29.42 8.27
N ALA B 175 -6.87 29.23 7.69
CA ALA B 175 -5.62 29.38 8.43
C ALA B 175 -4.81 30.50 7.82
N ARG B 176 -4.35 31.40 8.68
CA ARG B 176 -3.70 32.61 8.18
C ARG B 176 -2.20 32.66 8.50
N ALA B 177 -1.46 33.40 7.67
CA ALA B 177 -0.03 33.58 7.87
C ALA B 177 0.27 34.08 9.29
N ASP B 178 -0.61 34.90 9.84
CA ASP B 178 -0.43 35.48 11.17
C ASP B 178 -0.96 34.63 12.35
N ASP B 179 -1.62 33.51 12.03
CA ASP B 179 -2.19 32.64 13.07
C ASP B 179 -1.08 31.95 13.88
N THR B 180 -1.41 31.58 15.12
CA THR B 180 -0.49 30.79 15.93
C THR B 180 -1.15 29.48 16.30
N GLY B 181 -0.43 28.74 17.11
CA GLY B 181 -0.86 27.47 17.59
C GLY B 181 -1.02 26.54 16.44
N ASP B 182 -2.03 25.70 16.55
CA ASP B 182 -2.34 24.68 15.60
C ASP B 182 -2.71 25.24 14.27
N LEU B 183 -3.42 26.34 14.24
CA LEU B 183 -3.85 26.89 12.98
C LEU B 183 -2.66 27.49 12.23
N GLY B 184 -1.68 27.94 12.97
CA GLY B 184 -0.45 28.38 12.40
C GLY B 184 0.34 27.28 11.75
N GLU B 185 0.26 26.09 12.29
CA GLU B 185 0.87 24.93 11.70
C GLU B 185 0.14 24.40 10.53
N LEU B 186 -1.14 24.63 10.46
CA LEU B 186 -1.91 24.20 9.35
C LEU B 186 -1.64 25.09 8.14
N PHE B 187 -1.57 26.38 8.36
CA PHE B 187 -1.10 27.31 7.35
C PHE B 187 0.30 26.96 6.87
N TRP B 188 1.24 26.84 7.80
CA TRP B 188 2.61 26.56 7.42
C TRP B 188 2.72 25.26 6.61
N ALA B 189 1.95 24.25 7.00
CA ALA B 189 1.98 22.96 6.33
C ALA B 189 1.54 23.11 4.87
N HIS B 190 0.66 24.06 4.60
CA HIS B 190 0.25 24.30 3.21
C HIS B 190 1.24 25.07 2.33
N THR B 191 2.32 25.56 2.93
CA THR B 191 3.31 26.26 2.13
C THR B 191 4.43 25.33 1.64
N GLY B 192 4.06 24.18 1.04
CA GLY B 192 5.03 23.23 0.52
C GLY B 192 4.82 21.78 0.93
N GLY B 193 3.85 21.52 1.80
CA GLY B 193 3.61 20.16 2.26
C GLY B 193 3.11 19.23 1.16
N GLY B 194 2.52 19.79 0.12
CA GLY B 194 2.05 19.00 -1.00
C GLY B 194 0.57 18.67 -0.87
N GLY B 195 -0.08 18.50 -2.03
CA GLY B 195 -1.49 18.19 -2.05
C GLY B 195 -1.79 16.80 -1.52
N GLY B 196 -3.05 16.57 -1.16
CA GLY B 196 -3.51 15.25 -0.79
C GLY B 196 -3.15 14.82 0.62
N ASN B 197 -2.77 15.77 1.46
CA ASN B 197 -2.28 15.45 2.80
C ASN B 197 -3.17 15.89 3.97
N PHE B 198 -3.70 17.12 3.92
CA PHE B 198 -4.33 17.65 5.13
C PHE B 198 -5.84 17.83 5.03
N GLY B 199 -6.35 17.87 3.81
CA GLY B 199 -7.76 18.10 3.61
C GLY B 199 -7.94 18.70 2.26
N VAL B 200 -9.16 19.09 1.93
CA VAL B 200 -9.43 19.62 0.60
C VAL B 200 -9.44 21.14 0.66
N VAL B 201 -8.39 21.75 0.11
CA VAL B 201 -8.34 23.20 0.03
C VAL B 201 -9.42 23.65 -0.93
N THR B 202 -10.23 24.61 -0.49
CA THR B 202 -11.27 25.17 -1.36
C THR B 202 -10.83 26.54 -1.87
N ALA B 203 -9.95 27.22 -1.13
CA ALA B 203 -9.41 28.48 -1.66
C ALA B 203 -8.09 28.95 -1.04
N TYR B 204 -7.39 29.74 -1.78
CA TYR B 204 -6.17 30.35 -1.33
C TYR B 204 -6.34 31.85 -1.28
N GLU B 205 -5.71 32.51 -0.34
CA GLU B 205 -5.63 33.95 -0.35
C GLU B 205 -4.20 34.40 -0.51
N PHE B 206 -3.96 35.33 -1.40
CA PHE B 206 -2.62 35.79 -1.65
C PHE B 206 -2.38 37.23 -1.29
N ARG B 207 -1.26 37.46 -0.66
CA ARG B 207 -0.81 38.79 -0.33
C ARG B 207 0.68 38.83 -0.32
N SER B 208 1.28 39.73 -1.07
CA SER B 208 2.72 39.66 -1.18
C SER B 208 3.45 40.30 0.00
N PRO B 209 4.73 39.94 0.19
CA PRO B 209 5.63 40.58 1.15
C PRO B 209 5.66 42.08 0.87
N GLU B 210 5.93 42.88 1.89
CA GLU B 210 5.81 44.32 1.74
C GLU B 210 6.65 44.86 0.57
N HIS B 211 7.85 44.32 0.38
CA HIS B 211 8.77 44.84 -0.63
C HIS B 211 8.43 44.46 -2.06
N LEU B 212 7.48 43.54 -2.23
CA LEU B 212 7.03 43.15 -3.56
C LEU B 212 5.64 43.69 -3.90
N ALA B 213 4.87 44.03 -2.87
CA ALA B 213 3.49 44.49 -3.03
C ALA B 213 3.38 45.86 -3.67
N THR B 214 2.30 46.06 -4.42
CA THR B 214 1.93 47.36 -4.99
C THR B 214 0.41 47.49 -4.96
N GLU B 215 -0.09 48.70 -5.16
CA GLU B 215 -1.54 48.90 -5.27
C GLU B 215 -2.01 48.23 -6.56
N PRO B 216 -3.32 47.96 -6.66
CA PRO B 216 -4.34 48.25 -5.64
C PRO B 216 -4.66 47.07 -4.71
N VAL B 217 -4.16 45.88 -5.03
CA VAL B 217 -4.57 44.69 -4.28
C VAL B 217 -3.47 44.02 -3.47
N GLY B 218 -2.30 44.67 -3.39
CA GLY B 218 -1.20 44.16 -2.58
C GLY B 218 -0.48 42.99 -3.23
N LEU B 219 -0.48 42.98 -4.56
CA LEU B 219 0.29 41.99 -5.33
C LEU B 219 1.37 42.72 -6.13
N PRO B 220 2.23 41.97 -6.80
CA PRO B 220 3.25 42.61 -7.59
C PRO B 220 2.73 43.08 -8.89
N ARG B 221 3.36 44.11 -9.38
CA ARG B 221 3.05 44.67 -10.68
C ARG B 221 3.62 43.81 -11.80
N ALA B 222 2.84 43.54 -12.82
CA ALA B 222 3.32 42.82 -13.99
C ALA B 222 4.20 43.70 -14.85
N ALA B 223 5.30 43.19 -15.37
CA ALA B 223 6.21 43.97 -16.19
C ALA B 223 5.49 44.51 -17.44
N GLY B 224 5.90 45.65 -17.93
CA GLY B 224 5.31 46.18 -19.12
C GLY B 224 5.60 45.39 -20.35
N ARG B 225 6.83 44.96 -20.48
CA ARG B 225 7.30 44.24 -21.61
C ARG B 225 8.31 43.19 -21.21
N LEU B 226 8.42 42.15 -22.00
CA LEU B 226 9.33 41.08 -21.80
C LEU B 226 10.13 40.88 -23.03
N HIS B 227 11.42 40.77 -22.92
CA HIS B 227 12.25 40.21 -23.98
C HIS B 227 12.08 38.70 -23.93
N VAL B 228 11.71 38.09 -25.05
CA VAL B 228 11.50 36.65 -25.11
C VAL B 228 12.31 36.12 -26.28
N GLN B 229 12.99 35.02 -26.05
CA GLN B 229 13.86 34.44 -27.07
C GLN B 229 13.94 32.93 -27.02
N LYS B 230 13.83 32.30 -28.18
CA LYS B 230 13.99 30.86 -28.29
C LYS B 230 15.13 30.59 -29.25
N VAL B 231 16.07 29.76 -28.84
CA VAL B 231 17.25 29.48 -29.66
C VAL B 231 17.38 27.99 -29.89
N VAL B 232 17.44 27.59 -31.14
CA VAL B 232 17.54 26.18 -31.49
C VAL B 232 18.98 25.83 -31.91
N PHE B 233 19.55 24.81 -31.27
CA PHE B 233 20.90 24.35 -31.58
C PHE B 233 20.81 22.95 -32.14
N PRO B 234 21.22 22.77 -33.40
CA PRO B 234 21.16 21.44 -34.02
C PRO B 234 22.17 20.50 -33.37
N TRP B 235 21.74 19.28 -33.04
CA TRP B 235 22.62 18.30 -32.41
C TRP B 235 23.81 18.01 -33.32
N ALA B 236 23.57 18.08 -34.63
CA ALA B 236 24.58 17.77 -35.63
C ALA B 236 25.84 18.63 -35.48
N MET B 237 25.70 19.80 -34.89
CA MET B 237 26.82 20.73 -34.71
C MET B 237 27.49 20.55 -33.35
N ILE B 238 26.98 19.65 -32.54
CA ILE B 238 27.46 19.50 -31.17
C ILE B 238 28.12 18.15 -30.89
N ASP B 239 29.40 18.18 -30.52
CA ASP B 239 30.09 16.97 -30.09
C ASP B 239 30.12 16.91 -28.56
N GLU B 240 30.60 15.81 -28.00
CA GLU B 240 30.62 15.65 -26.54
C GLU B 240 31.24 16.84 -25.80
N THR B 241 32.42 17.24 -26.26
CA THR B 241 33.19 18.30 -25.62
C THR B 241 32.43 19.63 -25.56
N SER B 242 31.91 20.07 -26.70
CA SER B 242 31.20 21.34 -26.75
C SER B 242 29.87 21.24 -25.98
N PHE B 243 29.28 20.06 -25.94
CA PHE B 243 28.08 19.85 -25.12
C PHE B 243 28.38 20.07 -23.65
N VAL B 244 29.48 19.49 -23.19
CA VAL B 244 29.92 19.65 -21.81
C VAL B 244 30.23 21.13 -21.54
N THR B 245 30.85 21.81 -22.50
CA THR B 245 31.17 23.22 -22.31
C THR B 245 29.90 24.06 -22.15
N VAL B 246 28.93 23.85 -23.03
CA VAL B 246 27.70 24.62 -23.01
C VAL B 246 26.95 24.43 -21.68
N MET B 247 26.79 23.16 -21.29
CA MET B 247 26.18 22.86 -20.01
C MET B 247 26.91 23.48 -18.82
N ARG B 248 28.23 23.38 -18.83
CA ARG B 248 29.02 23.90 -17.74
C ARG B 248 28.80 25.40 -17.63
N ARG B 249 28.83 26.09 -18.76
CA ARG B 249 28.62 27.54 -18.75
C ARG B 249 27.23 27.92 -18.26
N PHE B 250 26.23 27.16 -18.68
CA PHE B 250 24.87 27.41 -18.21
C PHE B 250 24.83 27.36 -16.67
N PHE B 251 25.35 26.26 -16.12
CA PHE B 251 25.39 26.13 -14.67
C PHE B 251 26.23 27.21 -13.98
N GLU B 252 27.38 27.55 -14.54
CA GLU B 252 28.29 28.49 -13.88
C GLU B 252 27.73 29.89 -13.87
N TRP B 253 27.07 30.25 -14.97
CA TRP B 253 26.35 31.51 -15.02
C TRP B 253 25.37 31.51 -13.87
N HIS B 254 24.65 30.41 -13.68
CA HIS B 254 23.74 30.42 -12.54
C HIS B 254 24.42 30.46 -11.16
N GLU B 255 25.61 29.89 -11.06
CA GLU B 255 26.37 29.93 -9.81
C GLU B 255 26.72 31.37 -9.45
N ARG B 256 27.05 32.19 -10.46
CA ARG B 256 27.44 33.58 -10.17
C ARG B 256 26.26 34.55 -10.01
N HIS B 257 25.17 34.31 -10.73
CA HIS B 257 24.12 35.31 -10.82
C HIS B 257 22.76 34.86 -10.27
N SER B 258 22.73 34.39 -9.04
CA SER B 258 21.47 33.93 -8.46
C SER B 258 21.19 34.47 -7.07
N GLU B 259 21.86 35.55 -6.71
CA GLU B 259 21.57 36.24 -5.47
C GLU B 259 20.27 37.02 -5.61
N PRO B 260 19.49 37.09 -4.52
CA PRO B 260 18.29 37.92 -4.46
C PRO B 260 18.60 39.37 -4.75
N GLY B 261 17.83 39.98 -5.66
CA GLY B 261 17.96 41.40 -5.93
C GLY B 261 18.96 41.81 -7.00
N SER B 262 19.82 40.89 -7.44
CA SER B 262 20.76 41.21 -8.51
C SER B 262 20.04 41.53 -9.82
N PRO B 263 20.73 42.25 -10.72
CA PRO B 263 20.15 42.61 -12.02
C PRO B 263 19.75 41.37 -12.84
N GLU B 264 20.63 40.37 -12.82
CA GLU B 264 20.41 39.12 -13.55
C GLU B 264 19.20 38.33 -13.05
N SER B 265 18.67 38.72 -11.90
CA SER B 265 17.52 38.00 -11.38
C SER B 265 16.29 38.35 -12.22
N SER B 266 16.45 39.28 -13.15
CA SER B 266 15.33 39.63 -14.04
C SER B 266 15.29 38.68 -15.22
N LEU B 267 16.28 37.80 -15.29
CA LEU B 267 16.38 36.85 -16.39
C LEU B 267 16.03 35.45 -15.95
N PHE B 268 15.32 34.73 -16.81
CA PHE B 268 14.97 33.34 -16.53
C PHE B 268 15.14 32.47 -17.78
N ALA B 269 15.90 31.39 -17.65
CA ALA B 269 16.14 30.49 -18.78
C ALA B 269 15.63 29.07 -18.54
N THR B 270 15.19 28.43 -19.61
CA THR B 270 14.73 27.05 -19.64
C THR B 270 15.49 26.34 -20.75
N PHE B 271 16.33 25.39 -20.40
CA PHE B 271 17.11 24.69 -21.40
C PHE B 271 16.58 23.28 -21.61
N PHE B 272 15.95 23.04 -22.75
CA PHE B 272 15.49 21.70 -23.11
C PHE B 272 16.63 20.95 -23.78
N VAL B 273 17.24 20.04 -23.04
CA VAL B 273 18.31 19.22 -23.54
C VAL B 273 17.67 17.94 -24.01
N ASN B 274 17.29 17.95 -25.27
CA ASN B 274 16.53 16.85 -25.86
C ASN B 274 17.40 15.66 -26.21
N HIS B 275 16.80 14.46 -26.17
CA HIS B 275 17.43 13.27 -26.70
C HIS B 275 17.71 13.52 -28.17
N VAL B 276 18.74 12.88 -28.70
CA VAL B 276 19.23 13.20 -30.04
C VAL B 276 18.19 12.97 -31.12
N SER B 277 17.23 12.08 -30.87
CA SER B 277 16.21 11.81 -31.89
C SER B 277 15.29 13.02 -32.18
N SER B 278 15.36 14.05 -31.34
CA SER B 278 14.64 15.30 -31.58
C SER B 278 15.39 16.26 -32.50
N GLY B 279 16.68 15.99 -32.71
CA GLY B 279 17.48 16.75 -33.64
C GLY B 279 18.02 18.04 -33.10
N VAL B 280 17.46 18.54 -31.99
CA VAL B 280 17.83 19.85 -31.48
C VAL B 280 17.85 19.95 -29.96
N LEU B 281 18.68 20.87 -29.46
CA LEU B 281 18.53 21.39 -28.11
C LEU B 281 17.80 22.71 -28.26
N GLN B 282 16.97 23.06 -27.28
CA GLN B 282 16.26 24.33 -27.38
C GLN B 282 16.38 25.15 -26.10
N LEU B 283 16.89 26.37 -26.22
CA LEU B 283 17.03 27.27 -25.09
C LEU B 283 15.94 28.36 -25.13
N MET B 284 15.17 28.52 -24.07
CA MET B 284 14.24 29.62 -23.99
C MET B 284 14.68 30.59 -22.90
N VAL B 285 14.63 31.88 -23.19
CA VAL B 285 15.06 32.87 -22.22
C VAL B 285 14.13 34.06 -22.22
N GLN B 286 13.77 34.54 -21.05
CA GLN B 286 13.02 35.78 -21.00
C GLN B 286 13.65 36.74 -20.00
N GLN B 287 13.54 38.03 -20.29
CA GLN B 287 13.97 39.05 -19.35
C GLN B 287 12.96 40.19 -19.23
N ASP B 288 12.76 40.65 -18.00
CA ASP B 288 11.95 41.83 -17.73
C ASP B 288 12.55 43.04 -18.49
N ALA B 289 11.77 43.60 -19.42
CA ALA B 289 12.23 44.73 -20.22
C ALA B 289 12.16 46.09 -19.51
N ASP B 290 11.44 46.17 -18.39
CA ASP B 290 11.41 47.39 -17.58
C ASP B 290 12.76 47.60 -16.89
N VAL B 291 13.30 46.50 -16.37
CA VAL B 291 14.59 46.50 -15.70
C VAL B 291 15.74 46.74 -16.69
N ASP B 292 15.64 46.13 -17.87
CA ASP B 292 16.70 46.16 -18.87
C ASP B 292 16.11 46.38 -20.27
N PRO B 293 15.86 47.64 -20.63
CA PRO B 293 15.16 48.00 -21.88
C PRO B 293 15.81 47.47 -23.17
N GLU B 294 17.12 47.27 -23.20
CA GLU B 294 17.77 46.77 -24.41
C GLU B 294 18.01 45.25 -24.40
N GLY B 295 17.75 44.62 -23.27
CA GLY B 295 17.93 43.19 -23.14
C GLY B 295 19.39 42.79 -23.23
N GLU B 296 20.26 43.62 -22.66
CA GLU B 296 21.70 43.39 -22.69
C GLU B 296 22.06 42.10 -21.98
N ILE B 297 21.51 41.93 -20.79
CA ILE B 297 21.82 40.76 -20.00
C ILE B 297 21.45 39.50 -20.76
N LEU B 298 20.26 39.51 -21.38
CA LEU B 298 19.82 38.37 -22.16
C LEU B 298 20.82 38.07 -23.30
N ALA B 299 21.16 39.10 -24.06
CA ALA B 299 22.07 38.94 -25.18
C ALA B 299 23.41 38.36 -24.75
N ARG B 300 23.96 38.90 -23.70
CA ARG B 300 25.22 38.49 -23.14
C ARG B 300 25.20 37.04 -22.64
N PHE B 301 24.15 36.64 -21.94
CA PHE B 301 23.96 35.26 -21.47
C PHE B 301 23.94 34.27 -22.63
N VAL B 302 23.11 34.58 -23.63
CA VAL B 302 22.97 33.70 -24.77
C VAL B 302 24.29 33.58 -25.53
N ALA B 303 24.96 34.70 -25.75
CA ALA B 303 26.21 34.68 -26.52
C ALA B 303 27.28 33.89 -25.76
N SER B 304 27.33 34.11 -24.46
CA SER B 304 28.36 33.49 -23.63
C SER B 304 28.21 31.99 -23.59
N LEU B 305 26.98 31.49 -23.73
CA LEU B 305 26.85 30.03 -23.73
C LEU B 305 27.69 29.32 -24.77
N THR B 306 27.80 29.89 -25.97
CA THR B 306 28.42 29.16 -27.09
C THR B 306 29.65 29.82 -27.72
N GLU B 307 30.17 30.88 -27.09
CA GLU B 307 31.23 31.67 -27.72
C GLU B 307 32.41 30.87 -28.27
N GLY B 308 33.04 30.06 -27.41
CA GLY B 308 34.27 29.40 -27.80
C GLY B 308 34.10 28.26 -28.77
N THR B 309 32.88 27.78 -28.90
CA THR B 309 32.59 26.55 -29.63
C THR B 309 32.28 26.81 -31.09
N GLY B 310 31.99 25.73 -31.83
CA GLY B 310 31.58 25.86 -33.21
C GLY B 310 30.08 25.91 -33.33
N VAL B 311 29.41 25.87 -32.18
CA VAL B 311 27.96 25.80 -32.15
C VAL B 311 27.29 27.15 -32.44
N VAL B 312 26.38 27.14 -33.41
CA VAL B 312 25.64 28.33 -33.80
C VAL B 312 24.13 28.09 -33.70
N GLY B 313 23.46 28.93 -32.92
CA GLY B 313 22.03 28.78 -32.71
C GLY B 313 21.18 29.63 -33.62
N ILE B 314 19.97 29.16 -33.92
CA ILE B 314 19.01 29.94 -34.66
C ILE B 314 17.99 30.53 -33.68
N PRO B 315 18.07 31.86 -33.50
CA PRO B 315 17.21 32.56 -32.55
C PRO B 315 15.94 33.09 -33.17
N ARG B 316 14.87 33.16 -32.37
CA ARG B 316 13.66 33.83 -32.77
C ARG B 316 13.05 34.46 -31.50
N GLY B 317 12.22 35.49 -31.66
CA GLY B 317 11.59 36.14 -30.54
C GLY B 317 11.54 37.66 -30.70
N GLY B 318 11.55 38.39 -29.59
CA GLY B 318 11.48 39.84 -29.62
C GLY B 318 11.04 40.44 -28.30
N VAL B 319 10.35 41.57 -28.36
CA VAL B 319 9.86 42.22 -27.17
C VAL B 319 8.34 42.19 -27.21
N MET B 320 7.73 41.64 -26.18
CA MET B 320 6.27 41.49 -26.20
C MET B 320 5.64 42.05 -24.94
N SER B 321 4.35 42.37 -25.02
CA SER B 321 3.61 42.77 -23.83
C SER B 321 3.54 41.57 -22.88
N TRP B 322 3.15 41.80 -21.64
CA TRP B 322 3.24 40.73 -20.65
C TRP B 322 2.44 39.44 -20.94
N LEU B 323 1.13 39.57 -21.17
CA LEU B 323 0.27 38.42 -21.38
C LEU B 323 0.71 37.63 -22.62
N THR B 324 0.97 38.34 -23.71
CA THR B 324 1.38 37.72 -24.95
C THR B 324 2.76 37.04 -24.84
N GLY B 325 3.72 37.72 -24.23
CA GLY B 325 5.05 37.16 -24.03
C GLY B 325 5.00 35.93 -23.15
N THR B 326 4.22 36.02 -22.08
CA THR B 326 4.08 34.90 -21.18
C THR B 326 3.50 33.69 -21.92
N ARG B 327 2.46 33.90 -22.71
CA ARG B 327 1.86 32.77 -23.44
C ARG B 327 2.82 32.22 -24.50
N TYR B 328 3.60 33.09 -25.11
CA TYR B 328 4.57 32.67 -26.10
C TYR B 328 5.59 31.70 -25.50
N MET B 329 5.96 31.93 -24.25
CA MET B 329 6.93 31.11 -23.52
C MET B 329 6.31 29.86 -22.87
N SER B 330 4.97 29.86 -22.72
CA SER B 330 4.22 28.84 -21.95
C SER B 330 3.79 27.61 -22.74
N GLN B 331 3.43 26.56 -21.98
CA GLN B 331 2.83 25.33 -22.49
C GLN B 331 1.33 25.25 -22.14
N ALA B 332 0.47 25.17 -23.16
CA ALA B 332 -0.96 25.03 -22.92
C ALA B 332 -1.47 23.59 -23.10
N ASP B 333 -2.75 23.39 -22.76
CA ASP B 333 -3.41 22.09 -22.90
C ASP B 333 -3.85 21.84 -24.35
N CYS B 334 -2.87 21.69 -25.24
CA CYS B 334 -3.12 21.42 -26.65
C CYS B 334 -1.97 20.61 -27.25
N GLY B 335 -2.24 19.96 -28.37
CA GLY B 335 -1.20 19.24 -29.11
C GLY B 335 -0.69 17.98 -28.42
N ASP B 336 0.59 17.68 -28.65
CA ASP B 336 1.18 16.38 -28.29
C ASP B 336 1.43 16.10 -26.80
N VAL B 337 1.24 17.11 -25.96
CA VAL B 337 1.30 16.93 -24.51
C VAL B 337 0.00 16.34 -23.93
N MET B 338 -1.03 16.23 -24.77
CA MET B 338 -2.33 15.72 -24.35
C MET B 338 -2.45 14.20 -24.57
N GLY B 339 -3.09 13.52 -23.61
CA GLY B 339 -3.31 12.07 -23.70
C GLY B 339 -2.10 11.15 -23.58
N ALA B 340 -0.94 11.70 -23.22
CA ALA B 340 0.29 10.93 -23.20
C ALA B 340 0.55 10.30 -21.84
N ARG B 341 1.33 9.23 -21.87
CA ARG B 341 1.85 8.63 -20.67
C ARG B 341 3.20 9.31 -20.41
N SER B 342 3.50 9.61 -19.15
CA SER B 342 4.78 10.26 -18.84
C SER B 342 5.38 9.85 -17.51
N ALA B 343 6.67 10.11 -17.37
CA ALA B 343 7.37 9.92 -16.12
C ALA B 343 8.37 11.05 -15.98
N SER B 344 8.58 11.50 -14.75
CA SER B 344 9.51 12.59 -14.53
C SER B 344 10.21 12.45 -13.19
N LYS B 345 11.42 12.99 -13.12
CA LYS B 345 12.19 13.00 -11.90
C LYS B 345 12.70 14.43 -11.71
N SER B 346 13.14 14.76 -10.50
CA SER B 346 13.57 16.13 -10.24
C SER B 346 14.90 16.19 -9.52
N ALA B 347 15.60 17.30 -9.67
CA ALA B 347 16.76 17.57 -8.84
C ALA B 347 16.94 19.06 -8.60
N TYR B 348 17.31 19.42 -7.38
CA TYR B 348 17.79 20.76 -7.09
C TYR B 348 19.32 20.78 -7.21
N HIS B 349 19.87 21.75 -7.93
CA HIS B 349 21.32 21.93 -8.00
C HIS B 349 21.77 23.23 -7.30
N ARG B 350 22.69 23.05 -6.36
CA ARG B 350 23.34 24.13 -5.62
C ARG B 350 24.63 24.57 -6.30
N ALA B 351 25.18 23.72 -7.15
CA ALA B 351 26.40 24.03 -7.89
C ALA B 351 26.38 23.21 -9.17
N ALA B 352 27.34 23.47 -10.05
CA ALA B 352 27.42 22.76 -11.32
C ALA B 352 27.72 21.28 -11.14
N PRO B 353 27.14 20.44 -12.01
CA PRO B 353 27.54 19.03 -12.07
C PRO B 353 28.99 18.95 -12.50
N THR B 354 29.68 17.85 -12.17
CA THR B 354 31.01 17.59 -12.69
C THR B 354 30.93 17.36 -14.19
N ASP B 355 32.07 17.46 -14.86
CA ASP B 355 32.13 17.19 -16.31
C ASP B 355 31.79 15.72 -16.62
N GLU B 356 32.20 14.82 -15.73
CA GLU B 356 31.92 13.38 -15.90
C GLU B 356 30.41 13.14 -15.91
N GLN B 357 29.71 13.78 -14.97
CA GLN B 357 28.24 13.72 -14.97
C GLN B 357 27.68 14.21 -16.30
N LEU B 358 28.17 15.36 -16.77
CA LEU B 358 27.72 15.91 -18.05
C LEU B 358 27.99 14.95 -19.23
N SER B 359 29.08 14.18 -19.15
CA SER B 359 29.40 13.17 -20.17
C SER B 359 28.43 12.00 -20.14
N VAL B 360 28.12 11.54 -18.94
CA VAL B 360 27.05 10.56 -18.75
C VAL B 360 25.73 11.03 -19.40
N LEU B 361 25.34 12.27 -19.10
CA LEU B 361 24.14 12.84 -19.70
C LEU B 361 24.21 12.77 -21.24
N HIS B 362 25.32 13.23 -21.81
CA HIS B 362 25.50 13.20 -23.26
C HIS B 362 25.27 11.79 -23.81
N ARG B 363 25.93 10.82 -23.19
CA ARG B 363 25.87 9.47 -23.68
C ARG B 363 24.42 8.96 -23.67
N HIS B 364 23.73 9.14 -22.56
CA HIS B 364 22.33 8.70 -22.54
C HIS B 364 21.43 9.42 -23.54
N LEU B 365 21.73 10.69 -23.82
CA LEU B 365 20.99 11.44 -24.83
C LEU B 365 21.26 10.89 -26.23
N HIS B 366 22.34 10.10 -26.38
CA HIS B 366 22.60 9.51 -27.70
C HIS B 366 22.23 8.03 -27.85
N ALA B 367 21.69 7.44 -26.81
CA ALA B 367 21.34 6.05 -26.84
C ALA B 367 20.27 5.77 -27.82
N ASP B 368 20.28 4.57 -28.37
CA ASP B 368 19.26 4.17 -29.30
C ASP B 368 17.98 4.03 -28.51
N HIS B 369 17.04 4.91 -28.78
CA HIS B 369 15.86 5.05 -27.95
C HIS B 369 14.90 5.99 -28.68
N PRO B 370 13.59 5.72 -28.61
CA PRO B 370 12.58 6.62 -29.20
C PRO B 370 12.25 7.80 -28.27
N GLY B 371 13.05 8.85 -28.38
CA GLY B 371 13.03 9.94 -27.46
C GLY B 371 12.57 11.26 -27.96
N GLN B 372 11.56 11.27 -28.79
CA GLN B 372 11.10 12.48 -29.35
C GLN B 372 10.39 13.35 -28.35
N ALA B 373 10.07 12.78 -27.22
CA ALA B 373 9.56 13.54 -26.12
C ALA B 373 10.33 13.14 -24.90
N SER B 374 11.62 12.92 -25.06
CA SER B 374 12.47 12.57 -23.92
C SER B 374 13.55 13.63 -23.78
N TYR B 375 13.64 14.23 -22.61
CA TYR B 375 14.61 15.31 -22.45
C TYR B 375 14.92 15.59 -21.01
N VAL B 376 15.93 16.42 -20.79
CA VAL B 376 16.15 16.98 -19.46
C VAL B 376 16.01 18.49 -19.55
N MET B 377 15.12 19.04 -18.75
CA MET B 377 14.89 20.47 -18.75
C MET B 377 15.66 21.08 -17.56
N PHE B 378 16.50 22.05 -17.84
CA PHE B 378 17.18 22.79 -16.77
C PHE B 378 16.64 24.23 -16.66
N ASN B 379 16.12 24.60 -15.50
CA ASN B 379 15.56 25.92 -15.28
C ASN B 379 16.39 26.79 -14.35
N SER B 380 16.54 28.06 -14.70
CA SER B 380 17.09 29.02 -13.75
C SER B 380 16.33 28.94 -12.43
N TYR B 381 17.03 29.09 -11.31
CA TYR B 381 16.40 29.03 -10.00
C TYR B 381 17.05 30.09 -9.11
N GLY B 382 16.69 30.14 -7.84
CA GLY B 382 17.32 31.07 -6.93
C GLY B 382 16.75 32.47 -6.99
N GLY B 383 17.63 33.47 -7.01
CA GLY B 383 17.21 34.85 -6.89
C GLY B 383 16.31 35.02 -5.68
N GLU B 384 15.18 35.69 -5.87
CA GLU B 384 14.28 36.00 -4.78
C GLU B 384 13.91 34.76 -3.95
N ILE B 385 13.90 33.59 -4.60
CA ILE B 385 13.54 32.35 -3.89
C ILE B 385 14.41 32.13 -2.67
N ASN B 386 15.69 32.47 -2.81
CA ASN B 386 16.69 32.23 -1.78
C ASN B 386 16.75 33.29 -0.70
N ARG B 387 15.83 34.25 -0.73
CA ARG B 387 15.76 35.24 0.34
C ARG B 387 15.35 34.64 1.69
N ARG B 388 14.39 33.72 1.66
CA ARG B 388 13.85 33.09 2.86
C ARG B 388 14.76 31.98 3.43
N GLY B 389 14.56 31.65 4.71
CA GLY B 389 15.27 30.54 5.35
C GLY B 389 14.54 29.22 5.16
N PRO B 390 15.26 28.11 5.25
CA PRO B 390 14.66 26.79 4.99
C PRO B 390 13.45 26.46 5.86
N SER B 391 13.34 27.02 7.07
CA SER B 391 12.25 26.63 7.96
C SER B 391 11.03 27.55 7.85
N ASP B 392 11.14 28.62 7.06
CA ASP B 392 10.07 29.62 6.95
C ASP B 392 8.82 29.11 6.26
N ALA B 393 9.01 28.19 5.31
CA ALA B 393 7.87 27.52 4.70
C ALA B 393 8.19 26.04 4.72
N ALA B 394 7.23 25.22 4.35
CA ALA B 394 7.47 23.78 4.33
C ALA B 394 8.54 23.41 3.27
N VAL B 395 8.69 24.24 2.25
CA VAL B 395 9.74 24.04 1.25
C VAL B 395 11.11 24.39 1.82
N PRO B 396 12.03 23.42 1.82
CA PRO B 396 13.34 23.55 2.47
C PRO B 396 14.48 24.10 1.60
N GLN B 397 14.36 23.98 0.28
CA GLN B 397 15.49 24.30 -0.60
C GLN B 397 15.58 25.79 -0.86
N ARG B 398 16.46 26.46 -0.13
CA ARG B 398 16.52 27.90 -0.24
C ARG B 398 17.87 28.42 -0.66
N ASP B 399 18.69 27.58 -1.30
CA ASP B 399 19.99 28.04 -1.81
C ASP B 399 20.43 27.37 -3.11
N SER B 400 19.48 26.79 -3.85
CA SER B 400 19.80 26.18 -5.13
C SER B 400 19.78 27.25 -6.21
N VAL B 401 20.45 26.99 -7.33
CA VAL B 401 20.56 27.96 -8.40
C VAL B 401 20.04 27.41 -9.72
N VAL B 402 19.97 26.09 -9.84
CA VAL B 402 19.31 25.52 -11.01
C VAL B 402 18.38 24.38 -10.61
N LYS B 403 17.28 24.23 -11.33
CA LYS B 403 16.29 23.19 -11.02
C LYS B 403 16.12 22.32 -12.25
N SER B 404 16.24 21.00 -12.11
CA SER B 404 16.12 20.13 -13.28
C SER B 404 14.92 19.18 -13.21
N SER B 405 14.36 18.92 -14.38
CA SER B 405 13.25 18.00 -14.56
C SER B 405 13.66 16.99 -15.64
N TRP B 406 13.64 15.71 -15.29
CA TRP B 406 14.10 14.63 -16.15
C TRP B 406 12.86 13.90 -16.67
N PHE B 407 12.63 13.94 -17.97
CA PHE B 407 11.31 13.69 -18.48
C PHE B 407 11.23 12.72 -19.66
N SER B 408 10.21 11.89 -19.64
CA SER B 408 9.90 11.12 -20.83
C SER B 408 8.39 10.92 -20.97
N ALA B 409 7.92 11.10 -22.20
CA ALA B 409 6.50 10.94 -22.52
C ALA B 409 6.39 10.02 -23.74
N TRP B 410 5.29 9.28 -23.81
CA TRP B 410 5.11 8.31 -24.87
C TRP B 410 3.63 7.93 -24.91
N GLN B 411 3.24 7.09 -25.87
CA GLN B 411 1.83 6.79 -26.11
C GLN B 411 1.32 5.44 -25.68
N ASP B 412 2.10 4.39 -25.95
CA ASP B 412 1.60 3.02 -25.76
C ASP B 412 2.02 2.41 -24.44
N ALA B 413 1.04 1.87 -23.71
CA ALA B 413 1.32 1.23 -22.42
C ALA B 413 2.40 0.14 -22.53
N GLU B 414 2.39 -0.60 -23.63
CA GLU B 414 3.37 -1.64 -23.89
C GLU B 414 4.82 -1.15 -23.85
N LEU B 415 5.02 0.17 -23.91
CA LEU B 415 6.37 0.76 -23.90
C LEU B 415 6.78 1.40 -22.54
N ASP B 416 5.91 1.29 -21.53
CA ASP B 416 6.21 1.84 -20.20
C ASP B 416 7.61 1.41 -19.73
N GLU B 417 7.84 0.10 -19.69
CA GLU B 417 9.10 -0.42 -19.21
C GLU B 417 10.28 0.15 -19.97
N LEU B 418 10.13 0.33 -21.29
CA LEU B 418 11.22 0.88 -22.08
C LEU B 418 11.54 2.30 -21.58
N HIS B 419 10.51 3.13 -21.47
CA HIS B 419 10.76 4.54 -21.16
C HIS B 419 11.24 4.73 -19.71
N LEU B 420 10.57 4.08 -18.76
CA LEU B 420 11.04 4.11 -17.39
C LEU B 420 12.50 3.65 -17.36
N GLY B 421 12.80 2.61 -18.14
CA GLY B 421 14.14 2.08 -18.20
C GLY B 421 15.16 3.15 -18.55
N TRP B 422 14.84 3.94 -19.58
CA TRP B 422 15.78 4.93 -20.05
C TRP B 422 15.92 6.01 -18.95
N LEU B 423 14.79 6.44 -18.40
CA LEU B 423 14.82 7.54 -17.46
C LEU B 423 15.68 7.14 -16.25
N ARG B 424 15.30 6.02 -15.67
CA ARG B 424 16.02 5.49 -14.52
C ARG B 424 17.50 5.38 -14.86
N GLY B 425 17.80 4.81 -16.03
CA GLY B 425 19.17 4.55 -16.42
C GLY B 425 19.98 5.84 -16.36
N LEU B 426 19.39 6.92 -16.87
CA LEU B 426 20.11 8.18 -16.96
C LEU B 426 20.26 8.78 -15.56
N TYR B 427 19.15 8.83 -14.83
CA TYR B 427 19.09 9.61 -13.61
C TYR B 427 20.06 8.95 -12.62
N GLU B 428 19.83 7.66 -12.41
CA GLU B 428 20.68 6.87 -11.51
C GLU B 428 22.15 6.86 -11.90
N GLU B 429 22.47 6.98 -13.19
CA GLU B 429 23.90 6.97 -13.50
C GLU B 429 24.49 8.37 -13.27
N PHE B 430 23.68 9.39 -13.54
CA PHE B 430 24.14 10.78 -13.44
C PHE B 430 24.46 11.06 -11.97
N PHE B 431 23.62 10.53 -11.08
CA PHE B 431 23.84 10.68 -9.64
C PHE B 431 24.45 9.44 -8.96
N ALA B 432 25.18 8.63 -9.73
CA ALA B 432 25.74 7.38 -9.21
C ALA B 432 26.64 7.62 -8.00
N GLY B 433 27.38 8.72 -8.05
CA GLY B 433 28.26 9.09 -6.95
C GLY B 433 27.56 9.20 -5.60
N THR B 434 26.27 9.49 -5.62
CA THR B 434 25.54 9.63 -4.36
C THR B 434 24.32 8.70 -4.32
N GLY B 435 24.53 7.42 -4.63
CA GLY B 435 23.50 6.41 -4.53
C GLY B 435 22.37 6.49 -5.53
N GLY B 436 22.60 7.17 -6.65
CA GLY B 436 21.56 7.29 -7.68
C GLY B 436 20.51 8.36 -7.47
N VAL B 437 20.61 9.14 -6.40
CA VAL B 437 19.71 10.27 -6.21
C VAL B 437 20.47 11.57 -5.92
N PRO B 438 19.79 12.70 -6.11
CA PRO B 438 20.44 13.97 -5.77
C PRO B 438 20.30 14.26 -4.27
N VAL B 439 21.21 13.69 -3.48
CA VAL B 439 21.14 13.82 -2.04
C VAL B 439 21.19 15.28 -1.63
N THR B 440 20.73 15.57 -0.42
CA THR B 440 20.73 16.95 0.06
C THR B 440 22.11 17.35 0.61
N GLY B 441 22.39 18.65 0.60
CA GLY B 441 23.56 19.20 1.28
C GLY B 441 24.90 19.12 0.58
N GLY B 442 24.89 18.77 -0.70
CA GLY B 442 26.14 18.74 -1.46
C GLY B 442 26.05 19.63 -2.69
N ARG B 443 26.41 19.06 -3.83
CA ARG B 443 26.19 19.72 -5.12
C ARG B 443 24.69 19.86 -5.40
N THR B 444 23.88 19.01 -4.76
CA THR B 444 22.44 19.01 -4.99
C THR B 444 21.70 19.27 -3.69
N ASP B 445 20.39 19.46 -3.76
CA ASP B 445 19.60 19.63 -2.54
C ASP B 445 18.24 18.94 -2.64
N GLY B 446 18.25 17.73 -3.18
CA GLY B 446 17.06 16.88 -3.12
C GLY B 446 16.08 17.14 -4.25
N CYS B 447 14.78 17.03 -3.95
CA CYS B 447 13.74 16.94 -4.97
C CYS B 447 12.53 17.81 -4.65
N TYR B 448 11.69 18.00 -5.66
CA TYR B 448 10.56 18.91 -5.56
C TYR B 448 9.27 18.09 -5.54
N ILE B 449 8.50 18.21 -4.46
CA ILE B 449 7.34 17.35 -4.23
C ILE B 449 6.30 17.45 -5.35
N ASN B 450 6.31 18.56 -6.08
CA ASN B 450 5.39 18.69 -7.21
C ASN B 450 5.84 17.94 -8.47
N TYR B 451 7.04 17.35 -8.43
CA TYR B 451 7.46 16.35 -9.42
C TYR B 451 7.68 15.02 -8.70
N PRO B 452 6.63 14.47 -8.08
CA PRO B 452 6.80 13.32 -7.20
C PRO B 452 7.32 12.11 -7.95
N ASP B 453 8.19 11.34 -7.31
CA ASP B 453 8.82 10.19 -7.97
C ASP B 453 8.80 8.96 -7.04
N ALA B 454 7.90 8.02 -7.34
CA ALA B 454 7.76 6.82 -6.51
C ALA B 454 9.01 5.94 -6.46
N ASP B 455 9.88 6.06 -7.47
CA ASP B 455 11.12 5.29 -7.46
C ASP B 455 11.97 5.58 -6.20
N LEU B 456 11.83 6.76 -5.61
CA LEU B 456 12.61 7.09 -4.43
C LEU B 456 12.28 6.19 -3.25
N LEU B 457 11.17 5.45 -3.35
CA LEU B 457 10.77 4.53 -2.29
C LEU B 457 11.43 3.17 -2.39
N ASP B 458 12.20 2.93 -3.46
CA ASP B 458 12.68 1.58 -3.75
C ASP B 458 14.19 1.48 -3.68
N PRO B 459 14.70 0.60 -2.81
CA PRO B 459 16.14 0.41 -2.61
C PRO B 459 16.89 0.11 -3.90
N ALA B 460 16.31 -0.57 -4.86
CA ALA B 460 16.97 -0.75 -6.13
C ALA B 460 17.23 0.56 -6.87
N ARG B 461 16.36 1.53 -6.72
CA ARG B 461 16.53 2.84 -7.31
C ARG B 461 17.34 3.80 -6.46
N ASN B 462 17.16 3.75 -5.16
CA ASN B 462 17.73 4.69 -4.21
C ASN B 462 18.68 4.05 -3.22
N ARG B 463 19.96 4.12 -3.51
CA ARG B 463 20.98 3.57 -2.67
C ARG B 463 21.65 4.58 -1.75
N SER B 464 21.16 5.81 -1.69
CA SER B 464 21.71 6.81 -0.79
C SER B 464 21.24 6.40 0.59
N GLY B 465 21.61 7.09 1.60
CA GLY B 465 20.89 6.78 2.80
C GLY B 465 19.51 7.39 2.91
N GLU B 466 19.17 8.31 2.02
CA GLU B 466 18.13 9.26 2.23
C GLU B 466 16.74 8.83 1.84
N PRO B 467 15.80 8.95 2.76
CA PRO B 467 14.42 8.61 2.46
C PRO B 467 13.68 9.68 1.69
N TRP B 468 12.65 9.28 0.97
CA TRP B 468 11.94 10.22 0.12
C TRP B 468 11.60 11.51 0.90
N HIS B 469 11.10 11.35 2.12
CA HIS B 469 10.60 12.50 2.86
C HIS B 469 11.74 13.45 3.22
N HIS B 470 12.97 12.95 3.25
CA HIS B 470 14.09 13.86 3.52
C HIS B 470 14.57 14.57 2.27
N LEU B 471 14.51 13.89 1.11
CA LEU B 471 14.84 14.52 -0.15
C LEU B 471 13.83 15.63 -0.49
N TYR B 472 12.59 15.44 -0.08
CA TYR B 472 11.57 16.42 -0.42
C TYR B 472 11.43 17.51 0.63
N TYR B 473 11.55 17.14 1.90
CA TYR B 473 11.18 18.08 2.95
C TYR B 473 12.34 18.41 3.89
N LYS B 474 13.44 17.68 3.75
CA LYS B 474 14.55 17.79 4.70
C LYS B 474 14.08 17.91 6.15
N ASP B 475 14.61 18.87 6.89
CA ASP B 475 14.31 18.94 8.33
C ASP B 475 12.93 19.50 8.66
N ASN B 476 12.10 19.75 7.65
CA ASN B 476 10.73 20.19 7.87
C ASN B 476 9.75 19.03 8.04
N TYR B 477 10.26 17.81 7.90
CA TYR B 477 9.36 16.65 7.92
C TYR B 477 8.70 16.51 9.28
N ALA B 478 9.48 16.65 10.35
CA ALA B 478 8.94 16.47 11.69
C ALA B 478 7.73 17.37 11.93
N ARG B 479 7.90 18.64 11.58
CA ARG B 479 6.85 19.62 11.76
C ARG B 479 5.63 19.30 10.89
N LEU B 480 5.87 18.83 9.66
CA LEU B 480 4.75 18.40 8.82
C LEU B 480 3.98 17.24 9.45
N ARG B 481 4.72 16.30 10.03
CA ARG B 481 4.11 15.14 10.71
C ARG B 481 3.23 15.56 11.89
N SER B 482 3.74 16.46 12.74
CA SER B 482 2.90 17.00 13.81
C SER B 482 1.63 17.62 13.24
N ALA B 483 1.79 18.44 12.20
CA ALA B 483 0.61 19.06 11.59
C ALA B 483 -0.39 18.01 11.10
N LYS B 484 0.14 16.93 10.53
CA LYS B 484 -0.67 15.84 10.02
C LYS B 484 -1.47 15.17 11.14
N ARG B 485 -0.80 14.85 12.24
CA ARG B 485 -1.45 14.27 13.41
C ARG B 485 -2.54 15.17 13.97
N ALA B 486 -2.24 16.45 14.05
CA ALA B 486 -3.17 17.43 14.57
C ALA B 486 -4.42 17.61 13.71
N TRP B 487 -4.23 17.61 12.40
CA TRP B 487 -5.28 17.95 11.48
C TRP B 487 -5.86 16.82 10.62
N ASP B 488 -5.18 15.70 10.54
CA ASP B 488 -5.67 14.54 9.80
C ASP B 488 -5.35 13.34 10.62
N PRO B 489 -5.91 13.25 11.82
CA PRO B 489 -5.59 12.16 12.73
C PRO B 489 -6.13 10.82 12.30
N LEU B 490 -7.21 10.77 11.58
CA LEU B 490 -7.69 9.53 11.04
C LEU B 490 -6.96 9.08 9.78
N ASN B 491 -6.11 9.91 9.24
CA ASN B 491 -5.44 9.68 7.95
C ASN B 491 -6.46 9.53 6.83
N THR B 492 -7.45 10.42 6.81
CA THR B 492 -8.46 10.42 5.78
C THR B 492 -7.85 10.67 4.40
N PHE B 493 -6.82 11.50 4.36
CA PHE B 493 -6.16 11.89 3.11
C PHE B 493 -4.78 11.27 3.02
N HIS B 494 -4.60 10.36 2.07
CA HIS B 494 -3.36 9.61 1.97
C HIS B 494 -3.14 9.15 0.55
N HIS B 495 -1.89 8.86 0.25
CA HIS B 495 -1.50 8.28 -1.03
C HIS B 495 -0.11 7.70 -0.90
N SER B 496 0.47 7.25 -2.00
CA SER B 496 1.73 6.51 -1.89
C SER B 496 2.89 7.35 -1.35
N MET B 497 2.76 8.67 -1.39
CA MET B 497 3.82 9.52 -0.87
C MET B 497 3.27 10.62 0.04
N SER B 498 2.29 10.25 0.86
CA SER B 498 1.69 11.21 1.76
C SER B 498 2.43 11.24 3.10
N ILE B 499 2.47 12.40 3.73
CA ILE B 499 3.11 12.57 5.02
C ILE B 499 2.54 11.57 6.01
N GLY B 500 3.43 10.80 6.64
CA GLY B 500 3.03 9.79 7.62
C GLY B 500 2.59 10.33 8.96
N LEU B 501 1.58 9.70 9.56
CA LEU B 501 1.13 10.07 10.91
C LEU B 501 2.29 9.95 11.91
N PRO C 9 -16.95 44.16 -12.45
CA PRO C 9 -16.66 45.59 -12.50
C PRO C 9 -16.29 46.05 -13.88
N PRO C 10 -17.06 46.96 -14.47
CA PRO C 10 -16.68 47.60 -15.73
C PRO C 10 -15.64 48.64 -15.47
N PHE C 11 -14.61 48.73 -16.29
CA PHE C 11 -13.64 49.77 -16.13
C PHE C 11 -13.04 50.25 -17.42
N THR C 12 -12.28 51.31 -17.31
CA THR C 12 -11.71 51.97 -18.48
C THR C 12 -10.19 51.99 -18.45
N VAL C 13 -9.58 51.74 -19.61
CA VAL C 13 -8.12 51.75 -19.74
C VAL C 13 -7.66 52.80 -20.76
N GLY C 14 -7.13 53.92 -20.26
CA GLY C 14 -6.63 54.98 -21.12
C GLY C 14 -5.16 54.82 -21.47
N ARG C 15 -4.62 55.75 -22.26
CA ARG C 15 -3.24 55.65 -22.75
C ARG C 15 -2.15 55.65 -21.67
N GLU C 16 -2.44 56.23 -20.51
CA GLU C 16 -1.45 56.31 -19.44
C GLU C 16 -1.42 55.06 -18.55
N ASP C 17 -2.45 54.21 -18.67
CA ASP C 17 -2.58 52.96 -17.92
C ASP C 17 -1.67 51.86 -18.50
N PRO C 18 -0.91 51.17 -17.65
CA PRO C 18 0.06 50.17 -18.14
C PRO C 18 -0.58 48.98 -18.89
N ARG C 19 -1.86 48.72 -18.65
CA ARG C 19 -2.58 47.64 -19.36
C ARG C 19 -2.83 47.96 -20.82
N TYR C 20 -2.78 49.24 -21.13
CA TYR C 20 -2.97 49.72 -22.49
C TYR C 20 -2.05 48.98 -23.47
N ILE C 21 -0.77 48.87 -23.12
CA ILE C 21 0.19 48.21 -24.00
C ILE C 21 -0.30 46.84 -24.45
N GLU C 22 -0.87 46.09 -23.52
CA GLU C 22 -1.28 44.74 -23.89
C GLU C 22 -2.54 44.82 -24.72
N LEU C 23 -3.46 45.69 -24.33
CA LEU C 23 -4.72 45.78 -25.03
C LEU C 23 -4.56 46.27 -26.46
N SER C 24 -3.44 46.96 -26.73
CA SER C 24 -3.20 47.57 -28.04
C SER C 24 -2.77 46.58 -29.08
N HIS C 25 -2.60 45.32 -28.67
CA HIS C 25 -2.27 44.25 -29.60
C HIS C 25 -3.43 43.28 -29.62
N SER C 26 -3.92 42.97 -30.83
CA SER C 26 -4.72 41.77 -31.04
C SER C 26 -3.76 40.63 -31.40
N ASP C 27 -4.31 39.47 -31.76
CA ASP C 27 -3.47 38.30 -32.02
C ASP C 27 -2.49 38.56 -33.18
N ASN C 28 -2.97 39.14 -34.26
CA ASN C 28 -2.09 39.45 -35.37
C ASN C 28 -1.34 40.76 -35.13
N HIS C 29 -0.02 40.64 -34.93
CA HIS C 29 0.82 41.78 -34.54
C HIS C 29 1.19 42.71 -35.71
N ARG C 30 0.68 42.46 -36.91
CA ARG C 30 0.90 43.41 -38.00
C ARG C 30 0.10 44.67 -37.78
N PHE C 31 -0.96 44.57 -37.00
CA PHE C 31 -1.87 45.68 -36.82
C PHE C 31 -1.89 46.11 -35.37
N VAL C 32 -2.07 47.41 -35.15
CA VAL C 32 -2.13 47.92 -33.80
C VAL C 32 -3.50 48.56 -33.54
N VAL C 33 -3.98 48.45 -32.31
CA VAL C 33 -5.26 49.03 -31.92
C VAL C 33 -5.01 50.12 -30.90
N GLU C 34 -5.10 51.38 -31.31
CA GLU C 34 -4.72 52.46 -30.40
C GLU C 34 -5.77 53.54 -30.27
N PRO C 35 -6.85 53.25 -29.52
CA PRO C 35 -7.89 54.25 -29.29
C PRO C 35 -7.50 55.21 -28.17
N GLU C 36 -8.34 56.20 -27.89
CA GLU C 36 -8.11 57.05 -26.73
C GLU C 36 -8.30 56.24 -25.46
N GLU C 37 -9.23 55.30 -25.51
CA GLU C 37 -9.47 54.41 -24.38
C GLU C 37 -10.12 53.08 -24.76
N PHE C 38 -9.83 52.05 -23.96
CA PHE C 38 -10.57 50.80 -24.03
C PHE C 38 -11.62 50.79 -22.94
N PHE C 39 -12.79 50.26 -23.25
CA PHE C 39 -13.77 50.03 -22.20
C PHE C 39 -14.01 48.53 -22.04
N LEU C 40 -13.89 48.04 -20.81
CA LEU C 40 -14.16 46.65 -20.47
C LEU C 40 -15.45 46.51 -19.66
N PRO C 41 -16.56 46.23 -20.35
CA PRO C 41 -17.92 46.12 -19.80
C PRO C 41 -18.12 44.78 -19.12
N ALA C 42 -18.98 44.71 -18.12
CA ALA C 42 -19.25 43.45 -17.43
C ALA C 42 -20.62 42.87 -17.79
N THR C 43 -21.48 43.69 -18.40
CA THR C 43 -22.84 43.29 -18.72
C THR C 43 -23.25 43.96 -20.02
N PRO C 44 -24.31 43.45 -20.65
CA PRO C 44 -24.87 44.11 -21.85
C PRO C 44 -25.28 45.58 -21.60
N ASP C 45 -25.86 45.85 -20.43
CA ASP C 45 -26.20 47.23 -20.07
C ASP C 45 -24.99 48.16 -20.13
N ASP C 46 -23.84 47.67 -19.65
CA ASP C 46 -22.60 48.46 -19.70
C ASP C 46 -22.26 48.81 -21.16
N VAL C 47 -22.37 47.81 -22.02
CA VAL C 47 -22.14 48.00 -23.46
C VAL C 47 -23.04 49.10 -23.99
N VAL C 48 -24.34 49.00 -23.69
CA VAL C 48 -25.31 49.98 -24.19
C VAL C 48 -25.03 51.40 -23.70
N ALA C 49 -24.81 51.57 -22.40
CA ALA C 49 -24.48 52.88 -21.85
C ALA C 49 -23.21 53.48 -22.47
N SER C 50 -22.18 52.65 -22.62
CA SER C 50 -20.91 53.07 -23.23
C SER C 50 -21.07 53.53 -24.68
N LEU C 51 -21.71 52.71 -25.50
CA LEU C 51 -21.99 53.10 -26.88
C LEU C 51 -22.81 54.39 -26.94
N GLN C 52 -23.84 54.49 -26.10
CA GLN C 52 -24.65 55.69 -26.07
C GLN C 52 -23.80 56.94 -25.83
N LYS C 53 -23.08 56.95 -24.71
CA LYS C 53 -22.15 58.04 -24.45
C LYS C 53 -21.31 58.36 -25.68
N ALA C 54 -20.70 57.33 -26.30
CA ALA C 54 -19.80 57.57 -27.41
C ALA C 54 -20.45 58.19 -28.64
N VAL C 55 -21.53 57.59 -29.13
CA VAL C 55 -22.21 58.10 -30.34
C VAL C 55 -22.84 59.47 -30.12
N THR C 56 -23.34 59.71 -28.91
CA THR C 56 -23.90 61.03 -28.59
C THR C 56 -22.85 62.13 -28.73
N GLU C 57 -21.64 61.85 -28.26
CA GLU C 57 -20.52 62.80 -28.33
C GLU C 57 -19.78 62.74 -29.67
N GLY C 58 -20.34 62.00 -30.64
CA GLY C 58 -19.72 61.85 -31.95
C GLY C 58 -18.44 61.03 -32.04
N ARG C 59 -18.09 60.30 -30.98
CA ARG C 59 -16.86 59.51 -30.97
C ARG C 59 -16.97 58.20 -31.77
N GLY C 60 -15.92 57.87 -32.52
CA GLY C 60 -15.91 56.65 -33.31
C GLY C 60 -15.65 55.43 -32.44
N VAL C 61 -16.36 54.33 -32.71
CA VAL C 61 -16.24 53.10 -31.91
C VAL C 61 -16.01 51.83 -32.71
N ALA C 62 -15.57 50.79 -32.01
CA ALA C 62 -15.45 49.42 -32.51
C ALA C 62 -15.38 48.48 -31.32
N CYS C 63 -15.63 47.20 -31.55
CA CYS C 63 -15.49 46.23 -30.48
C CYS C 63 -14.52 45.12 -30.85
N ARG C 64 -14.10 44.38 -29.83
CA ARG C 64 -13.23 43.24 -29.99
C ARG C 64 -13.66 42.15 -29.01
N SER C 65 -13.71 40.92 -29.51
CA SER C 65 -13.98 39.80 -28.62
C SER C 65 -12.68 39.00 -28.38
N GLY C 66 -12.34 38.11 -29.31
CA GLY C 66 -11.19 37.24 -29.13
C GLY C 66 -9.90 37.79 -29.71
N GLY C 67 -10.02 38.82 -30.55
CA GLY C 67 -8.86 39.45 -31.14
C GLY C 67 -8.15 38.67 -32.24
N HIS C 68 -8.81 37.67 -32.80
CA HIS C 68 -8.27 36.88 -33.89
C HIS C 68 -8.44 37.34 -35.32
N CYS C 69 -9.02 38.50 -35.50
CA CYS C 69 -9.21 39.07 -36.82
C CYS C 69 -7.96 38.97 -37.69
N GLY C 70 -8.13 38.49 -38.91
CA GLY C 70 -7.04 38.42 -39.86
C GLY C 70 -6.61 39.77 -40.44
N GLN C 71 -7.47 40.78 -40.30
CA GLN C 71 -7.17 42.14 -40.77
C GLN C 71 -7.19 43.19 -39.66
N ASP C 72 -7.03 44.45 -40.04
CA ASP C 72 -7.00 45.58 -39.12
C ASP C 72 -8.39 46.17 -38.77
N PHE C 73 -9.42 45.35 -38.86
CA PHE C 73 -10.79 45.81 -38.68
C PHE C 73 -11.03 46.57 -37.38
N VAL C 74 -10.46 46.09 -36.28
CA VAL C 74 -10.76 46.71 -34.99
C VAL C 74 -10.16 48.11 -34.84
N GLY C 75 -8.88 48.27 -35.17
CA GLY C 75 -8.19 49.53 -34.87
C GLY C 75 -8.05 50.52 -36.03
N THR C 76 -8.55 50.15 -37.20
CA THR C 76 -8.46 50.98 -38.41
C THR C 76 -9.81 51.07 -39.08
N PRO C 77 -10.28 52.28 -39.36
CA PRO C 77 -9.68 53.60 -39.09
C PRO C 77 -9.58 53.90 -37.59
N ARG C 78 -8.77 54.89 -37.20
CA ARG C 78 -8.60 55.24 -35.79
C ARG C 78 -9.94 55.32 -35.06
N ARG C 79 -10.01 54.72 -33.88
CA ARG C 79 -11.21 54.77 -33.07
C ARG C 79 -10.95 55.64 -31.84
N ASP C 80 -12.00 56.23 -31.29
CA ASP C 80 -11.85 56.94 -30.04
C ASP C 80 -12.02 55.93 -28.92
N LEU C 81 -12.87 54.95 -29.17
CA LEU C 81 -13.26 53.99 -28.15
C LEU C 81 -13.31 52.56 -28.70
N VAL C 82 -12.64 51.64 -28.02
CA VAL C 82 -12.77 50.22 -28.32
C VAL C 82 -13.36 49.45 -27.12
N LEU C 83 -14.46 48.76 -27.36
CA LEU C 83 -15.04 47.91 -26.32
C LEU C 83 -14.42 46.54 -26.40
N ASP C 84 -13.75 46.13 -25.32
CA ASP C 84 -13.17 44.80 -25.22
C ASP C 84 -14.15 43.93 -24.45
N LEU C 85 -14.63 42.86 -25.09
CA LEU C 85 -15.80 42.14 -24.61
C LEU C 85 -15.51 40.89 -23.78
N HIS C 86 -14.25 40.60 -23.51
CA HIS C 86 -13.89 39.33 -22.89
C HIS C 86 -14.56 39.03 -21.53
N ASN C 87 -15.06 40.05 -20.84
CA ASN C 87 -15.76 39.77 -19.58
C ASN C 87 -17.18 39.24 -19.76
N LEU C 88 -17.74 39.40 -20.94
CA LEU C 88 -19.06 38.87 -21.24
C LEU C 88 -18.96 37.42 -21.70
N HIS C 89 -18.68 36.52 -20.78
CA HIS C 89 -18.35 35.13 -21.14
C HIS C 89 -19.25 34.11 -20.43
N ALA C 90 -20.35 34.58 -19.87
CA ALA C 90 -21.24 33.68 -19.17
C ALA C 90 -21.88 32.68 -20.12
N ILE C 91 -22.00 31.44 -19.67
CA ILE C 91 -22.71 30.40 -20.41
C ILE C 91 -23.77 29.78 -19.52
N GLY C 92 -25.00 29.71 -20.03
CA GLY C 92 -26.08 29.21 -19.19
C GLY C 92 -27.27 28.74 -20.00
N PRO C 93 -28.18 27.98 -19.37
CA PRO C 93 -29.38 27.63 -20.12
C PRO C 93 -30.09 28.91 -20.54
N ALA C 94 -30.69 28.94 -21.74
CA ALA C 94 -31.38 30.15 -22.20
C ALA C 94 -32.59 30.44 -21.30
N ALA C 95 -32.99 31.70 -21.30
CA ALA C 95 -33.93 32.25 -20.32
C ALA C 95 -35.31 31.70 -20.50
N ASP C 96 -35.71 31.62 -21.74
CA ASP C 96 -37.00 31.11 -22.02
C ASP C 96 -36.71 30.02 -22.96
N GLY C 97 -37.10 28.83 -22.60
CA GLY C 97 -37.02 27.77 -23.55
C GLY C 97 -35.89 26.81 -23.34
N ALA C 98 -35.52 26.16 -24.42
CA ALA C 98 -34.62 25.07 -24.37
C ALA C 98 -33.46 25.26 -25.28
N GLY C 99 -32.66 26.28 -25.06
CA GLY C 99 -31.32 26.20 -25.64
C GLY C 99 -30.24 26.70 -24.70
N VAL C 100 -29.18 27.25 -25.27
CA VAL C 100 -28.06 27.73 -24.45
C VAL C 100 -27.65 29.16 -24.81
N ARG C 101 -27.49 30.02 -23.81
CA ARG C 101 -27.00 31.37 -24.01
C ARG C 101 -25.51 31.47 -23.72
N VAL C 102 -24.80 32.13 -24.62
CA VAL C 102 -23.35 32.28 -24.56
C VAL C 102 -22.96 33.72 -24.80
N GLY C 103 -22.25 34.33 -23.84
CA GLY C 103 -21.76 35.69 -23.99
C GLY C 103 -20.83 35.83 -25.18
N SER C 104 -20.88 36.98 -25.86
CA SER C 104 -20.10 37.14 -27.07
C SER C 104 -18.59 37.18 -26.78
N GLY C 105 -18.21 37.41 -25.53
CA GLY C 105 -16.82 37.48 -25.13
C GLY C 105 -16.20 36.14 -24.78
N ALA C 106 -17.00 35.08 -24.74
CA ALA C 106 -16.48 33.75 -24.43
C ALA C 106 -15.58 33.22 -25.56
N THR C 107 -14.51 32.51 -25.18
CA THR C 107 -13.66 31.87 -26.17
C THR C 107 -14.16 30.46 -26.49
N VAL C 108 -13.69 29.93 -27.61
CA VAL C 108 -14.00 28.56 -28.01
C VAL C 108 -13.69 27.56 -26.87
N ASP C 109 -12.57 27.73 -26.21
CA ASP C 109 -12.16 26.83 -25.14
C ASP C 109 -13.21 26.79 -24.02
N GLN C 110 -13.57 27.98 -23.54
CA GLN C 110 -14.57 28.09 -22.50
C GLN C 110 -15.89 27.45 -22.90
N VAL C 111 -16.31 27.69 -24.13
CA VAL C 111 -17.58 27.16 -24.59
C VAL C 111 -17.54 25.64 -24.68
N GLN C 112 -16.48 25.09 -25.28
CA GLN C 112 -16.30 23.62 -25.38
C GLN C 112 -16.32 22.96 -24.03
N LYS C 113 -15.53 23.50 -23.10
CA LYS C 113 -15.48 22.93 -21.77
C LYS C 113 -16.85 22.98 -21.07
N ALA C 114 -17.51 24.13 -21.13
CA ALA C 114 -18.80 24.25 -20.46
C ALA C 114 -19.85 23.29 -21.07
N LEU C 115 -19.98 23.33 -22.39
CA LEU C 115 -20.95 22.49 -23.06
C LEU C 115 -20.71 21.03 -22.69
N PHE C 116 -19.45 20.61 -22.73
CA PHE C 116 -19.15 19.21 -22.47
C PHE C 116 -19.39 18.82 -21.03
N ARG C 117 -18.86 19.62 -20.11
CA ARG C 117 -18.92 19.28 -18.69
C ARG C 117 -20.33 19.36 -18.12
N ARG C 118 -21.13 20.32 -18.59
CA ARG C 118 -22.47 20.49 -18.06
C ARG C 118 -23.51 19.63 -18.75
N TRP C 119 -23.40 19.44 -20.06
CA TRP C 119 -24.49 18.77 -20.77
C TRP C 119 -24.08 17.66 -21.71
N ASN C 120 -22.80 17.31 -21.70
CA ASN C 120 -22.26 16.35 -22.66
C ASN C 120 -22.64 16.78 -24.09
N ALA C 121 -22.59 18.08 -24.32
CA ALA C 121 -22.94 18.65 -25.61
C ALA C 121 -21.69 19.14 -26.34
N ALA C 122 -21.85 19.43 -27.63
CA ALA C 122 -20.79 19.98 -28.46
C ALA C 122 -21.39 20.78 -29.62
N LEU C 123 -20.75 21.89 -29.97
CA LEU C 123 -21.10 22.63 -31.17
C LEU C 123 -19.92 22.52 -32.15
N PRO C 124 -20.16 22.79 -33.42
CA PRO C 124 -19.06 22.72 -34.39
C PRO C 124 -18.13 23.95 -34.30
N LEU C 125 -17.60 24.25 -33.13
CA LEU C 125 -16.68 25.36 -32.98
C LEU C 125 -15.36 25.07 -33.66
N GLY C 126 -14.55 26.12 -33.87
CA GLY C 126 -13.30 25.97 -34.60
C GLY C 126 -12.25 25.18 -33.84
N ALA C 127 -11.15 24.97 -34.51
CA ALA C 127 -10.04 24.31 -33.96
C ALA C 127 -9.15 25.19 -33.08
N CYS C 128 -9.35 26.48 -33.03
CA CYS C 128 -8.49 27.32 -32.24
C CYS C 128 -9.12 27.75 -30.89
N SER C 129 -8.54 27.37 -29.77
CA SER C 129 -9.20 27.53 -28.47
C SER C 129 -9.34 29.00 -28.03
N ALA C 130 -8.53 29.89 -28.59
CA ALA C 130 -8.54 31.28 -28.13
C ALA C 130 -9.45 32.21 -28.95
N VAL C 131 -10.07 31.68 -29.99
CA VAL C 131 -10.93 32.49 -30.83
C VAL C 131 -12.18 32.93 -30.03
N GLY C 132 -12.63 34.16 -30.24
CA GLY C 132 -13.82 34.68 -29.59
C GLY C 132 -15.09 34.33 -30.31
N MET C 133 -16.15 34.09 -29.55
CA MET C 133 -17.47 33.81 -30.14
C MET C 133 -17.96 34.97 -30.99
N GLY C 134 -17.69 36.20 -30.54
CA GLY C 134 -18.06 37.40 -31.26
C GLY C 134 -17.86 37.30 -32.76
N GLY C 135 -16.60 37.29 -33.21
CA GLY C 135 -16.27 37.21 -34.63
C GLY C 135 -16.55 35.88 -35.27
N LEU C 136 -16.25 34.80 -34.54
CA LEU C 136 -16.41 33.46 -35.09
C LEU C 136 -17.86 33.23 -35.56
N VAL C 137 -18.81 33.39 -34.65
CA VAL C 137 -20.20 33.12 -34.98
C VAL C 137 -20.70 34.04 -36.10
N ALA C 138 -20.50 35.34 -35.95
CA ALA C 138 -20.98 36.30 -36.94
C ALA C 138 -20.49 35.94 -38.35
N GLY C 139 -19.26 35.42 -38.46
CA GLY C 139 -18.71 35.01 -39.75
C GLY C 139 -19.16 33.67 -40.34
N GLY C 140 -19.86 32.85 -39.57
CA GLY C 140 -20.23 31.53 -40.04
C GLY C 140 -19.76 30.46 -39.08
N GLY C 141 -18.45 30.20 -39.09
CA GLY C 141 -17.86 29.30 -38.12
C GLY C 141 -17.93 27.84 -38.52
N TYR C 142 -16.77 27.25 -38.79
CA TYR C 142 -16.74 25.82 -39.02
C TYR C 142 -15.65 25.18 -38.19
N GLY C 143 -15.71 23.84 -38.08
CA GLY C 143 -14.78 23.10 -37.26
C GLY C 143 -14.73 21.64 -37.61
N PRO C 144 -13.90 20.88 -36.89
CA PRO C 144 -13.75 19.45 -37.09
C PRO C 144 -15.09 18.70 -37.01
N LEU C 145 -16.07 19.22 -36.28
CA LEU C 145 -17.36 18.54 -36.20
C LEU C 145 -18.37 19.00 -37.25
N SER C 146 -17.95 19.87 -38.15
CA SER C 146 -18.90 20.47 -39.09
C SER C 146 -19.49 19.51 -40.11
N ARG C 147 -18.76 18.46 -40.47
CA ARG C 147 -19.32 17.50 -41.41
C ARG C 147 -20.44 16.69 -40.79
N GLN C 148 -20.50 16.68 -39.46
CA GLN C 148 -21.65 16.07 -38.78
C GLN C 148 -22.70 17.10 -38.33
N LEU C 149 -22.25 18.29 -37.93
CA LEU C 149 -23.13 19.24 -37.27
C LEU C 149 -23.45 20.49 -38.07
N GLY C 150 -22.74 20.69 -39.19
CA GLY C 150 -22.91 21.91 -39.98
C GLY C 150 -22.07 23.08 -39.44
N LEU C 151 -22.45 24.29 -39.82
CA LEU C 151 -21.78 25.49 -39.36
C LEU C 151 -22.34 25.93 -38.02
N VAL C 152 -21.57 26.73 -37.28
CA VAL C 152 -22.05 27.25 -36.00
C VAL C 152 -23.36 28.02 -36.16
N VAL C 153 -23.45 28.85 -37.21
CA VAL C 153 -24.64 29.63 -37.46
C VAL C 153 -25.88 28.76 -37.72
N ASP C 154 -25.66 27.49 -38.08
CA ASP C 154 -26.80 26.58 -38.29
C ASP C 154 -27.42 26.15 -36.96
N HIS C 155 -26.80 26.55 -35.85
CA HIS C 155 -27.35 26.22 -34.53
C HIS C 155 -27.83 27.48 -33.82
N LEU C 156 -27.73 28.60 -34.52
CA LEU C 156 -28.02 29.90 -33.93
C LEU C 156 -29.53 30.03 -33.80
N HIS C 157 -29.98 30.31 -32.58
CA HIS C 157 -31.38 30.52 -32.31
C HIS C 157 -31.68 32.00 -32.06
N ALA C 158 -30.77 32.72 -31.43
CA ALA C 158 -30.99 34.15 -31.25
C ALA C 158 -29.72 34.99 -31.11
N VAL C 159 -29.83 36.28 -31.40
CA VAL C 159 -28.71 37.18 -31.18
C VAL C 159 -29.17 38.41 -30.40
N GLU C 160 -28.48 38.69 -29.31
CA GLU C 160 -28.70 39.89 -28.51
C GLU C 160 -27.59 40.89 -28.85
N VAL C 161 -28.00 41.98 -29.51
CA VAL C 161 -27.10 42.96 -30.09
C VAL C 161 -27.48 44.43 -29.82
N ALA C 162 -26.47 45.24 -29.49
CA ALA C 162 -26.63 46.68 -29.32
C ALA C 162 -26.49 47.40 -30.66
N VAL C 163 -27.57 48.06 -31.08
CA VAL C 163 -27.60 48.76 -32.36
C VAL C 163 -27.88 50.25 -32.20
N VAL C 164 -27.53 51.01 -33.23
CA VAL C 164 -27.65 52.46 -33.24
C VAL C 164 -28.57 52.91 -34.37
N ASP C 165 -29.61 53.68 -34.06
CA ASP C 165 -30.57 54.11 -35.08
C ASP C 165 -30.31 55.52 -35.63
N GLU C 166 -31.18 55.98 -36.53
CA GLU C 166 -30.99 57.24 -37.25
C GLU C 166 -30.90 58.46 -36.33
N SER C 167 -31.51 58.36 -35.14
CA SER C 167 -31.50 59.46 -34.18
C SER C 167 -30.36 59.34 -33.15
N ARG C 168 -29.40 58.47 -33.43
CA ARG C 168 -28.25 58.28 -32.54
C ARG C 168 -28.63 57.70 -31.17
N THR C 169 -29.71 56.93 -31.14
CA THR C 169 -30.11 56.22 -29.93
C THR C 169 -29.68 54.76 -29.96
N VAL C 170 -29.08 54.29 -28.88
CA VAL C 170 -28.64 52.91 -28.78
C VAL C 170 -29.64 52.00 -28.08
N ARG C 171 -29.97 50.90 -28.72
CA ARG C 171 -30.93 49.95 -28.19
C ARG C 171 -30.39 48.53 -28.12
N LEU C 172 -30.60 47.84 -27.02
CA LEU C 172 -30.31 46.42 -27.02
C LEU C 172 -31.46 45.60 -27.58
N VAL C 173 -31.31 44.99 -28.74
CA VAL C 173 -32.42 44.20 -29.29
C VAL C 173 -32.04 42.73 -29.39
N THR C 174 -33.03 41.85 -29.25
CA THR C 174 -32.81 40.42 -29.50
C THR C 174 -33.56 40.03 -30.76
N ALA C 175 -32.87 39.35 -31.66
CA ALA C 175 -33.48 38.90 -32.90
C ALA C 175 -33.45 37.40 -32.96
N ARG C 176 -34.56 36.79 -33.32
CA ARG C 176 -34.70 35.37 -33.26
C ARG C 176 -34.87 34.72 -34.59
N ALA C 177 -34.50 33.46 -34.64
CA ALA C 177 -34.63 32.67 -35.86
C ALA C 177 -36.07 32.67 -36.40
N ASP C 178 -37.05 32.75 -35.51
CA ASP C 178 -38.47 32.77 -35.91
C ASP C 178 -39.07 34.16 -36.17
N ASP C 179 -38.29 35.22 -35.94
CA ASP C 179 -38.75 36.59 -36.16
C ASP C 179 -38.97 36.90 -37.65
N THR C 180 -39.84 37.85 -37.94
CA THR C 180 -40.02 38.30 -39.30
C THR C 180 -39.72 39.78 -39.38
N GLY C 181 -39.93 40.37 -40.55
CA GLY C 181 -39.64 41.77 -40.75
C GLY C 181 -38.19 42.14 -40.46
N ASP C 182 -38.01 43.36 -39.94
CA ASP C 182 -36.69 43.93 -39.68
C ASP C 182 -35.88 43.02 -38.77
N LEU C 183 -36.51 42.55 -37.70
CA LEU C 183 -35.83 41.67 -36.76
C LEU C 183 -35.35 40.40 -37.46
N GLY C 184 -36.23 39.79 -38.25
CA GLY C 184 -35.86 38.64 -39.06
C GLY C 184 -34.59 38.91 -39.87
N GLU C 185 -34.52 40.11 -40.46
CA GLU C 185 -33.36 40.50 -41.25
C GLU C 185 -32.09 40.64 -40.40
N LEU C 186 -32.21 41.23 -39.22
CA LEU C 186 -31.08 41.37 -38.32
C LEU C 186 -30.52 39.98 -37.94
N PHE C 187 -31.43 39.08 -37.56
CA PHE C 187 -31.02 37.74 -37.22
C PHE C 187 -30.30 37.09 -38.38
N TRP C 188 -30.92 37.11 -39.56
CA TRP C 188 -30.33 36.46 -40.72
C TRP C 188 -28.95 37.04 -41.06
N ALA C 189 -28.81 38.35 -40.91
CA ALA C 189 -27.55 39.03 -41.21
C ALA C 189 -26.44 38.57 -40.27
N HIS C 190 -26.81 38.17 -39.06
CA HIS C 190 -25.79 37.64 -38.16
C HIS C 190 -25.38 36.19 -38.41
N THR C 191 -26.01 35.53 -39.38
CA THR C 191 -25.63 34.15 -39.68
C THR C 191 -24.64 34.09 -40.84
N GLY C 192 -23.55 34.85 -40.75
CA GLY C 192 -22.52 34.86 -41.79
C GLY C 192 -22.15 36.24 -42.34
N GLY C 193 -22.84 37.30 -41.90
CA GLY C 193 -22.55 38.65 -42.34
C GLY C 193 -21.19 39.19 -41.89
N GLY C 194 -20.64 38.62 -40.83
CA GLY C 194 -19.30 39.01 -40.39
C GLY C 194 -19.37 40.06 -39.30
N GLY C 195 -18.42 40.01 -38.37
CA GLY C 195 -18.40 40.97 -37.30
C GLY C 195 -18.07 42.39 -37.77
N GLY C 196 -18.34 43.35 -36.89
CA GLY C 196 -18.02 44.74 -37.15
C GLY C 196 -18.97 45.45 -38.10
N ASN C 197 -20.16 44.88 -38.32
CA ASN C 197 -21.09 45.44 -39.30
C ASN C 197 -22.39 46.06 -38.75
N PHE C 198 -23.05 45.40 -37.81
CA PHE C 198 -24.43 45.78 -37.49
C PHE C 198 -24.59 46.35 -36.10
N GLY C 199 -23.63 46.08 -35.23
CA GLY C 199 -23.70 46.54 -33.86
C GLY C 199 -22.87 45.61 -33.00
N VAL C 200 -22.92 45.80 -31.71
CA VAL C 200 -22.09 44.99 -30.82
C VAL C 200 -22.92 43.87 -30.27
N VAL C 201 -22.66 42.65 -30.72
CA VAL C 201 -23.35 41.50 -30.17
C VAL C 201 -22.91 41.31 -28.73
N THR C 202 -23.85 41.17 -27.82
CA THR C 202 -23.50 40.91 -26.43
C THR C 202 -23.74 39.45 -26.09
N ALA C 203 -24.62 38.78 -26.84
CA ALA C 203 -24.77 37.33 -26.61
C ALA C 203 -25.45 36.59 -27.74
N TYR C 204 -25.19 35.29 -27.81
CA TYR C 204 -25.82 34.42 -28.79
C TYR C 204 -26.60 33.36 -28.04
N GLU C 205 -27.70 32.89 -28.62
CA GLU C 205 -28.41 31.75 -28.12
C GLU C 205 -28.38 30.62 -29.13
N PHE C 206 -28.15 29.41 -28.67
CA PHE C 206 -28.09 28.29 -29.59
C PHE C 206 -29.12 27.23 -29.32
N ARG C 207 -29.64 26.67 -30.38
CA ARG C 207 -30.62 25.62 -30.33
C ARG C 207 -30.50 24.89 -31.59
N SER C 208 -30.21 23.62 -31.54
CA SER C 208 -29.93 22.88 -32.77
C SER C 208 -31.19 22.51 -33.57
N PRO C 209 -31.01 22.24 -34.86
CA PRO C 209 -32.10 21.71 -35.71
C PRO C 209 -32.64 20.44 -35.06
N GLU C 210 -33.89 20.11 -35.32
CA GLU C 210 -34.53 19.00 -34.61
C GLU C 210 -33.78 17.68 -34.75
N HIS C 211 -33.19 17.42 -35.92
CA HIS C 211 -32.51 16.14 -36.16
C HIS C 211 -31.10 16.02 -35.53
N LEU C 212 -30.58 17.12 -35.01
CA LEU C 212 -29.28 17.09 -34.32
C LEU C 212 -29.42 17.25 -32.81
N ALA C 213 -30.54 17.82 -32.37
CA ALA C 213 -30.77 18.10 -30.96
C ALA C 213 -30.96 16.84 -30.09
N THR C 214 -30.55 16.94 -28.83
CA THR C 214 -30.78 15.91 -27.81
C THR C 214 -31.01 16.61 -26.47
N GLU C 215 -31.52 15.86 -25.50
CA GLU C 215 -31.67 16.41 -24.15
C GLU C 215 -30.28 16.63 -23.59
N PRO C 216 -30.17 17.45 -22.54
CA PRO C 216 -31.29 18.16 -21.90
C PRO C 216 -31.49 19.60 -22.39
N VAL C 217 -30.56 20.12 -23.19
CA VAL C 217 -30.60 21.53 -23.55
C VAL C 217 -30.83 21.79 -25.03
N GLY C 218 -31.12 20.75 -25.79
CA GLY C 218 -31.43 20.92 -27.20
C GLY C 218 -30.22 21.14 -28.08
N LEU C 219 -29.08 20.62 -27.65
CA LEU C 219 -27.85 20.68 -28.42
C LEU C 219 -27.45 19.26 -28.78
N PRO C 220 -26.44 19.10 -29.67
CA PRO C 220 -25.99 17.76 -30.07
C PRO C 220 -25.21 17.08 -28.95
N ARG C 221 -25.18 15.75 -28.97
CA ARG C 221 -24.38 14.99 -28.01
C ARG C 221 -22.90 14.97 -28.42
N ALA C 222 -22.00 15.19 -27.47
CA ALA C 222 -20.58 15.00 -27.74
C ALA C 222 -20.29 13.51 -27.87
N ALA C 223 -19.45 13.13 -28.83
CA ALA C 223 -19.11 11.73 -29.02
C ALA C 223 -18.42 11.17 -27.77
N GLY C 224 -18.65 9.89 -27.49
CA GLY C 224 -17.98 9.24 -26.38
C GLY C 224 -16.47 9.20 -26.56
N ARG C 225 -16.02 8.89 -27.78
CA ARG C 225 -14.60 8.76 -28.05
C ARG C 225 -14.28 9.22 -29.47
N LEU C 226 -13.07 9.74 -29.64
CA LEU C 226 -12.56 10.10 -30.95
C LEU C 226 -11.32 9.28 -31.27
N HIS C 227 -11.26 8.73 -32.48
CA HIS C 227 -9.99 8.32 -33.06
C HIS C 227 -9.25 9.59 -33.50
N VAL C 228 -8.03 9.77 -33.02
CA VAL C 228 -7.23 10.91 -33.41
C VAL C 228 -5.89 10.41 -33.91
N GLN C 229 -5.43 11.00 -35.02
CA GLN C 229 -4.17 10.58 -35.60
C GLN C 229 -3.44 11.72 -36.29
N LYS C 230 -2.14 11.82 -36.04
CA LYS C 230 -1.28 12.76 -36.73
C LYS C 230 -0.20 11.98 -37.47
N VAL C 231 -0.01 12.29 -38.74
CA VAL C 231 0.94 11.56 -39.59
C VAL C 231 1.91 12.52 -40.21
N VAL C 232 3.20 12.26 -40.01
CA VAL C 232 4.24 13.15 -40.53
C VAL C 232 4.88 12.52 -41.75
N PHE C 233 4.90 13.25 -42.86
CA PHE C 233 5.55 12.79 -44.09
C PHE C 233 6.76 13.66 -44.36
N PRO C 234 7.96 13.08 -44.35
CA PRO C 234 9.18 13.85 -44.62
C PRO C 234 9.22 14.30 -46.08
N TRP C 235 9.56 15.57 -46.32
CA TRP C 235 9.62 16.12 -47.67
C TRP C 235 10.65 15.38 -48.49
N ALA C 236 11.69 14.89 -47.82
CA ALA C 236 12.79 14.22 -48.46
C ALA C 236 12.34 12.97 -49.22
N MET C 237 11.22 12.40 -48.83
CA MET C 237 10.67 11.22 -49.51
C MET C 237 9.66 11.58 -50.60
N ILE C 238 9.41 12.87 -50.80
CA ILE C 238 8.37 13.28 -51.73
C ILE C 238 8.92 14.06 -52.91
N ASP C 239 8.72 13.53 -54.12
CA ASP C 239 9.02 14.27 -55.36
C ASP C 239 7.76 14.91 -55.93
N GLU C 240 7.91 15.72 -56.98
CA GLU C 240 6.77 16.48 -57.51
C GLU C 240 5.59 15.55 -57.82
N THR C 241 5.88 14.45 -58.51
CA THR C 241 4.85 13.54 -58.98
C THR C 241 4.01 12.93 -57.86
N SER C 242 4.69 12.41 -56.84
CA SER C 242 4.01 11.80 -55.71
C SER C 242 3.27 12.86 -54.86
N PHE C 243 3.82 14.08 -54.83
CA PHE C 243 3.14 15.18 -54.16
C PHE C 243 1.79 15.44 -54.83
N VAL C 244 1.84 15.55 -56.16
CA VAL C 244 0.64 15.76 -56.94
C VAL C 244 -0.33 14.62 -56.70
N THR C 245 0.18 13.39 -56.67
CA THR C 245 -0.70 12.23 -56.45
C THR C 245 -1.41 12.30 -55.09
N VAL C 246 -0.64 12.53 -54.04
CA VAL C 246 -1.20 12.61 -52.70
C VAL C 246 -2.29 13.69 -52.60
N MET C 247 -1.98 14.90 -53.08
CA MET C 247 -2.96 15.98 -53.07
C MET C 247 -4.22 15.63 -53.85
N ARG C 248 -4.03 15.07 -55.04
CA ARG C 248 -5.15 14.72 -55.88
C ARG C 248 -6.05 13.75 -55.12
N ARG C 249 -5.46 12.73 -54.52
CA ARG C 249 -6.25 11.75 -53.79
C ARG C 249 -6.99 12.36 -52.61
N PHE C 250 -6.33 13.26 -51.89
CA PHE C 250 -6.99 13.94 -50.80
C PHE C 250 -8.28 14.62 -51.30
N PHE C 251 -8.12 15.42 -52.36
CA PHE C 251 -9.27 16.10 -52.93
C PHE C 251 -10.34 15.12 -53.47
N GLU C 252 -9.93 14.06 -54.15
CA GLU C 252 -10.90 13.18 -54.79
C GLU C 252 -11.70 12.43 -53.74
N TRP C 253 -11.00 12.00 -52.68
CA TRP C 253 -11.68 11.39 -51.53
C TRP C 253 -12.76 12.36 -51.06
N HIS C 254 -12.42 13.64 -50.89
CA HIS C 254 -13.48 14.57 -50.52
C HIS C 254 -14.59 14.78 -51.58
N GLU C 255 -14.26 14.66 -52.86
CA GLU C 255 -15.26 14.75 -53.92
C GLU C 255 -16.30 13.64 -53.74
N ARG C 256 -15.84 12.43 -53.38
CA ARG C 256 -16.78 11.30 -53.27
C ARG C 256 -17.55 11.26 -51.95
N HIS C 257 -16.93 11.67 -50.87
CA HIS C 257 -17.46 11.46 -49.54
C HIS C 257 -17.78 12.68 -48.81
N SER C 258 -18.65 13.52 -49.37
CA SER C 258 -19.01 14.74 -48.71
C SER C 258 -20.51 15.03 -48.69
N GLU C 259 -21.34 14.03 -48.80
CA GLU C 259 -22.75 14.22 -48.64
C GLU C 259 -23.17 14.21 -47.20
N PRO C 260 -24.17 14.99 -46.87
CA PRO C 260 -24.69 14.94 -45.54
C PRO C 260 -25.17 13.57 -45.25
N GLY C 261 -24.84 13.13 -44.08
CA GLY C 261 -25.36 11.90 -43.54
C GLY C 261 -24.57 10.64 -43.85
N SER C 262 -23.60 10.73 -44.76
CA SER C 262 -22.80 9.56 -45.12
C SER C 262 -21.96 9.13 -43.93
N PRO C 263 -21.51 7.87 -43.92
CA PRO C 263 -20.64 7.36 -42.86
C PRO C 263 -19.33 8.17 -42.76
N GLU C 264 -18.72 8.45 -43.90
CA GLU C 264 -17.49 9.22 -43.96
C GLU C 264 -17.59 10.63 -43.39
N SER C 265 -18.81 11.10 -43.16
CA SER C 265 -18.98 12.46 -42.66
C SER C 265 -18.59 12.48 -41.19
N SER C 266 -18.29 11.31 -40.64
CA SER C 266 -17.82 11.26 -39.25
C SER C 266 -16.31 11.52 -39.16
N LEU C 267 -15.68 11.64 -40.33
CA LEU C 267 -14.25 11.84 -40.41
C LEU C 267 -13.93 13.28 -40.84
N PHE C 268 -12.90 13.84 -40.24
CA PHE C 268 -12.44 15.19 -40.60
C PHE C 268 -10.91 15.24 -40.64
N ALA C 269 -10.36 15.72 -41.76
CA ALA C 269 -8.92 15.82 -41.94
C ALA C 269 -8.44 17.26 -42.13
N THR C 270 -7.24 17.52 -41.62
CA THR C 270 -6.54 18.78 -41.77
C THR C 270 -5.14 18.48 -42.30
N PHE C 271 -4.85 18.91 -43.51
CA PHE C 271 -3.57 18.65 -44.13
C PHE C 271 -2.73 19.91 -44.15
N PHE C 272 -1.69 19.95 -43.34
CA PHE C 272 -0.73 21.04 -43.36
C PHE C 272 0.36 20.75 -44.39
N VAL C 273 0.24 21.42 -45.53
CA VAL C 273 1.20 21.27 -46.61
C VAL C 273 2.20 22.38 -46.42
N ASN C 274 3.27 22.06 -45.68
CA ASN C 274 4.25 23.02 -45.24
C ASN C 274 5.27 23.33 -46.31
N HIS C 275 5.79 24.56 -46.27
CA HIS C 275 6.89 24.93 -47.11
C HIS C 275 8.05 23.99 -46.77
N VAL C 276 8.90 23.70 -47.74
CA VAL C 276 9.94 22.69 -47.56
C VAL C 276 10.89 22.95 -46.38
N SER C 277 11.06 24.22 -46.00
CA SER C 277 11.98 24.53 -44.91
C SER C 277 11.52 23.93 -43.56
N SER C 278 10.26 23.49 -43.48
CA SER C 278 9.74 22.82 -42.29
C SER C 278 10.12 21.34 -42.22
N GLY C 279 10.56 20.80 -43.36
CA GLY C 279 10.98 19.42 -43.43
C GLY C 279 9.88 18.38 -43.57
N VAL C 280 8.63 18.76 -43.29
CA VAL C 280 7.56 17.76 -43.27
C VAL C 280 6.22 18.32 -43.74
N LEU C 281 5.37 17.41 -44.23
CA LEU C 281 3.96 17.65 -44.39
C LEU C 281 3.33 16.98 -43.19
N GLN C 282 2.23 17.54 -42.66
CA GLN C 282 1.59 16.89 -41.52
C GLN C 282 0.08 16.72 -41.70
N LEU C 283 -0.39 15.50 -41.58
CA LEU C 283 -1.81 15.21 -41.78
C LEU C 283 -2.45 14.90 -40.44
N MET C 284 -3.49 15.64 -40.07
CA MET C 284 -4.23 15.32 -38.87
C MET C 284 -5.64 14.82 -39.22
N VAL C 285 -6.09 13.76 -38.59
CA VAL C 285 -7.38 13.17 -38.91
C VAL C 285 -8.06 12.77 -37.64
N GLN C 286 -9.34 13.08 -37.52
CA GLN C 286 -10.12 12.52 -36.42
C GLN C 286 -11.41 11.89 -36.93
N GLN C 287 -11.88 10.87 -36.21
CA GLN C 287 -13.15 10.24 -36.52
C GLN C 287 -13.94 9.91 -35.26
N ASP C 288 -15.24 10.18 -35.32
CA ASP C 288 -16.16 9.79 -34.26
C ASP C 288 -16.08 8.27 -34.05
N ALA C 289 -15.67 7.86 -32.85
CA ALA C 289 -15.54 6.43 -32.52
C ALA C 289 -16.85 5.74 -32.16
N ASP C 290 -17.91 6.50 -31.90
CA ASP C 290 -19.24 5.92 -31.68
C ASP C 290 -19.80 5.36 -32.98
N VAL C 291 -19.53 6.06 -34.05
CA VAL C 291 -19.92 5.68 -35.38
C VAL C 291 -19.11 4.50 -35.88
N ASP C 292 -17.80 4.57 -35.78
CA ASP C 292 -16.89 3.55 -36.30
C ASP C 292 -15.90 3.21 -35.20
N PRO C 293 -16.18 2.17 -34.44
CA PRO C 293 -15.45 1.87 -33.22
C PRO C 293 -14.08 1.38 -33.45
N GLU C 294 -13.83 0.82 -34.61
CA GLU C 294 -12.53 0.35 -35.00
C GLU C 294 -11.76 1.41 -35.74
N GLY C 295 -12.43 2.41 -36.23
CA GLY C 295 -11.77 3.46 -36.95
C GLY C 295 -11.24 3.02 -38.27
N GLU C 296 -12.02 2.18 -38.93
CA GLU C 296 -11.76 1.67 -40.25
C GLU C 296 -11.71 2.73 -41.34
N ILE C 297 -12.69 3.61 -41.36
CA ILE C 297 -12.74 4.67 -42.34
C ILE C 297 -11.47 5.51 -42.26
N LEU C 298 -11.05 5.82 -41.03
CA LEU C 298 -9.83 6.60 -40.82
C LEU C 298 -8.60 5.89 -41.37
N ALA C 299 -8.46 4.62 -40.99
CA ALA C 299 -7.36 3.80 -41.49
C ALA C 299 -7.30 3.75 -43.03
N ARG C 300 -8.44 3.50 -43.67
CA ARG C 300 -8.51 3.40 -45.14
C ARG C 300 -8.17 4.71 -45.82
N PHE C 301 -8.70 5.81 -45.28
CA PHE C 301 -8.42 7.14 -45.84
C PHE C 301 -6.90 7.41 -45.82
N VAL C 302 -6.31 7.20 -44.65
CA VAL C 302 -4.88 7.46 -44.49
C VAL C 302 -4.07 6.59 -45.42
N ALA C 303 -4.41 5.30 -45.48
CA ALA C 303 -3.62 4.37 -46.29
C ALA C 303 -3.75 4.71 -47.78
N SER C 304 -4.96 5.08 -48.18
CA SER C 304 -5.24 5.34 -49.58
C SER C 304 -4.49 6.57 -50.06
N LEU C 305 -4.25 7.53 -49.16
CA LEU C 305 -3.49 8.70 -49.61
C LEU C 305 -2.16 8.36 -50.27
N THR C 306 -1.43 7.39 -49.73
CA THR C 306 -0.05 7.18 -50.16
C THR C 306 0.25 5.79 -50.76
N GLU C 307 -0.76 4.99 -50.95
CA GLU C 307 -0.52 3.68 -51.43
C GLU C 307 -0.08 3.88 -52.81
N GLY C 308 0.92 3.14 -53.23
CA GLY C 308 1.34 3.24 -54.60
C GLY C 308 2.61 4.01 -54.70
N THR C 309 2.75 5.04 -53.88
CA THR C 309 3.90 5.90 -53.89
C THR C 309 4.97 5.34 -53.02
N GLY C 310 6.11 5.99 -52.96
CA GLY C 310 7.18 5.53 -52.09
C GLY C 310 7.08 6.20 -50.73
N VAL C 311 6.07 7.04 -50.56
CA VAL C 311 5.94 7.85 -49.36
C VAL C 311 5.43 7.07 -48.16
N VAL C 312 6.17 7.12 -47.07
CA VAL C 312 5.79 6.43 -45.84
C VAL C 312 5.69 7.43 -44.68
N GLY C 313 4.54 7.46 -44.04
CA GLY C 313 4.32 8.38 -42.94
C GLY C 313 4.58 7.80 -41.56
N ILE C 314 4.97 8.65 -40.63
CA ILE C 314 5.09 8.25 -39.24
C ILE C 314 3.86 8.71 -38.45
N PRO C 315 3.02 7.75 -38.05
CA PRO C 315 1.77 8.06 -37.36
C PRO C 315 1.90 8.05 -35.84
N ARG C 316 1.05 8.84 -35.19
CA ARG C 316 0.91 8.80 -33.75
C ARG C 316 -0.54 9.17 -33.41
N GLY C 317 -1.01 8.73 -32.25
CA GLY C 317 -2.36 9.04 -31.81
C GLY C 317 -3.02 7.87 -31.12
N GLY C 318 -4.34 7.79 -31.19
CA GLY C 318 -5.08 6.69 -30.61
C GLY C 318 -6.55 7.01 -30.42
N VAL C 319 -7.16 6.42 -29.41
CA VAL C 319 -8.56 6.67 -29.13
C VAL C 319 -8.65 7.44 -27.81
N MET C 320 -9.30 8.59 -27.83
CA MET C 320 -9.34 9.44 -26.64
C MET C 320 -10.76 9.88 -26.33
N SER C 321 -10.98 10.26 -25.08
CA SER C 321 -12.26 10.83 -24.68
C SER C 321 -12.42 12.16 -25.39
N TRP C 322 -13.61 12.73 -25.36
CA TRP C 322 -13.91 13.87 -26.22
C TRP C 322 -13.07 15.12 -25.94
N LEU C 323 -13.10 15.61 -24.72
CA LEU C 323 -12.36 16.83 -24.37
C LEU C 323 -10.86 16.68 -24.63
N THR C 324 -10.30 15.55 -24.19
CA THR C 324 -8.88 15.30 -24.38
C THR C 324 -8.50 15.17 -25.87
N GLY C 325 -9.26 14.39 -26.62
CA GLY C 325 -9.00 14.25 -28.05
C GLY C 325 -9.12 15.57 -28.78
N THR C 326 -10.17 16.32 -28.48
CA THR C 326 -10.36 17.62 -29.07
C THR C 326 -9.15 18.54 -28.78
N ARG C 327 -8.69 18.60 -27.53
CA ARG C 327 -7.50 19.43 -27.23
C ARG C 327 -6.23 18.93 -27.90
N TYR C 328 -6.10 17.62 -28.05
CA TYR C 328 -4.96 17.03 -28.71
C TYR C 328 -4.86 17.50 -30.17
N MET C 329 -6.01 17.66 -30.80
CA MET C 329 -6.12 18.10 -32.20
C MET C 329 -6.06 19.62 -32.36
N SER C 330 -6.31 20.36 -31.26
CA SER C 330 -6.51 21.82 -31.30
C SER C 330 -5.23 22.65 -31.16
N GLN C 331 -5.38 23.95 -31.50
CA GLN C 331 -4.34 24.96 -31.32
C GLN C 331 -4.73 25.94 -30.19
N ALA C 332 -3.92 26.00 -29.14
CA ALA C 332 -4.20 26.95 -28.05
C ALA C 332 -3.35 28.22 -28.10
N ASP C 333 -3.64 29.16 -27.20
CA ASP C 333 -2.90 30.42 -27.12
C ASP C 333 -1.57 30.25 -26.35
N CYS C 334 -0.64 29.52 -26.95
CA CYS C 334 0.67 29.25 -26.36
C CYS C 334 1.72 29.03 -27.45
N GLY C 335 2.99 29.15 -27.09
CA GLY C 335 4.07 28.87 -28.01
C GLY C 335 4.20 29.85 -29.16
N ASP C 336 4.66 29.35 -30.30
CA ASP C 336 5.10 30.18 -31.43
C ASP C 336 3.99 30.87 -32.25
N VAL C 337 2.73 30.54 -31.99
CA VAL C 337 1.61 31.25 -32.61
C VAL C 337 1.30 32.60 -31.94
N MET C 338 1.97 32.87 -30.82
CA MET C 338 1.76 34.11 -30.06
C MET C 338 2.74 35.21 -30.48
N GLY C 339 2.24 36.44 -30.54
CA GLY C 339 3.05 37.60 -30.84
C GLY C 339 3.54 37.74 -32.28
N ALA C 340 3.03 36.89 -33.16
CA ALA C 340 3.53 36.84 -34.52
C ALA C 340 2.75 37.76 -35.45
N ARG C 341 3.41 38.17 -36.51
CA ARG C 341 2.75 38.85 -37.62
C ARG C 341 2.29 37.78 -38.61
N SER C 342 1.10 37.93 -39.18
CA SER C 342 0.62 36.91 -40.13
C SER C 342 -0.23 37.44 -41.27
N ALA C 343 -0.37 36.63 -42.30
CA ALA C 343 -1.24 36.94 -43.42
C ALA C 343 -1.86 35.64 -43.87
N SER C 344 -3.12 35.69 -44.30
CA SER C 344 -3.78 34.49 -44.73
C SER C 344 -4.74 34.79 -45.85
N LYS C 345 -4.96 33.81 -46.70
CA LYS C 345 -5.96 33.88 -47.75
C LYS C 345 -6.81 32.62 -47.72
N SER C 346 -7.95 32.64 -48.40
CA SER C 346 -8.86 31.52 -48.26
C SER C 346 -9.39 31.12 -49.60
N ALA C 347 -9.80 29.85 -49.70
CA ALA C 347 -10.52 29.37 -50.89
C ALA C 347 -11.47 28.24 -50.55
N TYR C 348 -12.67 28.28 -51.11
CA TYR C 348 -13.58 27.13 -51.10
C TYR C 348 -13.35 26.32 -52.36
N HIS C 349 -13.16 25.01 -52.22
CA HIS C 349 -13.07 24.10 -53.36
C HIS C 349 -14.30 23.17 -53.46
N ARG C 350 -14.88 23.20 -54.67
CA ARG C 350 -16.03 22.40 -55.05
C ARG C 350 -15.57 21.11 -55.74
N ALA C 351 -14.36 21.13 -56.28
CA ALA C 351 -13.78 19.96 -56.93
C ALA C 351 -12.27 20.08 -56.83
N ALA C 352 -11.57 19.03 -57.22
CA ALA C 352 -10.11 18.99 -57.11
C ALA C 352 -9.46 20.01 -58.01
N PRO C 353 -8.34 20.57 -57.56
CA PRO C 353 -7.52 21.43 -58.42
C PRO C 353 -6.95 20.59 -59.54
N THR C 354 -6.61 21.20 -60.67
CA THR C 354 -5.91 20.51 -61.74
C THR C 354 -4.52 20.09 -61.27
N ASP C 355 -3.90 19.17 -61.99
CA ASP C 355 -2.53 18.76 -61.68
C ASP C 355 -1.51 19.90 -61.87
N GLU C 356 -1.76 20.78 -62.85
CA GLU C 356 -0.90 21.91 -63.10
C GLU C 356 -0.91 22.84 -61.90
N GLN C 357 -2.10 23.07 -61.36
CA GLN C 357 -2.24 23.89 -60.15
C GLN C 357 -1.41 23.28 -59.02
N LEU C 358 -1.53 21.97 -58.85
CA LEU C 358 -0.79 21.26 -57.80
C LEU C 358 0.74 21.35 -58.00
N SER C 359 1.17 21.41 -59.25
CA SER C 359 2.58 21.58 -59.56
C SER C 359 3.06 22.98 -59.19
N VAL C 360 2.26 23.99 -59.51
CA VAL C 360 2.53 25.36 -59.09
C VAL C 360 2.72 25.38 -57.56
N LEU C 361 1.77 24.78 -56.85
CA LEU C 361 1.85 24.70 -55.39
C LEU C 361 3.20 24.10 -54.95
N HIS C 362 3.56 22.97 -55.55
CA HIS C 362 4.82 22.30 -55.21
C HIS C 362 6.02 23.23 -55.39
N ARG C 363 6.09 23.85 -56.55
CA ARG C 363 7.19 24.75 -56.86
C ARG C 363 7.31 25.88 -55.82
N HIS C 364 6.24 26.55 -55.46
CA HIS C 364 6.36 27.57 -54.47
C HIS C 364 6.68 27.06 -53.10
N LEU C 365 6.26 25.84 -52.80
CA LEU C 365 6.63 25.26 -51.51
C LEU C 365 8.13 24.93 -51.46
N HIS C 366 8.78 24.91 -52.63
CA HIS C 366 10.23 24.72 -52.64
C HIS C 366 11.09 25.97 -52.89
N ALA C 367 10.45 27.10 -53.06
CA ALA C 367 11.15 28.32 -53.28
C ALA C 367 12.02 28.61 -52.10
N ASP C 368 13.03 29.39 -52.36
CA ASP C 368 13.97 29.84 -51.35
C ASP C 368 13.35 30.89 -50.52
N HIS C 369 12.93 30.54 -49.32
CA HIS C 369 12.14 31.42 -48.54
C HIS C 369 12.17 30.93 -47.11
N PRO C 370 12.13 31.83 -46.14
CA PRO C 370 12.07 31.41 -44.72
C PRO C 370 10.63 31.06 -44.30
N GLY C 371 10.26 29.83 -44.56
CA GLY C 371 8.91 29.38 -44.53
C GLY C 371 8.64 28.40 -43.45
N GLN C 372 9.23 28.64 -42.30
CA GLN C 372 9.03 27.77 -41.18
C GLN C 372 7.68 27.93 -40.55
N ALA C 373 6.93 28.92 -40.94
CA ALA C 373 5.58 29.02 -40.52
C ALA C 373 4.76 29.42 -41.70
N SER C 374 5.14 28.91 -42.86
CA SER C 374 4.45 29.17 -44.08
C SER C 374 3.89 27.88 -44.67
N TYR C 375 2.60 27.84 -44.93
CA TYR C 375 1.99 26.58 -45.36
C TYR C 375 0.66 26.82 -46.01
N VAL C 376 0.12 25.78 -46.62
CA VAL C 376 -1.28 25.77 -47.03
C VAL C 376 -2.00 24.66 -46.30
N MET C 377 -3.06 25.02 -45.57
CA MET C 377 -3.85 24.06 -44.81
C MET C 377 -5.09 23.70 -45.63
N PHE C 378 -5.29 22.41 -45.90
CA PHE C 378 -6.52 21.96 -46.55
C PHE C 378 -7.38 21.19 -45.55
N ASN C 379 -8.62 21.63 -45.36
CA ASN C 379 -9.54 21.02 -44.41
C ASN C 379 -10.71 20.34 -45.10
N SER C 380 -11.08 19.16 -44.61
CA SER C 380 -12.33 18.54 -45.01
C SER C 380 -13.45 19.57 -44.86
N TYR C 381 -14.39 19.55 -45.79
CA TYR C 381 -15.55 20.44 -45.71
C TYR C 381 -16.79 19.65 -46.16
N GLY C 382 -17.93 20.31 -46.31
CA GLY C 382 -19.14 19.64 -46.75
C GLY C 382 -19.84 18.83 -45.69
N GLY C 383 -20.32 17.64 -46.05
CA GLY C 383 -21.18 16.86 -45.17
C GLY C 383 -22.38 17.70 -44.73
N GLU C 384 -22.66 17.68 -43.43
CA GLU C 384 -23.85 18.36 -42.92
C GLU C 384 -23.92 19.83 -43.36
N ILE C 385 -22.75 20.46 -43.53
CA ILE C 385 -22.72 21.85 -43.99
C ILE C 385 -23.58 22.06 -45.24
N ASN C 386 -23.52 21.09 -46.15
CA ASN C 386 -24.17 21.22 -47.45
C ASN C 386 -25.66 20.84 -47.45
N ARG C 387 -26.22 20.60 -46.26
CA ARG C 387 -27.65 20.30 -46.20
C ARG C 387 -28.49 21.53 -46.55
N ARG C 388 -28.08 22.69 -46.07
CA ARG C 388 -28.83 23.94 -46.26
C ARG C 388 -28.64 24.58 -47.65
N GLY C 389 -29.61 25.43 -48.04
CA GLY C 389 -29.54 26.17 -49.29
C GLY C 389 -28.76 27.48 -49.13
N PRO C 390 -28.15 27.97 -50.22
CA PRO C 390 -27.29 29.16 -50.15
C PRO C 390 -27.94 30.41 -49.54
N SER C 391 -29.27 30.52 -49.62
CA SER C 391 -29.93 31.73 -49.15
C SER C 391 -30.42 31.61 -47.70
N ASP C 392 -30.32 30.40 -47.13
CA ASP C 392 -30.84 30.13 -45.78
C ASP C 392 -30.10 30.87 -44.66
N ALA C 393 -28.80 31.07 -44.85
CA ALA C 393 -28.04 31.90 -43.94
C ALA C 393 -27.25 32.88 -44.80
N ALA C 394 -26.58 33.83 -44.16
CA ALA C 394 -25.83 34.81 -44.92
C ALA C 394 -24.62 34.14 -45.61
N VAL C 395 -24.15 33.02 -45.08
CA VAL C 395 -23.11 32.21 -45.73
C VAL C 395 -23.67 31.50 -46.97
N PRO C 396 -23.11 31.78 -48.15
CA PRO C 396 -23.59 31.26 -49.44
C PRO C 396 -23.02 29.90 -49.89
N GLN C 397 -21.82 29.52 -49.42
CA GLN C 397 -21.15 28.32 -49.94
C GLN C 397 -21.70 27.05 -49.33
N ARG C 398 -22.57 26.37 -50.08
CA ARG C 398 -23.25 25.21 -49.54
C ARG C 398 -23.03 23.96 -50.36
N ASP C 399 -21.97 23.92 -51.14
CA ASP C 399 -21.66 22.71 -51.90
C ASP C 399 -20.16 22.46 -52.11
N SER C 400 -19.34 23.09 -51.29
CA SER C 400 -17.90 22.85 -51.36
C SER C 400 -17.52 21.60 -50.59
N VAL C 401 -16.36 21.03 -50.87
CA VAL C 401 -15.97 19.77 -50.25
C VAL C 401 -14.63 19.90 -49.55
N VAL C 402 -13.86 20.90 -49.96
CA VAL C 402 -12.60 21.17 -49.24
C VAL C 402 -12.45 22.69 -49.00
N LYS C 403 -11.88 23.07 -47.87
CA LYS C 403 -11.69 24.48 -47.56
C LYS C 403 -10.18 24.72 -47.34
N SER C 404 -9.59 25.70 -48.02
CA SER C 404 -8.17 25.98 -47.85
C SER C 404 -7.81 27.33 -47.21
N SER C 405 -6.75 27.30 -46.41
CA SER C 405 -6.22 28.47 -45.78
C SER C 405 -4.74 28.58 -46.20
N TRP C 406 -4.35 29.72 -46.77
CA TRP C 406 -3.02 29.94 -47.30
C TRP C 406 -2.31 30.92 -46.38
N PHE C 407 -1.25 30.48 -45.74
CA PHE C 407 -0.82 31.13 -44.50
C PHE C 407 0.66 31.43 -44.42
N SER C 408 0.98 32.58 -43.86
CA SER C 408 2.35 32.80 -43.49
C SER C 408 2.43 33.65 -42.23
N ALA C 409 3.34 33.27 -41.35
CA ALA C 409 3.55 33.99 -40.11
C ALA C 409 5.04 34.23 -39.96
N TRP C 410 5.40 35.33 -39.29
CA TRP C 410 6.80 35.71 -39.14
C TRP C 410 6.89 36.76 -38.03
N GLN C 411 8.11 37.18 -37.69
CA GLN C 411 8.34 38.02 -36.51
C GLN C 411 8.63 39.49 -36.77
N ASP C 412 9.49 39.76 -37.74
CA ASP C 412 9.99 41.11 -37.92
C ASP C 412 9.21 41.91 -38.94
N ALA C 413 8.81 43.13 -38.58
CA ALA C 413 8.08 44.02 -39.47
C ALA C 413 8.81 44.23 -40.80
N GLU C 414 10.15 44.31 -40.71
CA GLU C 414 11.00 44.52 -41.88
C GLU C 414 10.82 43.43 -42.95
N LEU C 415 10.24 42.30 -42.57
CA LEU C 415 10.07 41.20 -43.50
C LEU C 415 8.63 41.08 -44.07
N ASP C 416 7.74 42.00 -43.67
CA ASP C 416 6.35 41.99 -44.17
C ASP C 416 6.31 41.76 -45.69
N GLU C 417 6.98 42.65 -46.43
CA GLU C 417 6.95 42.58 -47.88
C GLU C 417 7.41 41.24 -48.42
N LEU C 418 8.40 40.66 -47.76
CA LEU C 418 8.89 39.36 -48.21
C LEU C 418 7.77 38.32 -48.09
N HIS C 419 7.14 38.26 -46.92
CA HIS C 419 6.18 37.20 -46.72
C HIS C 419 4.90 37.43 -47.54
N LEU C 420 4.39 38.66 -47.57
CA LEU C 420 3.22 38.94 -48.38
C LEU C 420 3.58 38.55 -49.81
N GLY C 421 4.82 38.85 -50.18
CA GLY C 421 5.25 38.57 -51.54
C GLY C 421 5.08 37.10 -51.84
N TRP C 422 5.51 36.25 -50.93
CA TRP C 422 5.48 34.82 -51.18
C TRP C 422 4.01 34.37 -51.25
N LEU C 423 3.20 34.85 -50.31
CA LEU C 423 1.84 34.38 -50.22
C LEU C 423 1.10 34.75 -51.50
N ARG C 424 1.17 36.04 -51.85
CA ARG C 424 0.53 36.54 -53.06
C ARG C 424 1.02 35.74 -54.26
N GLY C 425 2.33 35.54 -54.34
CA GLY C 425 2.91 34.88 -55.49
C GLY C 425 2.27 33.53 -55.69
N LEU C 426 2.09 32.79 -54.59
CA LEU C 426 1.59 31.42 -54.70
C LEU C 426 0.11 31.48 -55.05
N TYR C 427 -0.64 32.30 -54.32
CA TYR C 427 -2.08 32.25 -54.39
C TYR C 427 -2.49 32.65 -55.80
N GLU C 428 -2.03 33.84 -56.21
CA GLU C 428 -2.29 34.36 -57.53
C GLU C 428 -1.81 33.44 -58.66
N GLU C 429 -0.74 32.67 -58.44
CA GLU C 429 -0.35 31.83 -59.55
C GLU C 429 -1.22 30.56 -59.58
N PHE C 430 -1.59 30.09 -58.41
CA PHE C 430 -2.39 28.86 -58.30
C PHE C 430 -3.74 29.08 -58.97
N PHE C 431 -4.28 30.28 -58.79
CA PHE C 431 -5.57 30.63 -59.40
C PHE C 431 -5.45 31.55 -60.61
N ALA C 432 -4.32 31.47 -61.31
CA ALA C 432 -4.05 32.36 -62.44
C ALA C 432 -5.09 32.20 -63.54
N GLY C 433 -5.58 30.98 -63.71
CA GLY C 433 -6.59 30.70 -64.71
C GLY C 433 -7.85 31.51 -64.52
N THR C 434 -8.12 31.93 -63.28
CA THR C 434 -9.31 32.75 -63.00
C THR C 434 -9.00 34.10 -62.34
N GLY C 435 -8.04 34.82 -62.91
CA GLY C 435 -7.71 36.16 -62.45
C GLY C 435 -6.99 36.26 -61.12
N GLY C 436 -6.43 35.15 -60.66
CA GLY C 436 -5.65 35.13 -59.42
C GLY C 436 -6.48 34.98 -58.15
N VAL C 437 -7.79 34.75 -58.29
CA VAL C 437 -8.62 34.46 -57.12
C VAL C 437 -9.46 33.20 -57.37
N PRO C 438 -9.97 32.60 -56.30
CA PRO C 438 -10.88 31.45 -56.47
C PRO C 438 -12.31 31.91 -56.74
N VAL C 439 -12.58 32.27 -58.00
CA VAL C 439 -13.89 32.77 -58.39
C VAL C 439 -15.01 31.80 -58.01
N THR C 440 -16.23 32.30 -57.92
CA THR C 440 -17.36 31.48 -57.53
C THR C 440 -17.90 30.70 -58.72
N GLY C 441 -18.55 29.58 -58.45
CA GLY C 441 -19.30 28.87 -59.48
C GLY C 441 -18.54 27.96 -60.43
N GLY C 442 -17.28 27.67 -60.13
CA GLY C 442 -16.51 26.74 -60.94
C GLY C 442 -15.93 25.61 -60.10
N ARG C 443 -14.64 25.33 -60.30
CA ARG C 443 -13.90 24.48 -59.37
C ARG C 443 -13.86 25.02 -57.95
N THR C 444 -14.04 26.33 -57.79
CA THR C 444 -13.99 26.98 -56.48
C THR C 444 -15.29 27.73 -56.20
N ASP C 445 -15.48 28.18 -54.97
CA ASP C 445 -16.68 28.95 -54.63
C ASP C 445 -16.39 30.15 -53.73
N GLY C 446 -15.29 30.82 -54.01
CA GLY C 446 -14.98 32.08 -53.33
C GLY C 446 -14.25 31.93 -52.01
N CYS C 447 -14.55 32.83 -51.06
CA CYS C 447 -13.76 32.99 -49.85
C CYS C 447 -14.61 33.07 -48.59
N TYR C 448 -13.94 32.93 -47.45
CA TYR C 448 -14.60 32.87 -46.17
C TYR C 448 -14.30 34.18 -45.42
N ILE C 449 -15.35 34.91 -45.07
CA ILE C 449 -15.20 36.23 -44.45
C ILE C 449 -14.38 36.20 -43.15
N ASN C 450 -14.35 35.06 -42.47
CA ASN C 450 -13.57 34.95 -41.25
C ASN C 450 -12.06 34.77 -41.51
N TYR C 451 -11.68 34.65 -42.79
CA TYR C 451 -10.28 34.76 -43.21
C TYR C 451 -10.18 35.95 -44.15
N PRO C 452 -10.52 37.16 -43.67
CA PRO C 452 -10.64 38.32 -44.58
C PRO C 452 -9.30 38.63 -45.24
N ASP C 453 -9.36 39.07 -46.49
CA ASP C 453 -8.17 39.35 -47.26
C ASP C 453 -8.30 40.66 -48.05
N ALA C 454 -7.66 41.72 -47.54
CA ALA C 454 -7.70 43.04 -48.17
C ALA C 454 -7.16 43.07 -49.61
N ASP C 455 -6.29 42.13 -49.96
CA ASP C 455 -5.79 42.08 -51.33
C ASP C 455 -6.92 41.96 -52.36
N LEU C 456 -8.08 41.43 -51.97
CA LEU C 456 -9.16 41.24 -52.93
C LEU C 456 -9.71 42.57 -53.40
N LEU C 457 -9.37 43.64 -52.68
CA LEU C 457 -9.82 44.99 -53.06
C LEU C 457 -8.93 45.63 -54.11
N ASP C 458 -7.85 44.97 -54.52
CA ASP C 458 -6.84 45.64 -55.36
C ASP C 458 -6.68 44.98 -56.73
N PRO C 459 -6.88 45.77 -57.80
CA PRO C 459 -6.83 45.24 -59.16
C PRO C 459 -5.52 44.53 -59.48
N ALA C 460 -4.42 44.94 -58.88
CA ALA C 460 -3.15 44.27 -59.15
C ALA C 460 -3.15 42.84 -58.62
N ARG C 461 -3.94 42.58 -57.58
CA ARG C 461 -4.03 41.26 -56.97
C ARG C 461 -5.20 40.45 -57.54
N ASN C 462 -6.29 41.13 -57.88
CA ASN C 462 -7.52 40.47 -58.29
C ASN C 462 -7.93 40.90 -59.70
N ARG C 463 -7.68 40.05 -60.67
CA ARG C 463 -8.00 40.30 -62.05
C ARG C 463 -9.26 39.60 -62.53
N SER C 464 -10.08 39.08 -61.63
CA SER C 464 -11.24 38.32 -61.98
C SER C 464 -12.47 39.10 -62.41
N GLY C 465 -12.63 40.31 -61.95
CA GLY C 465 -13.85 41.01 -62.23
C GLY C 465 -14.81 40.86 -61.09
N GLU C 466 -14.56 39.90 -60.22
CA GLU C 466 -15.39 39.65 -59.08
C GLU C 466 -14.98 40.48 -57.89
N PRO C 467 -15.87 41.30 -57.40
CA PRO C 467 -15.61 42.11 -56.21
C PRO C 467 -15.61 41.29 -54.91
N TRP C 468 -14.88 41.79 -53.92
CA TRP C 468 -14.75 41.10 -52.65
C TRP C 468 -16.11 40.60 -52.13
N HIS C 469 -17.11 41.48 -52.15
CA HIS C 469 -18.38 41.14 -51.52
C HIS C 469 -19.09 39.99 -52.26
N HIS C 470 -18.75 39.78 -53.53
CA HIS C 470 -19.31 38.63 -54.23
C HIS C 470 -18.56 37.34 -53.91
N LEU C 471 -17.23 37.42 -53.74
CA LEU C 471 -16.46 36.24 -53.36
C LEU C 471 -16.85 35.75 -51.97
N TYR C 472 -17.18 36.69 -51.08
CA TYR C 472 -17.54 36.33 -49.72
C TYR C 472 -19.01 36.03 -49.53
N TYR C 473 -19.87 36.80 -50.18
CA TYR C 473 -21.30 36.71 -49.88
C TYR C 473 -22.15 36.26 -51.07
N LYS C 474 -21.55 36.22 -52.26
CA LYS C 474 -22.30 35.92 -53.50
C LYS C 474 -23.65 36.66 -53.51
N ASP C 475 -24.73 35.95 -53.80
CA ASP C 475 -26.00 36.65 -54.03
C ASP C 475 -26.72 37.08 -52.74
N ASN C 476 -26.08 36.87 -51.60
CA ASN C 476 -26.62 37.33 -50.32
C ASN C 476 -26.28 38.78 -50.00
N TYR C 477 -25.43 39.38 -50.84
CA TYR C 477 -24.94 40.72 -50.53
C TYR C 477 -26.08 41.74 -50.50
N ALA C 478 -26.96 41.71 -51.49
CA ALA C 478 -28.07 42.66 -51.53
C ALA C 478 -28.85 42.66 -50.21
N ARG C 479 -29.19 41.46 -49.74
CA ARG C 479 -29.97 41.35 -48.53
C ARG C 479 -29.18 41.88 -47.33
N LEU C 480 -27.87 41.59 -47.30
CA LEU C 480 -27.04 42.13 -46.22
C LEU C 480 -27.04 43.66 -46.24
N ARG C 481 -26.98 44.25 -47.43
CA ARG C 481 -27.01 45.70 -47.57
C ARG C 481 -28.32 46.29 -47.03
N SER C 482 -29.45 45.68 -47.40
CA SER C 482 -30.72 46.14 -46.85
C SER C 482 -30.68 46.10 -45.32
N ALA C 483 -30.20 44.98 -44.78
CA ALA C 483 -30.15 44.85 -43.33
C ALA C 483 -29.29 45.95 -42.72
N LYS C 484 -28.22 46.29 -43.43
CA LYS C 484 -27.26 47.29 -42.97
C LYS C 484 -27.92 48.66 -42.94
N ARG C 485 -28.63 49.01 -44.01
CA ARG C 485 -29.35 50.28 -44.07
C ARG C 485 -30.39 50.36 -42.96
N ALA C 486 -31.12 49.28 -42.77
CA ALA C 486 -32.17 49.26 -41.76
C ALA C 486 -31.63 49.40 -40.33
N TRP C 487 -30.51 48.73 -40.03
CA TRP C 487 -30.06 48.59 -38.65
C TRP C 487 -28.85 49.43 -38.24
N ASP C 488 -28.08 49.89 -39.22
CA ASP C 488 -26.93 50.76 -38.94
C ASP C 488 -26.88 51.90 -39.94
N PRO C 489 -27.96 52.70 -39.99
CA PRO C 489 -28.14 53.72 -41.03
C PRO C 489 -27.05 54.77 -41.01
N LEU C 490 -26.49 55.05 -39.84
CA LEU C 490 -25.45 56.06 -39.71
C LEU C 490 -24.06 55.50 -40.03
N ASN C 491 -23.99 54.21 -40.39
CA ASN C 491 -22.72 53.53 -40.62
C ASN C 491 -21.78 53.72 -39.42
N THR C 492 -22.34 53.57 -38.23
CA THR C 492 -21.55 53.63 -37.00
C THR C 492 -20.48 52.53 -36.95
N PHE C 493 -20.79 51.37 -37.50
CA PHE C 493 -19.86 50.24 -37.50
C PHE C 493 -19.33 49.96 -38.88
N HIS C 494 -18.04 50.18 -39.07
CA HIS C 494 -17.45 50.04 -40.39
C HIS C 494 -15.98 49.71 -40.29
N HIS C 495 -15.45 49.19 -41.38
CA HIS C 495 -14.04 48.91 -41.48
C HIS C 495 -13.69 48.72 -42.96
N SER C 496 -12.47 48.27 -43.26
CA SER C 496 -12.05 48.27 -44.65
C SER C 496 -12.84 47.25 -45.50
N MET C 497 -13.51 46.29 -44.87
CA MET C 497 -14.30 45.32 -45.63
C MET C 497 -15.68 45.13 -45.04
N SER C 498 -16.28 46.23 -44.63
CA SER C 498 -17.60 46.18 -44.04
C SER C 498 -18.68 46.34 -45.10
N ILE C 499 -19.82 45.69 -44.87
CA ILE C 499 -20.96 45.79 -45.77
C ILE C 499 -21.36 47.25 -46.04
N GLY C 500 -21.40 47.62 -47.32
CA GLY C 500 -21.68 49.00 -47.69
C GLY C 500 -23.15 49.37 -47.57
N LEU C 501 -23.43 50.61 -47.18
CA LEU C 501 -24.81 51.10 -47.10
C LEU C 501 -25.49 51.02 -48.47
N PRO D 10 -17.72 -26.47 11.38
CA PRO D 10 -17.59 -25.60 10.21
C PRO D 10 -18.27 -24.27 10.40
N PHE D 11 -17.72 -23.39 11.20
CA PHE D 11 -18.44 -22.20 11.52
C PHE D 11 -17.79 -20.91 11.13
N THR D 12 -18.50 -19.86 11.45
CA THR D 12 -18.10 -18.48 11.20
C THR D 12 -18.06 -17.65 12.47
N VAL D 13 -17.04 -16.81 12.59
CA VAL D 13 -16.88 -15.95 13.76
C VAL D 13 -16.83 -14.48 13.34
N GLY D 14 -17.94 -13.76 13.57
CA GLY D 14 -18.04 -12.34 13.26
C GLY D 14 -17.63 -11.46 14.43
N ARG D 15 -17.60 -10.15 14.23
CA ARG D 15 -17.07 -9.21 15.20
C ARG D 15 -17.83 -9.21 16.50
N GLU D 16 -18.96 -9.84 16.46
CA GLU D 16 -19.92 -9.77 17.49
C GLU D 16 -19.72 -10.94 18.44
N ASP D 17 -19.21 -12.03 17.88
CA ASP D 17 -18.77 -13.21 18.59
C ASP D 17 -17.57 -12.98 19.50
N PRO D 18 -17.57 -13.59 20.67
CA PRO D 18 -16.54 -13.34 21.67
C PRO D 18 -15.25 -14.08 21.41
N ARG D 19 -15.29 -15.08 20.55
CA ARG D 19 -14.06 -15.75 20.09
C ARG D 19 -13.22 -14.84 19.17
N TYR D 20 -13.90 -13.84 18.61
CA TYR D 20 -13.26 -12.88 17.73
C TYR D 20 -12.01 -12.28 18.37
N ILE D 21 -12.07 -11.86 19.61
CA ILE D 21 -10.90 -11.25 20.23
C ILE D 21 -9.63 -12.12 20.22
N GLU D 22 -9.80 -13.41 20.39
CA GLU D 22 -8.68 -14.30 20.37
C GLU D 22 -8.21 -14.48 18.93
N LEU D 23 -9.13 -14.70 18.02
CA LEU D 23 -8.83 -14.85 16.64
C LEU D 23 -8.18 -13.64 16.00
N SER D 24 -8.32 -12.48 16.60
CA SER D 24 -7.79 -11.24 16.04
C SER D 24 -6.32 -11.05 16.41
N HIS D 25 -5.76 -11.99 17.16
CA HIS D 25 -4.33 -11.96 17.44
C HIS D 25 -3.67 -13.17 16.80
N SER D 26 -2.62 -12.93 16.04
CA SER D 26 -1.69 -14.01 15.70
C SER D 26 -0.60 -14.04 16.78
N ASP D 27 0.43 -14.85 16.59
CA ASP D 27 1.46 -14.97 17.60
C ASP D 27 2.15 -13.62 17.88
N ASN D 28 2.52 -12.90 16.81
CA ASN D 28 3.12 -11.58 16.98
C ASN D 28 2.08 -10.48 17.29
N HIS D 29 2.11 -9.97 18.50
CA HIS D 29 1.09 -9.02 18.92
C HIS D 29 1.32 -7.58 18.43
N ARG D 30 2.34 -7.36 17.60
CA ARG D 30 2.48 -6.03 17.01
C ARG D 30 1.40 -5.80 15.98
N PHE D 31 0.85 -6.88 15.44
CA PHE D 31 -0.08 -6.79 14.34
C PHE D 31 -1.42 -7.35 14.73
N VAL D 32 -2.48 -6.75 14.22
CA VAL D 32 -3.81 -7.22 14.53
C VAL D 32 -4.50 -7.69 13.25
N VAL D 33 -5.37 -8.67 13.36
CA VAL D 33 -6.11 -9.21 12.24
C VAL D 33 -7.57 -9.02 12.46
N GLU D 34 -8.16 -8.13 11.71
CA GLU D 34 -9.51 -7.75 11.97
C GLU D 34 -10.36 -7.70 10.74
N PRO D 35 -10.85 -8.84 10.32
CA PRO D 35 -11.73 -8.94 9.20
C PRO D 35 -13.16 -8.73 9.64
N GLU D 36 -14.07 -8.70 8.71
CA GLU D 36 -15.49 -8.68 9.06
C GLU D 36 -15.85 -10.01 9.72
N GLU D 37 -15.22 -11.08 9.25
CA GLU D 37 -15.43 -12.41 9.82
C GLU D 37 -14.27 -13.39 9.59
N PHE D 38 -14.10 -14.32 10.53
CA PHE D 38 -13.21 -15.45 10.32
C PHE D 38 -14.07 -16.64 9.90
N PHE D 39 -13.54 -17.46 9.01
CA PHE D 39 -14.21 -18.71 8.68
C PHE D 39 -13.29 -19.88 9.06
N LEU D 40 -13.84 -20.82 9.81
CA LEU D 40 -13.10 -22.00 10.23
C LEU D 40 -13.68 -23.21 9.52
N PRO D 41 -13.04 -23.60 8.41
CA PRO D 41 -13.40 -24.73 7.54
C PRO D 41 -12.97 -26.04 8.16
N ALA D 42 -13.68 -27.12 7.84
CA ALA D 42 -13.33 -28.45 8.36
C ALA D 42 -12.72 -29.35 7.28
N THR D 43 -12.88 -28.95 6.02
CA THR D 43 -12.46 -29.76 4.89
C THR D 43 -12.03 -28.85 3.75
N PRO D 44 -11.27 -29.38 2.79
CA PRO D 44 -10.86 -28.59 1.61
C PRO D 44 -12.06 -28.03 0.84
N ASP D 45 -13.13 -28.81 0.74
CA ASP D 45 -14.35 -28.34 0.08
C ASP D 45 -14.93 -27.08 0.73
N ASP D 46 -14.88 -27.03 2.06
CA ASP D 46 -15.32 -25.84 2.80
C ASP D 46 -14.48 -24.62 2.39
N VAL D 47 -13.17 -24.84 2.30
CA VAL D 47 -12.26 -23.78 1.84
C VAL D 47 -12.70 -23.29 0.47
N VAL D 48 -12.93 -24.23 -0.45
CA VAL D 48 -13.28 -23.86 -1.82
C VAL D 48 -14.58 -23.06 -1.90
N ALA D 49 -15.62 -23.55 -1.23
CA ALA D 49 -16.91 -22.87 -1.23
C ALA D 49 -16.80 -21.47 -0.64
N SER D 50 -16.07 -21.35 0.47
CA SER D 50 -15.87 -20.06 1.14
C SER D 50 -15.16 -19.04 0.25
N LEU D 51 -14.03 -19.44 -0.32
CA LEU D 51 -13.31 -18.57 -1.26
C LEU D 51 -14.21 -18.17 -2.43
N GLN D 52 -14.95 -19.12 -2.97
CA GLN D 52 -15.81 -18.84 -4.11
C GLN D 52 -16.79 -17.73 -3.75
N LYS D 53 -17.56 -17.96 -2.68
CA LYS D 53 -18.48 -16.93 -2.19
C LYS D 53 -17.76 -15.59 -2.10
N ALA D 54 -16.58 -15.57 -1.48
CA ALA D 54 -15.89 -14.31 -1.25
C ALA D 54 -15.48 -13.57 -2.55
N VAL D 55 -14.79 -14.26 -3.45
CA VAL D 55 -14.27 -13.63 -4.66
C VAL D 55 -15.40 -13.24 -5.61
N THR D 56 -16.45 -14.02 -5.67
CA THR D 56 -17.55 -13.66 -6.51
C THR D 56 -18.12 -12.34 -6.05
N GLU D 57 -18.32 -12.20 -4.75
CA GLU D 57 -18.84 -10.99 -4.15
C GLU D 57 -17.86 -9.85 -4.05
N GLY D 58 -16.66 -10.03 -4.58
CA GLY D 58 -15.59 -9.04 -4.56
C GLY D 58 -14.91 -8.80 -3.22
N ARG D 59 -15.15 -9.67 -2.25
CA ARG D 59 -14.55 -9.49 -0.92
C ARG D 59 -13.08 -9.92 -0.90
N GLY D 60 -12.25 -9.15 -0.19
CA GLY D 60 -10.84 -9.47 -0.03
C GLY D 60 -10.60 -10.58 1.00
N VAL D 61 -9.67 -11.48 0.70
CA VAL D 61 -9.41 -12.65 1.56
C VAL D 61 -7.93 -12.88 1.87
N ALA D 62 -7.70 -13.71 2.90
CA ALA D 62 -6.39 -14.19 3.27
C ALA D 62 -6.60 -15.40 4.17
N CYS D 63 -5.56 -16.21 4.35
CA CYS D 63 -5.66 -17.35 5.25
C CYS D 63 -4.57 -17.35 6.32
N ARG D 64 -4.77 -18.18 7.33
CA ARG D 64 -3.83 -18.32 8.42
C ARG D 64 -3.79 -19.76 8.87
N SER D 65 -2.59 -20.27 9.09
CA SER D 65 -2.47 -21.60 9.62
C SER D 65 -2.04 -21.55 11.09
N GLY D 66 -0.75 -21.38 11.34
CA GLY D 66 -0.28 -21.41 12.71
C GLY D 66 -0.15 -20.02 13.36
N GLY D 67 -0.25 -18.98 12.56
CA GLY D 67 -0.20 -17.61 13.07
C GLY D 67 1.18 -17.12 13.46
N HIS D 68 2.22 -17.78 13.02
CA HIS D 68 3.54 -17.38 13.38
C HIS D 68 4.24 -16.35 12.51
N CYS D 69 3.58 -15.86 11.49
CA CYS D 69 4.13 -14.85 10.59
C CYS D 69 4.90 -13.74 11.31
N GLY D 70 6.09 -13.43 10.81
CA GLY D 70 6.89 -12.38 11.40
C GLY D 70 6.41 -10.98 11.03
N GLN D 71 5.57 -10.90 10.01
CA GLN D 71 4.98 -9.62 9.59
C GLN D 71 3.45 -9.60 9.62
N ASP D 72 2.87 -8.49 9.14
CA ASP D 72 1.41 -8.29 9.14
C ASP D 72 0.68 -8.89 7.92
N PHE D 73 1.25 -9.94 7.33
CA PHE D 73 0.75 -10.48 6.06
C PHE D 73 -0.71 -10.89 6.10
N VAL D 74 -1.16 -11.46 7.20
CA VAL D 74 -2.52 -11.96 7.23
C VAL D 74 -3.57 -10.84 7.29
N GLY D 75 -3.38 -9.87 8.16
CA GLY D 75 -4.40 -8.86 8.41
C GLY D 75 -4.22 -7.51 7.74
N THR D 76 -3.15 -7.36 6.98
CA THR D 76 -2.88 -6.11 6.26
C THR D 76 -2.54 -6.43 4.80
N PRO D 77 -3.21 -5.76 3.85
CA PRO D 77 -4.27 -4.75 4.00
C PRO D 77 -5.55 -5.34 4.58
N ARG D 78 -6.48 -4.50 5.04
CA ARG D 78 -7.74 -4.99 5.64
C ARG D 78 -8.39 -6.06 4.78
N ARG D 79 -8.83 -7.14 5.42
CA ARG D 79 -9.50 -8.22 4.71
C ARG D 79 -10.96 -8.22 5.13
N ASP D 80 -11.82 -8.70 4.24
CA ASP D 80 -13.22 -8.93 4.61
C ASP D 80 -13.36 -10.30 5.27
N LEU D 81 -12.54 -11.24 4.81
CA LEU D 81 -12.62 -12.62 5.24
C LEU D 81 -11.23 -13.21 5.49
N VAL D 82 -11.05 -13.80 6.66
CA VAL D 82 -9.85 -14.59 6.96
C VAL D 82 -10.22 -16.05 7.23
N LEU D 83 -9.61 -16.95 6.46
CA LEU D 83 -9.78 -18.38 6.67
C LEU D 83 -8.77 -18.87 7.68
N ASP D 84 -9.24 -19.35 8.82
CA ASP D 84 -8.36 -19.94 9.84
C ASP D 84 -8.36 -21.46 9.62
N LEU D 85 -7.19 -22.02 9.37
CA LEU D 85 -7.10 -23.38 8.85
C LEU D 85 -6.80 -24.45 9.88
N HIS D 86 -6.77 -24.09 11.16
CA HIS D 86 -6.33 -25.05 12.17
C HIS D 86 -7.12 -26.37 12.27
N ASN D 87 -8.36 -26.41 11.77
CA ASN D 87 -9.11 -27.66 11.76
C ASN D 87 -8.65 -28.66 10.67
N LEU D 88 -7.92 -28.18 9.67
CA LEU D 88 -7.40 -29.09 8.63
C LEU D 88 -6.06 -29.67 9.04
N HIS D 89 -6.08 -30.57 10.01
CA HIS D 89 -4.86 -31.06 10.64
C HIS D 89 -4.71 -32.58 10.54
N ALA D 90 -5.49 -33.19 9.66
CA ALA D 90 -5.45 -34.64 9.53
C ALA D 90 -4.08 -35.09 8.98
N ILE D 91 -3.54 -36.17 9.52
CA ILE D 91 -2.32 -36.78 8.99
C ILE D 91 -2.61 -38.25 8.65
N GLY D 92 -2.25 -38.68 7.45
CA GLY D 92 -2.55 -40.05 7.07
C GLY D 92 -1.70 -40.54 5.92
N PRO D 93 -1.76 -41.81 5.57
CA PRO D 93 -1.05 -42.27 4.40
C PRO D 93 -1.55 -41.56 3.20
N ALA D 94 -0.68 -41.34 2.23
CA ALA D 94 -1.10 -40.71 1.00
C ALA D 94 -2.03 -41.62 0.20
N ALA D 95 -3.11 -41.05 -0.31
CA ALA D 95 -4.08 -41.85 -1.02
C ALA D 95 -3.41 -42.81 -1.96
N ASP D 96 -2.42 -42.30 -2.66
CA ASP D 96 -1.88 -42.94 -3.82
C ASP D 96 -0.40 -43.03 -3.67
N GLY D 97 0.10 -44.23 -3.54
CA GLY D 97 1.51 -44.42 -3.40
C GLY D 97 1.94 -44.51 -1.97
N ALA D 98 3.18 -44.10 -1.71
CA ALA D 98 3.71 -43.99 -0.38
C ALA D 98 3.65 -42.53 -0.01
N GLY D 99 4.20 -42.20 1.13
CA GLY D 99 4.18 -40.85 1.60
C GLY D 99 3.09 -40.61 2.60
N VAL D 100 3.05 -39.40 3.10
CA VAL D 100 2.10 -39.03 4.08
C VAL D 100 1.46 -37.76 3.63
N ARG D 101 0.17 -37.72 3.75
CA ARG D 101 -0.60 -36.49 3.58
C ARG D 101 -0.80 -35.77 4.92
N VAL D 102 -0.58 -34.46 4.90
CA VAL D 102 -0.65 -33.62 6.08
C VAL D 102 -1.46 -32.36 5.80
N GLY D 103 -2.53 -32.14 6.57
CA GLY D 103 -3.35 -30.96 6.43
C GLY D 103 -2.55 -29.70 6.69
N SER D 104 -2.86 -28.63 5.98
CA SER D 104 -2.06 -27.43 6.08
C SER D 104 -2.21 -26.75 7.44
N GLY D 105 -3.26 -27.13 8.17
CA GLY D 105 -3.53 -26.54 9.47
C GLY D 105 -2.86 -27.25 10.64
N ALA D 106 -2.18 -28.35 10.37
CA ALA D 106 -1.46 -29.07 11.40
C ALA D 106 -0.24 -28.27 11.89
N THR D 107 0.06 -28.40 13.17
CA THR D 107 1.24 -27.75 13.72
C THR D 107 2.42 -28.72 13.70
N VAL D 108 3.62 -28.17 13.81
CA VAL D 108 4.82 -28.98 13.92
C VAL D 108 4.73 -30.07 15.00
N ASP D 109 4.20 -29.71 16.16
CA ASP D 109 4.07 -30.65 17.26
C ASP D 109 3.23 -31.87 16.85
N GLN D 110 2.05 -31.59 16.26
CA GLN D 110 1.15 -32.65 15.82
C GLN D 110 1.84 -33.54 14.80
N VAL D 111 2.53 -32.92 13.85
CA VAL D 111 3.18 -33.69 12.81
C VAL D 111 4.28 -34.59 13.37
N GLN D 112 5.15 -34.03 14.21
CA GLN D 112 6.24 -34.77 14.83
C GLN D 112 5.72 -35.96 15.62
N LYS D 113 4.73 -35.70 16.46
CA LYS D 113 4.16 -36.80 17.24
C LYS D 113 3.56 -37.89 16.33
N ALA D 114 2.79 -37.49 15.32
CA ALA D 114 2.13 -38.49 14.47
C ALA D 114 3.16 -39.33 13.69
N LEU D 115 4.08 -38.64 13.03
CA LEU D 115 5.13 -39.30 12.26
C LEU D 115 5.89 -40.29 13.14
N PHE D 116 6.27 -39.85 14.33
CA PHE D 116 7.07 -40.69 15.20
C PHE D 116 6.30 -41.88 15.74
N ARG D 117 5.10 -41.63 16.26
CA ARG D 117 4.31 -42.68 16.90
C ARG D 117 3.75 -43.70 15.90
N ARG D 118 3.41 -43.26 14.70
CA ARG D 118 2.84 -44.19 13.72
C ARG D 118 3.90 -44.91 12.89
N TRP D 119 4.99 -44.23 12.53
CA TRP D 119 5.91 -44.82 11.56
C TRP D 119 7.38 -44.77 11.94
N ASN D 120 7.66 -44.33 13.17
CA ASN D 120 9.03 -44.08 13.57
C ASN D 120 9.75 -43.18 12.54
N ALA D 121 9.02 -42.19 12.03
CA ALA D 121 9.52 -41.30 10.99
C ALA D 121 9.77 -39.92 11.54
N ALA D 122 10.51 -39.12 10.78
CA ALA D 122 10.78 -37.73 11.14
C ALA D 122 11.04 -36.89 9.90
N LEU D 123 10.54 -35.67 9.90
CA LEU D 123 10.87 -34.73 8.84
C LEU D 123 11.71 -33.63 9.47
N PRO D 124 12.43 -32.84 8.66
CA PRO D 124 13.23 -31.75 9.23
C PRO D 124 12.38 -30.53 9.59
N LEU D 125 11.36 -30.72 10.42
CA LEU D 125 10.51 -29.61 10.83
C LEU D 125 11.24 -28.68 11.79
N GLY D 126 10.70 -27.49 11.98
CA GLY D 126 11.36 -26.50 12.81
C GLY D 126 11.43 -26.85 14.30
N ALA D 127 12.07 -25.97 15.06
CA ALA D 127 12.24 -26.19 16.48
C ALA D 127 11.05 -25.65 17.32
N CYS D 128 10.11 -24.95 16.70
CA CYS D 128 8.98 -24.42 17.40
C CYS D 128 7.68 -25.20 17.20
N SER D 129 7.20 -25.84 18.23
CA SER D 129 6.09 -26.78 18.12
C SER D 129 4.76 -26.17 17.64
N ALA D 130 4.58 -24.86 17.79
CA ALA D 130 3.29 -24.24 17.45
C ALA D 130 3.20 -23.70 16.02
N VAL D 131 4.31 -23.74 15.30
CA VAL D 131 4.29 -23.27 13.93
C VAL D 131 3.37 -24.12 13.06
N GLY D 132 2.64 -23.48 12.16
CA GLY D 132 1.74 -24.19 11.27
C GLY D 132 2.43 -24.66 10.00
N MET D 133 2.00 -25.81 9.48
CA MET D 133 2.56 -26.34 8.24
C MET D 133 2.37 -25.40 7.06
N GLY D 134 1.22 -24.72 7.05
CA GLY D 134 0.88 -23.78 6.00
C GLY D 134 2.03 -22.87 5.58
N GLY D 135 2.43 -21.98 6.48
CA GLY D 135 3.53 -21.06 6.18
C GLY D 135 4.90 -21.72 6.17
N LEU D 136 5.13 -22.62 7.12
CA LEU D 136 6.43 -23.24 7.26
C LEU D 136 6.87 -23.89 5.96
N VAL D 137 6.03 -24.78 5.43
CA VAL D 137 6.40 -25.53 4.24
C VAL D 137 6.58 -24.61 3.05
N ALA D 138 5.59 -23.75 2.81
CA ALA D 138 5.61 -22.84 1.66
C ALA D 138 6.89 -22.01 1.62
N GLY D 139 7.39 -21.60 2.78
CA GLY D 139 8.64 -20.84 2.84
C GLY D 139 9.97 -21.61 2.78
N GLY D 140 9.94 -22.93 2.81
CA GLY D 140 11.17 -23.70 2.77
C GLY D 140 11.25 -24.65 3.93
N GLY D 141 11.43 -24.10 5.13
CA GLY D 141 11.41 -24.89 6.35
C GLY D 141 12.71 -25.61 6.66
N TYR D 142 13.39 -25.20 7.73
CA TYR D 142 14.55 -25.96 8.17
C TYR D 142 14.46 -26.24 9.66
N GLY D 143 15.33 -27.13 10.13
CA GLY D 143 15.26 -27.59 11.51
C GLY D 143 16.53 -28.27 11.96
N PRO D 144 16.57 -28.67 13.23
CA PRO D 144 17.71 -29.41 13.79
C PRO D 144 18.10 -30.65 12.98
N LEU D 145 17.16 -31.23 12.23
CA LEU D 145 17.49 -32.42 11.44
C LEU D 145 17.95 -32.09 10.02
N SER D 146 18.01 -30.80 9.68
CA SER D 146 18.21 -30.40 8.28
C SER D 146 19.58 -30.74 7.69
N ARG D 147 20.61 -30.82 8.53
CA ARG D 147 21.93 -31.20 8.02
C ARG D 147 21.97 -32.67 7.63
N GLN D 148 21.02 -33.47 8.11
CA GLN D 148 20.89 -34.85 7.65
C GLN D 148 19.80 -35.03 6.58
N LEU D 149 18.70 -34.29 6.72
CA LEU D 149 17.53 -34.54 5.88
C LEU D 149 17.24 -33.47 4.84
N GLY D 150 17.90 -32.33 4.95
CA GLY D 150 17.63 -31.22 4.04
C GLY D 150 16.51 -30.31 4.53
N LEU D 151 15.90 -29.57 3.61
CA LEU D 151 14.78 -28.70 3.92
C LEU D 151 13.48 -29.48 3.83
N VAL D 152 12.44 -28.97 4.49
CA VAL D 152 11.15 -29.64 4.41
C VAL D 152 10.67 -29.77 2.96
N VAL D 153 10.85 -28.71 2.17
CA VAL D 153 10.41 -28.75 0.78
C VAL D 153 11.16 -29.80 -0.03
N ASP D 154 12.31 -30.26 0.46
CA ASP D 154 13.03 -31.32 -0.23
C ASP D 154 12.33 -32.68 -0.07
N HIS D 155 11.30 -32.73 0.75
CA HIS D 155 10.53 -33.96 0.94
C HIS D 155 9.12 -33.82 0.39
N LEU D 156 8.85 -32.67 -0.21
CA LEU D 156 7.53 -32.37 -0.73
C LEU D 156 7.28 -33.17 -2.00
N HIS D 157 6.20 -33.94 -1.97
CA HIS D 157 5.75 -34.70 -3.13
C HIS D 157 4.55 -34.07 -3.83
N ALA D 158 3.63 -33.48 -3.06
CA ALA D 158 2.50 -32.81 -3.70
C ALA D 158 1.89 -31.69 -2.88
N VAL D 159 1.19 -30.79 -3.56
CA VAL D 159 0.48 -29.74 -2.86
C VAL D 159 -0.95 -29.63 -3.37
N GLU D 160 -1.90 -29.70 -2.46
CA GLU D 160 -3.32 -29.53 -2.76
C GLU D 160 -3.72 -28.12 -2.32
N VAL D 161 -4.05 -27.30 -3.31
CA VAL D 161 -4.23 -25.86 -3.13
C VAL D 161 -5.44 -25.29 -3.89
N ALA D 162 -6.15 -24.39 -3.22
CA ALA D 162 -7.31 -23.73 -3.82
C ALA D 162 -6.86 -22.44 -4.50
N VAL D 163 -7.05 -22.37 -5.81
CA VAL D 163 -6.63 -21.24 -6.62
C VAL D 163 -7.79 -20.55 -7.32
N VAL D 164 -7.55 -19.30 -7.73
CA VAL D 164 -8.56 -18.44 -8.34
C VAL D 164 -8.09 -18.00 -9.73
N ASP D 165 -8.88 -18.29 -10.76
CA ASP D 165 -8.48 -17.97 -12.14
C ASP D 165 -9.06 -16.63 -12.65
N GLU D 166 -8.77 -16.28 -13.90
CA GLU D 166 -9.17 -14.99 -14.50
C GLU D 166 -10.67 -14.73 -14.47
N SER D 167 -11.44 -15.78 -14.49
CA SER D 167 -12.90 -15.63 -14.49
C SER D 167 -13.50 -15.68 -13.07
N ARG D 168 -12.65 -15.54 -12.06
CA ARG D 168 -13.10 -15.54 -10.67
C ARG D 168 -13.71 -16.88 -10.23
N THR D 169 -13.23 -17.96 -10.83
CA THR D 169 -13.65 -19.31 -10.44
C THR D 169 -12.60 -19.98 -9.55
N VAL D 170 -13.04 -20.53 -8.42
CA VAL D 170 -12.12 -21.18 -7.49
C VAL D 170 -12.10 -22.68 -7.74
N ARG D 171 -10.89 -23.25 -7.76
CA ARG D 171 -10.73 -24.68 -7.99
C ARG D 171 -9.69 -25.26 -7.05
N LEU D 172 -9.93 -26.49 -6.63
CA LEU D 172 -8.96 -27.22 -5.81
C LEU D 172 -8.07 -28.04 -6.76
N VAL D 173 -6.81 -27.65 -6.91
CA VAL D 173 -5.91 -28.40 -7.75
C VAL D 173 -4.81 -29.07 -6.94
N THR D 174 -4.35 -30.24 -7.39
CA THR D 174 -3.18 -30.87 -6.79
C THR D 174 -2.02 -30.82 -7.79
N ALA D 175 -0.85 -30.47 -7.32
CA ALA D 175 0.30 -30.31 -8.17
C ALA D 175 1.43 -31.15 -7.66
N ARG D 176 1.99 -32.02 -8.47
CA ARG D 176 2.92 -32.99 -7.96
C ARG D 176 4.35 -32.79 -8.37
N ALA D 177 5.26 -33.50 -7.75
CA ALA D 177 6.63 -33.25 -8.03
C ALA D 177 6.97 -33.59 -9.48
N ASP D 178 6.25 -34.56 -10.02
CA ASP D 178 6.47 -35.11 -11.36
C ASP D 178 5.68 -34.41 -12.48
N ASP D 179 4.81 -33.47 -12.10
CA ASP D 179 3.99 -32.74 -13.07
C ASP D 179 4.85 -31.84 -13.97
N THR D 180 4.35 -31.55 -15.17
CA THR D 180 5.00 -30.60 -16.06
C THR D 180 4.04 -29.45 -16.39
N GLY D 181 4.51 -28.55 -17.22
CA GLY D 181 3.69 -27.44 -17.62
C GLY D 181 3.30 -26.56 -16.47
N ASP D 182 2.06 -26.13 -16.45
CA ASP D 182 1.64 -25.20 -15.45
C ASP D 182 1.56 -25.80 -14.05
N LEU D 183 1.20 -27.05 -13.94
CA LEU D 183 1.14 -27.70 -12.69
C LEU D 183 2.49 -27.81 -12.12
N GLY D 184 3.43 -28.14 -12.97
CA GLY D 184 4.81 -28.25 -12.53
C GLY D 184 5.28 -26.95 -11.92
N GLU D 185 4.91 -25.84 -12.55
CA GLU D 185 5.24 -24.50 -12.02
C GLU D 185 4.59 -24.21 -10.67
N LEU D 186 3.33 -24.61 -10.51
CA LEU D 186 2.63 -24.39 -9.24
C LEU D 186 3.33 -25.17 -8.11
N PHE D 187 3.65 -26.42 -8.41
CA PHE D 187 4.34 -27.24 -7.43
C PHE D 187 5.66 -26.59 -7.07
N TRP D 188 6.46 -26.25 -8.07
CA TRP D 188 7.78 -25.68 -7.82
C TRP D 188 7.69 -24.38 -6.99
N ALA D 189 6.70 -23.56 -7.31
CA ALA D 189 6.48 -22.31 -6.62
C ALA D 189 6.18 -22.53 -5.14
N HIS D 190 5.58 -23.67 -4.82
CA HIS D 190 5.34 -23.95 -3.39
C HIS D 190 6.55 -24.48 -2.61
N THR D 191 7.68 -24.67 -3.27
CA THR D 191 8.84 -25.18 -2.56
C THR D 191 9.77 -24.02 -2.18
N GLY D 192 9.21 -23.00 -1.55
CA GLY D 192 9.98 -21.85 -1.07
C GLY D 192 9.46 -20.48 -1.51
N GLY D 193 8.38 -20.45 -2.30
CA GLY D 193 7.79 -19.19 -2.70
C GLY D 193 7.17 -18.36 -1.56
N GLY D 194 6.82 -19.03 -0.47
CA GLY D 194 6.29 -18.33 0.70
C GLY D 194 4.77 -18.34 0.69
N GLY D 195 4.19 -18.32 1.87
CA GLY D 195 2.75 -18.34 2.00
C GLY D 195 2.10 -17.03 1.53
N GLY D 196 0.80 -17.08 1.31
CA GLY D 196 0.03 -15.88 0.98
C GLY D 196 0.16 -15.41 -0.46
N ASN D 197 0.66 -16.29 -1.34
CA ASN D 197 0.97 -15.89 -2.73
C ASN D 197 0.11 -16.50 -3.84
N PHE D 198 -0.15 -17.80 -3.78
CA PHE D 198 -0.72 -18.48 -4.93
C PHE D 198 -2.13 -18.99 -4.71
N GLY D 199 -2.52 -19.11 -3.44
CA GLY D 199 -3.82 -19.65 -3.11
C GLY D 199 -3.76 -20.25 -1.73
N VAL D 200 -4.83 -20.90 -1.31
CA VAL D 200 -4.88 -21.48 0.03
C VAL D 200 -4.54 -22.94 -0.03
N VAL D 201 -3.36 -23.30 0.48
CA VAL D 201 -2.99 -24.70 0.51
C VAL D 201 -3.86 -25.40 1.54
N THR D 202 -4.48 -26.51 1.16
CA THR D 202 -5.30 -27.28 2.08
C THR D 202 -4.52 -28.50 2.54
N ALA D 203 -3.57 -28.96 1.74
CA ALA D 203 -2.74 -30.07 2.23
C ALA D 203 -1.41 -30.25 1.52
N TYR D 204 -0.46 -30.88 2.19
CA TYR D 204 0.80 -31.24 1.57
C TYR D 204 0.96 -32.75 1.60
N GLU D 205 1.62 -33.31 0.59
CA GLU D 205 2.05 -34.71 0.62
C GLU D 205 3.57 -34.79 0.61
N PHE D 206 4.12 -35.66 1.42
CA PHE D 206 5.52 -35.82 1.57
C PHE D 206 6.03 -37.18 1.17
N ARG D 207 7.12 -37.20 0.45
CA ARG D 207 7.78 -38.40 0.05
C ARG D 207 9.22 -38.08 -0.11
N SER D 208 10.06 -38.80 0.59
CA SER D 208 11.43 -38.42 0.58
C SER D 208 12.21 -38.86 -0.64
N PRO D 209 13.37 -38.26 -0.82
CA PRO D 209 14.29 -38.68 -1.89
C PRO D 209 14.65 -40.12 -1.63
N GLU D 210 15.01 -40.87 -2.67
CA GLU D 210 15.25 -42.31 -2.51
C GLU D 210 16.28 -42.63 -1.43
N HIS D 211 17.35 -41.86 -1.36
CA HIS D 211 18.44 -42.15 -0.42
C HIS D 211 18.14 -41.81 1.08
N LEU D 212 17.02 -41.15 1.32
CA LEU D 212 16.60 -40.86 2.70
C LEU D 212 15.40 -41.69 3.13
N ALA D 213 14.64 -42.19 2.15
CA ALA D 213 13.40 -42.91 2.42
C ALA D 213 13.64 -44.27 3.06
N THR D 214 12.71 -44.71 3.89
CA THR D 214 12.70 -46.02 4.49
C THR D 214 11.27 -46.41 4.65
N GLU D 215 11.03 -47.51 5.31
CA GLU D 215 9.68 -47.95 5.43
C GLU D 215 9.11 -47.50 6.75
N PRO D 216 7.80 -47.49 6.86
CA PRO D 216 6.87 -48.09 5.93
C PRO D 216 6.25 -47.20 4.87
N VAL D 217 6.42 -45.91 5.01
CA VAL D 217 5.71 -44.83 4.32
C VAL D 217 6.58 -43.95 3.44
N GLY D 218 7.84 -44.33 3.29
CA GLY D 218 8.73 -43.61 2.39
C GLY D 218 9.23 -42.31 2.97
N LEU D 219 9.33 -42.27 4.29
CA LEU D 219 9.93 -41.13 4.98
C LEU D 219 11.21 -41.59 5.68
N PRO D 220 12.00 -40.65 6.21
CA PRO D 220 13.23 -41.00 6.93
C PRO D 220 12.95 -41.64 8.29
N ARG D 221 13.89 -42.42 8.80
CA ARG D 221 13.73 -43.05 10.12
C ARG D 221 14.12 -42.06 11.21
N ALA D 222 13.32 -41.94 12.26
CA ALA D 222 13.73 -41.12 13.40
C ALA D 222 14.84 -41.84 14.15
N ALA D 223 15.84 -41.08 14.60
CA ALA D 223 16.97 -41.67 15.32
C ALA D 223 16.50 -42.35 16.60
N GLY D 224 17.19 -43.41 16.99
CA GLY D 224 16.85 -44.11 18.23
C GLY D 224 17.05 -43.20 19.42
N ARG D 225 18.16 -42.49 19.44
CA ARG D 225 18.53 -41.64 20.57
C ARG D 225 19.26 -40.39 20.11
N LEU D 226 19.12 -39.33 20.89
CA LEU D 226 19.79 -38.08 20.64
C LEU D 226 20.64 -37.74 21.84
N HIS D 227 21.89 -37.35 21.61
CA HIS D 227 22.66 -36.61 22.59
C HIS D 227 22.15 -35.19 22.56
N VAL D 228 21.71 -34.69 23.71
CA VAL D 228 21.25 -33.32 23.82
C VAL D 228 22.04 -32.60 24.92
N GLN D 229 22.43 -31.37 24.66
CA GLN D 229 23.23 -30.63 25.62
C GLN D 229 22.97 -29.15 25.55
N LYS D 230 22.77 -28.52 26.71
CA LYS D 230 22.66 -27.07 26.81
C LYS D 230 23.79 -26.56 27.70
N VAL D 231 24.49 -25.54 27.25
CA VAL D 231 25.64 -25.02 27.97
C VAL D 231 25.46 -23.53 28.19
N VAL D 232 25.51 -23.12 29.44
CA VAL D 232 25.36 -21.71 29.77
C VAL D 232 26.71 -21.08 30.06
N PHE D 233 27.02 -19.98 29.38
CA PHE D 233 28.25 -19.22 29.62
C PHE D 233 27.89 -17.87 30.21
N PRO D 234 28.38 -17.58 31.42
CA PRO D 234 28.10 -16.29 32.06
C PRO D 234 28.83 -15.16 31.33
N TRP D 235 28.13 -14.06 31.05
CA TRP D 235 28.71 -12.93 30.36
C TRP D 235 29.88 -12.38 31.17
N ALA D 236 29.75 -12.49 32.49
CA ALA D 236 30.75 -11.96 33.40
C ALA D 236 32.16 -12.54 33.16
N MET D 237 32.22 -13.73 32.57
CA MET D 237 33.51 -14.37 32.28
C MET D 237 34.01 -14.08 30.85
N ILE D 238 33.24 -13.29 30.09
CA ILE D 238 33.56 -13.06 28.69
C ILE D 238 33.91 -11.60 28.37
N ASP D 239 35.13 -11.36 27.93
CA ASP D 239 35.52 -10.04 27.42
C ASP D 239 35.42 -10.01 25.90
N GLU D 240 35.62 -8.84 25.29
CA GLU D 240 35.45 -8.70 23.86
C GLU D 240 36.26 -9.72 23.09
N THR D 241 37.52 -9.85 23.47
CA THR D 241 38.44 -10.72 22.75
C THR D 241 38.00 -12.19 22.72
N SER D 242 37.68 -12.73 23.90
CA SER D 242 37.25 -14.11 23.98
C SER D 242 35.89 -14.33 23.32
N PHE D 243 35.02 -13.31 23.35
CA PHE D 243 33.76 -13.35 22.63
C PHE D 243 34.01 -13.54 21.13
N VAL D 244 34.91 -12.71 20.61
CA VAL D 244 35.26 -12.78 19.19
C VAL D 244 35.87 -14.14 18.87
N THR D 245 36.72 -14.64 19.76
CA THR D 245 37.28 -15.96 19.55
C THR D 245 36.22 -17.05 19.49
N VAL D 246 35.33 -17.09 20.46
CA VAL D 246 34.29 -18.10 20.50
C VAL D 246 33.44 -18.06 19.23
N MET D 247 33.01 -16.86 18.84
CA MET D 247 32.16 -16.74 17.66
C MET D 247 32.89 -17.20 16.41
N ARG D 248 34.15 -16.80 16.31
CA ARG D 248 34.94 -17.14 15.14
C ARG D 248 35.05 -18.66 15.05
N ARG D 249 35.35 -19.32 16.15
CA ARG D 249 35.46 -20.77 16.14
C ARG D 249 34.15 -21.45 15.76
N PHE D 250 33.04 -20.93 16.26
CA PHE D 250 31.73 -21.49 15.92
C PHE D 250 31.59 -21.47 14.38
N PHE D 251 31.82 -20.29 13.81
CA PHE D 251 31.68 -20.15 12.36
C PHE D 251 32.68 -21.00 11.57
N GLU D 252 33.91 -21.09 12.05
CA GLU D 252 34.94 -21.82 11.31
C GLU D 252 34.70 -23.32 11.33
N TRP D 253 34.25 -23.82 12.48
CA TRP D 253 33.81 -25.19 12.57
C TRP D 253 32.75 -25.40 11.51
N HIS D 254 31.79 -24.49 11.40
CA HIS D 254 30.80 -24.71 10.33
C HIS D 254 31.37 -24.62 8.91
N GLU D 255 32.40 -23.79 8.72
CA GLU D 255 33.06 -23.69 7.42
C GLU D 255 33.66 -25.03 7.02
N ARG D 256 34.27 -25.72 7.97
CA ARG D 256 34.91 -27.01 7.66
C ARG D 256 33.97 -28.22 7.57
N HIS D 257 32.91 -28.23 8.37
CA HIS D 257 32.11 -29.45 8.55
C HIS D 257 30.65 -29.27 8.13
N SER D 258 30.44 -28.82 6.91
CA SER D 258 29.08 -28.64 6.43
C SER D 258 28.81 -29.25 5.07
N GLU D 259 29.69 -30.16 4.64
CA GLU D 259 29.44 -30.96 3.44
C GLU D 259 28.33 -31.99 3.67
N PRO D 260 27.52 -32.25 2.63
CA PRO D 260 26.50 -33.30 2.67
C PRO D 260 27.14 -34.66 2.92
N GLY D 261 26.61 -35.41 3.88
CA GLY D 261 27.05 -36.78 4.11
C GLY D 261 28.19 -36.96 5.11
N SER D 262 28.83 -35.87 5.51
CA SER D 262 29.92 -35.95 6.49
C SER D 262 29.37 -36.42 7.83
N PRO D 263 30.26 -36.99 8.68
CA PRO D 263 29.87 -37.42 10.03
C PRO D 263 29.30 -36.25 10.87
N GLU D 264 29.98 -35.10 10.78
CA GLU D 264 29.57 -33.92 11.52
C GLU D 264 28.17 -33.41 11.16
N SER D 265 27.63 -33.90 10.05
CA SER D 265 26.31 -33.47 9.63
C SER D 265 25.24 -34.08 10.56
N SER D 266 25.67 -34.97 11.46
CA SER D 266 24.73 -35.51 12.44
C SER D 266 24.57 -34.56 13.63
N LEU D 267 25.36 -33.49 13.65
CA LEU D 267 25.37 -32.55 14.74
C LEU D 267 24.69 -31.25 14.34
N PHE D 268 23.92 -30.67 15.24
CA PHE D 268 23.25 -29.39 15.00
C PHE D 268 23.33 -28.50 16.23
N ALA D 269 23.83 -27.29 16.07
CA ALA D 269 23.95 -26.33 17.18
C ALA D 269 23.12 -25.07 16.98
N THR D 270 22.62 -24.55 18.09
CA THR D 270 21.89 -23.30 18.16
C THR D 270 22.58 -22.47 19.22
N PHE D 271 23.15 -21.34 18.83
CA PHE D 271 23.83 -20.47 19.77
C PHE D 271 23.03 -19.19 20.03
N PHE D 272 22.47 -19.07 21.22
CA PHE D 272 21.77 -17.86 21.62
C PHE D 272 22.78 -16.91 22.21
N VAL D 273 23.12 -15.89 21.41
CA VAL D 273 24.02 -14.84 21.83
C VAL D 273 23.13 -13.72 22.35
N ASN D 274 22.88 -13.77 23.65
CA ASN D 274 21.95 -12.86 24.31
C ASN D 274 22.56 -11.51 24.62
N HIS D 275 21.72 -10.47 24.58
CA HIS D 275 22.10 -9.17 25.10
C HIS D 275 22.55 -9.34 26.56
N VAL D 276 23.48 -8.50 27.00
CA VAL D 276 24.12 -8.69 28.30
C VAL D 276 23.15 -8.68 29.47
N SER D 277 22.01 -8.01 29.30
CA SER D 277 21.05 -7.95 30.39
C SER D 277 20.46 -9.33 30.75
N SER D 278 20.67 -10.32 29.89
CA SER D 278 20.23 -11.70 30.18
C SER D 278 21.22 -12.46 31.06
N GLY D 279 22.43 -11.90 31.18
CA GLY D 279 23.46 -12.50 32.01
C GLY D 279 24.22 -13.66 31.39
N VAL D 280 23.71 -14.24 30.32
CA VAL D 280 24.30 -15.47 29.79
C VAL D 280 24.22 -15.59 28.28
N LEU D 281 25.16 -16.34 27.71
CA LEU D 281 25.05 -16.85 26.37
C LEU D 281 24.63 -18.31 26.54
N GLN D 282 23.82 -18.84 25.64
CA GLN D 282 23.41 -20.24 25.79
C GLN D 282 23.61 -21.03 24.50
N LEU D 283 24.36 -22.12 24.58
CA LEU D 283 24.62 -22.98 23.44
C LEU D 283 23.82 -24.27 23.56
N MET D 284 23.04 -24.61 22.54
CA MET D 284 22.31 -25.86 22.54
C MET D 284 22.84 -26.73 21.41
N VAL D 285 23.13 -27.98 21.69
CA VAL D 285 23.67 -28.88 20.69
C VAL D 285 23.01 -30.23 20.75
N GLN D 286 22.65 -30.77 19.59
CA GLN D 286 22.20 -32.14 19.58
C GLN D 286 22.92 -32.95 18.53
N GLN D 287 23.08 -34.24 18.78
CA GLN D 287 23.69 -35.16 17.82
C GLN D 287 22.97 -36.49 17.78
N ASP D 288 22.78 -36.99 16.57
CA ASP D 288 22.24 -38.33 16.36
C ASP D 288 23.14 -39.36 17.05
N ALA D 289 22.57 -40.06 18.04
CA ALA D 289 23.30 -41.08 18.81
C ALA D 289 23.47 -42.42 18.09
N ASP D 290 22.72 -42.66 17.02
CA ASP D 290 22.88 -43.87 16.23
C ASP D 290 24.18 -43.79 15.44
N VAL D 291 24.46 -42.61 14.90
CA VAL D 291 25.66 -42.34 14.13
C VAL D 291 26.90 -42.34 15.01
N ASP D 292 26.76 -41.74 16.19
CA ASP D 292 27.88 -41.53 17.12
C ASP D 292 27.45 -41.86 18.56
N PRO D 293 27.54 -43.14 18.93
CA PRO D 293 27.03 -43.64 20.22
C PRO D 293 27.62 -42.95 21.46
N GLU D 294 28.85 -42.47 21.38
CA GLU D 294 29.48 -41.83 22.54
C GLU D 294 29.39 -40.31 22.52
N GLY D 295 28.90 -39.76 21.40
CA GLY D 295 28.74 -38.32 21.28
C GLY D 295 30.08 -37.60 21.26
N GLU D 296 31.08 -38.23 20.64
CA GLU D 296 32.44 -37.69 20.57
C GLU D 296 32.49 -36.38 19.81
N ILE D 297 31.81 -36.35 18.66
CA ILE D 297 31.79 -35.15 17.85
C ILE D 297 31.21 -33.98 18.66
N LEU D 298 30.11 -34.24 19.37
CA LEU D 298 29.48 -33.20 20.19
C LEU D 298 30.45 -32.68 21.26
N ALA D 299 31.07 -33.61 21.98
CA ALA D 299 32.02 -33.25 23.02
C ALA D 299 33.18 -32.39 22.48
N ARG D 300 33.76 -32.82 21.35
CA ARG D 300 34.87 -32.10 20.73
C ARG D 300 34.47 -30.70 20.26
N PHE D 301 33.31 -30.60 19.64
CA PHE D 301 32.81 -29.30 19.19
C PHE D 301 32.68 -28.34 20.39
N VAL D 302 32.00 -28.81 21.42
CA VAL D 302 31.75 -27.97 22.59
C VAL D 302 33.06 -27.54 23.24
N ALA D 303 33.97 -28.49 23.41
CA ALA D 303 35.24 -28.20 24.06
C ALA D 303 36.07 -27.23 23.23
N SER D 304 36.04 -27.41 21.92
CA SER D 304 36.87 -26.61 21.02
C SER D 304 36.40 -25.17 21.02
N LEU D 305 35.11 -24.94 21.23
CA LEU D 305 34.65 -23.54 21.25
C LEU D 305 35.43 -22.66 22.24
N THR D 306 35.74 -23.17 23.42
CA THR D 306 36.27 -22.32 24.50
C THR D 306 37.65 -22.69 25.01
N GLU D 307 38.34 -23.59 24.33
CA GLU D 307 39.59 -24.15 24.87
C GLU D 307 40.61 -23.11 25.32
N GLY D 308 40.97 -22.19 24.44
CA GLY D 308 42.07 -21.28 24.72
C GLY D 308 41.71 -20.18 25.72
N THR D 309 40.42 -19.99 25.95
CA THR D 309 39.95 -18.83 26.70
C THR D 309 39.82 -19.14 28.18
N GLY D 310 39.38 -18.15 28.96
CA GLY D 310 39.12 -18.36 30.37
C GLY D 310 37.67 -18.75 30.60
N VAL D 311 36.92 -18.86 29.51
CA VAL D 311 35.49 -19.11 29.58
C VAL D 311 35.15 -20.55 29.92
N VAL D 312 34.35 -20.73 30.97
CA VAL D 312 33.92 -22.05 31.40
C VAL D 312 32.39 -22.14 31.43
N GLY D 313 31.85 -23.11 30.69
CA GLY D 313 30.41 -23.29 30.61
C GLY D 313 29.83 -24.28 31.60
N ILE D 314 28.58 -24.06 31.98
CA ILE D 314 27.86 -25.03 32.81
C ILE D 314 26.92 -25.84 31.93
N PRO D 315 27.25 -27.13 31.73
CA PRO D 315 26.49 -28.00 30.83
C PRO D 315 25.40 -28.79 31.54
N ARG D 316 24.35 -29.11 30.81
CA ARG D 316 23.32 -30.02 31.28
C ARG D 316 22.74 -30.76 30.08
N GLY D 317 22.15 -31.93 30.30
CA GLY D 317 21.62 -32.74 29.24
C GLY D 317 21.92 -34.22 29.40
N GLY D 318 21.97 -34.94 28.29
CA GLY D 318 22.22 -36.38 28.33
C GLY D 318 21.82 -37.06 27.03
N VAL D 319 21.48 -38.33 27.12
CA VAL D 319 21.02 -39.07 25.95
C VAL D 319 19.55 -39.39 26.14
N MET D 320 18.73 -39.00 25.17
CA MET D 320 17.29 -39.16 25.29
C MET D 320 16.68 -39.84 24.07
N SER D 321 15.52 -40.45 24.26
CA SER D 321 14.77 -41.00 23.15
C SER D 321 14.35 -39.85 22.23
N TRP D 322 13.88 -40.17 21.03
CA TRP D 322 13.71 -39.14 20.03
C TRP D 322 12.68 -38.06 20.39
N LEU D 323 11.46 -38.46 20.73
CA LEU D 323 10.40 -37.50 21.00
C LEU D 323 10.74 -36.62 22.20
N THR D 324 11.23 -37.25 23.26
CA THR D 324 11.62 -36.56 24.49
C THR D 324 12.80 -35.60 24.26
N GLY D 325 13.84 -36.07 23.59
CA GLY D 325 14.99 -35.21 23.27
C GLY D 325 14.57 -34.02 22.44
N THR D 326 13.74 -34.30 21.44
CA THR D 326 13.30 -33.25 20.53
C THR D 326 12.52 -32.17 21.30
N ARG D 327 11.62 -32.58 22.20
CA ARG D 327 10.87 -31.60 22.98
C ARG D 327 11.75 -30.84 23.99
N TYR D 328 12.75 -31.53 24.52
CA TYR D 328 13.71 -30.91 25.42
C TYR D 328 14.44 -29.74 24.73
N MET D 329 14.73 -29.90 23.44
CA MET D 329 15.43 -28.87 22.66
C MET D 329 14.50 -27.80 22.09
N SER D 330 13.19 -28.10 22.06
CA SER D 330 12.20 -27.29 21.34
C SER D 330 11.59 -26.15 22.15
N GLN D 331 10.94 -25.23 21.43
CA GLN D 331 10.14 -24.14 22.00
C GLN D 331 8.64 -24.38 21.77
N ALA D 332 7.90 -24.52 22.88
CA ALA D 332 6.44 -24.70 22.84
C ALA D 332 5.65 -23.41 23.02
N ASP D 333 4.36 -23.47 22.72
CA ASP D 333 3.48 -22.35 22.95
C ASP D 333 3.06 -22.14 24.42
N CYS D 334 4.02 -21.75 25.23
CA CYS D 334 3.84 -21.55 26.67
C CYS D 334 4.83 -20.51 27.19
N GLY D 335 4.50 -19.90 28.34
CA GLY D 335 5.40 -18.97 29.00
C GLY D 335 5.60 -17.65 28.27
N ASP D 336 6.80 -17.09 28.39
CA ASP D 336 7.07 -15.70 28.00
C ASP D 336 7.11 -15.40 26.50
N VAL D 337 7.08 -16.43 25.66
CA VAL D 337 7.01 -16.26 24.21
C VAL D 337 5.57 -15.97 23.74
N MET D 338 4.62 -16.07 24.66
CA MET D 338 3.20 -15.84 24.34
C MET D 338 2.77 -14.39 24.60
N GLY D 339 1.93 -13.86 23.70
CA GLY D 339 1.40 -12.52 23.83
C GLY D 339 2.37 -11.37 23.57
N ALA D 340 3.56 -11.69 23.08
CA ALA D 340 4.62 -10.70 22.99
C ALA D 340 4.63 -9.99 21.62
N ARG D 341 5.18 -8.78 21.61
CA ARG D 341 5.44 -8.08 20.38
C ARG D 341 6.87 -8.45 20.01
N SER D 342 7.12 -8.72 18.73
CA SER D 342 8.50 -9.05 18.32
C SER D 342 8.88 -8.55 16.94
N ALA D 343 10.19 -8.53 16.71
CA ALA D 343 10.74 -8.18 15.42
C ALA D 343 11.96 -9.07 15.16
N SER D 344 12.15 -9.46 13.90
CA SER D 344 13.25 -10.34 13.61
C SER D 344 13.80 -10.06 12.24
N LYS D 345 15.08 -10.31 12.07
CA LYS D 345 15.73 -10.20 10.78
C LYS D 345 16.53 -11.48 10.54
N SER D 346 16.93 -11.72 9.30
CA SER D 346 17.62 -12.97 9.00
C SER D 346 18.87 -12.76 8.17
N ALA D 347 19.78 -13.73 8.25
CA ALA D 347 20.94 -13.71 7.34
C ALA D 347 21.45 -15.11 7.08
N TYR D 348 21.81 -15.38 5.83
CA TYR D 348 22.50 -16.61 5.49
C TYR D 348 23.98 -16.30 5.47
N HIS D 349 24.78 -17.12 6.13
CA HIS D 349 26.25 -16.99 6.09
C HIS D 349 26.93 -18.15 5.36
N ARG D 350 27.72 -17.77 4.35
CA ARG D 350 28.54 -18.69 3.54
C ARG D 350 29.93 -18.84 4.10
N ALA D 351 30.32 -17.89 4.93
CA ALA D 351 31.64 -17.92 5.56
C ALA D 351 31.56 -17.09 6.83
N ALA D 352 32.63 -17.10 7.61
CA ALA D 352 32.64 -16.42 8.90
C ALA D 352 32.61 -14.93 8.72
N PRO D 353 31.93 -14.24 9.64
CA PRO D 353 32.02 -12.78 9.68
C PRO D 353 33.44 -12.36 10.00
N THR D 354 33.84 -11.16 9.60
CA THR D 354 35.12 -10.60 10.03
C THR D 354 35.12 -10.37 11.54
N ASP D 355 36.31 -10.23 12.11
CA ASP D 355 36.43 -9.92 13.54
C ASP D 355 35.83 -8.56 13.90
N GLU D 356 35.96 -7.58 13.00
CA GLU D 356 35.37 -6.26 13.20
C GLU D 356 33.84 -6.34 13.32
N GLN D 357 33.22 -7.13 12.44
CA GLN D 357 31.79 -7.39 12.55
C GLN D 357 31.47 -7.99 13.93
N LEU D 358 32.24 -8.99 14.36
CA LEU D 358 32.00 -9.60 15.65
C LEU D 358 32.13 -8.60 16.81
N SER D 359 33.03 -7.61 16.64
CA SER D 359 33.20 -6.57 17.64
C SER D 359 32.00 -5.66 17.70
N VAL D 360 31.51 -5.27 16.53
CA VAL D 360 30.24 -4.53 16.43
C VAL D 360 29.13 -5.27 17.19
N LEU D 361 28.98 -6.56 16.89
CA LEU D 361 28.00 -7.38 17.60
C LEU D 361 28.15 -7.26 19.11
N HIS D 362 29.37 -7.47 19.60
CA HIS D 362 29.68 -7.41 21.04
C HIS D 362 29.20 -6.09 21.61
N ARG D 363 29.59 -5.01 20.93
CA ARG D 363 29.25 -3.68 21.44
C ARG D 363 27.74 -3.52 21.56
N HIS D 364 26.99 -3.89 20.55
CA HIS D 364 25.55 -3.77 20.61
C HIS D 364 24.91 -4.64 21.62
N LEU D 365 25.52 -5.77 21.91
CA LEU D 365 25.05 -6.65 22.97
C LEU D 365 25.31 -6.06 24.36
N HIS D 366 26.22 -5.07 24.44
CA HIS D 366 26.42 -4.40 25.74
C HIS D 366 25.76 -3.01 25.93
N ALA D 367 25.06 -2.52 24.91
CA ALA D 367 24.42 -1.22 25.00
C ALA D 367 23.39 -1.18 26.13
N ASP D 368 23.11 0.01 26.63
CA ASP D 368 22.10 0.18 27.62
C ASP D 368 20.79 -0.01 26.95
N HIS D 369 20.10 -1.09 27.28
CA HIS D 369 18.90 -1.49 26.55
C HIS D 369 18.23 -2.58 27.34
N PRO D 370 16.88 -2.62 27.34
CA PRO D 370 16.14 -3.70 28.03
C PRO D 370 16.00 -4.93 27.15
N GLY D 371 16.99 -5.84 27.21
CA GLY D 371 17.11 -6.92 26.25
C GLY D 371 17.02 -8.30 26.85
N GLN D 372 16.16 -8.46 27.84
CA GLN D 372 15.99 -9.76 28.47
C GLN D 372 15.42 -10.78 27.48
N ALA D 373 14.92 -10.29 26.35
CA ALA D 373 14.49 -11.15 25.25
C ALA D 373 15.00 -10.58 23.91
N SER D 374 16.24 -10.11 23.93
CA SER D 374 16.88 -9.60 22.74
C SER D 374 18.15 -10.39 22.51
N TYR D 375 18.29 -10.97 21.32
CA TYR D 375 19.45 -11.79 21.08
C TYR D 375 19.68 -12.04 19.61
N VAL D 376 20.83 -12.64 19.29
CA VAL D 376 21.07 -13.15 17.95
C VAL D 376 21.27 -14.65 18.04
N MET D 377 20.45 -15.40 17.37
CA MET D 377 20.55 -16.81 17.31
C MET D 377 21.36 -17.26 16.09
N PHE D 378 22.41 -18.04 16.28
CA PHE D 378 23.15 -18.63 15.15
C PHE D 378 22.91 -20.14 15.08
N ASN D 379 22.35 -20.62 13.97
CA ASN D 379 22.07 -22.04 13.79
C ASN D 379 23.00 -22.69 12.77
N SER D 380 23.46 -23.91 13.08
CA SER D 380 24.13 -24.75 12.08
C SER D 380 23.27 -24.84 10.85
N TYR D 381 23.88 -24.81 9.68
CA TYR D 381 23.15 -24.93 8.43
C TYR D 381 23.94 -25.84 7.49
N GLY D 382 23.54 -25.93 6.23
CA GLY D 382 24.29 -26.73 5.26
C GLY D 382 24.02 -28.22 5.38
N GLY D 383 25.06 -29.02 5.30
CA GLY D 383 24.92 -30.47 5.23
C GLY D 383 24.02 -30.86 4.07
N GLU D 384 23.10 -31.77 4.33
CA GLU D 384 22.20 -32.28 3.31
C GLU D 384 21.49 -31.14 2.55
N ILE D 385 21.24 -30.02 3.21
CA ILE D 385 20.59 -28.88 2.56
C ILE D 385 21.32 -28.48 1.25
N ASN D 386 22.65 -28.50 1.30
CA ASN D 386 23.46 -28.05 0.17
C ASN D 386 23.66 -29.11 -0.92
N ARG D 387 22.95 -30.23 -0.80
CA ARG D 387 23.03 -31.25 -1.85
C ARG D 387 22.40 -30.75 -3.16
N ARG D 388 21.27 -30.06 -3.04
CA ARG D 388 20.50 -29.57 -4.19
C ARG D 388 21.06 -28.28 -4.82
N GLY D 389 20.67 -28.00 -6.07
CA GLY D 389 21.12 -26.81 -6.77
C GLY D 389 20.15 -25.67 -6.53
N PRO D 390 20.62 -24.43 -6.66
CA PRO D 390 19.77 -23.27 -6.36
C PRO D 390 18.44 -23.23 -7.13
N SER D 391 18.37 -23.80 -8.32
CA SER D 391 17.16 -23.68 -9.12
C SER D 391 16.17 -24.84 -8.90
N ASP D 392 16.58 -25.83 -8.11
CA ASP D 392 15.79 -27.05 -7.94
C ASP D 392 14.51 -26.83 -7.15
N ALA D 393 14.57 -25.87 -6.23
CA ALA D 393 13.37 -25.45 -5.51
C ALA D 393 13.36 -23.94 -5.53
N ALA D 394 12.25 -23.35 -5.09
CA ALA D 394 12.16 -21.90 -5.07
C ALA D 394 13.18 -21.28 -4.10
N VAL D 395 13.59 -22.03 -3.08
CA VAL D 395 14.67 -21.59 -2.19
C VAL D 395 16.04 -21.67 -2.87
N PRO D 396 16.74 -20.53 -2.98
CA PRO D 396 18.00 -20.37 -3.73
C PRO D 396 19.29 -20.63 -2.96
N GLN D 397 19.27 -20.52 -1.63
CA GLN D 397 20.49 -20.61 -0.84
C GLN D 397 20.93 -22.05 -0.60
N ARG D 398 21.88 -22.52 -1.40
CA ARG D 398 22.26 -23.92 -1.32
C ARG D 398 23.74 -24.11 -1.02
N ASP D 399 24.36 -23.14 -0.37
CA ASP D 399 25.77 -23.29 0.00
C ASP D 399 26.16 -22.51 1.25
N SER D 400 25.18 -22.11 2.05
CA SER D 400 25.47 -21.45 3.31
C SER D 400 25.79 -22.50 4.37
N VAL D 401 26.47 -22.09 5.43
CA VAL D 401 26.87 -23.02 6.48
C VAL D 401 26.36 -22.59 7.86
N VAL D 402 25.98 -21.32 7.98
CA VAL D 402 25.32 -20.87 9.23
C VAL D 402 24.14 -19.98 8.90
N LYS D 403 23.07 -20.07 9.68
CA LYS D 403 21.88 -19.26 9.46
C LYS D 403 21.63 -18.43 10.72
N SER D 404 21.44 -17.12 10.59
CA SER D 404 21.21 -16.30 11.77
C SER D 404 19.84 -15.63 11.82
N SER D 405 19.33 -15.50 13.04
CA SER D 405 18.07 -14.82 13.32
C SER D 405 18.36 -13.73 14.34
N TRP D 406 18.02 -12.49 13.99
CA TRP D 406 18.28 -11.31 14.84
C TRP D 406 16.96 -10.85 15.48
N PHE D 407 16.89 -10.94 16.79
CA PHE D 407 15.57 -11.00 17.41
C PHE D 407 15.37 -10.08 18.61
N SER D 408 14.18 -9.50 18.68
CA SER D 408 13.83 -8.80 19.91
C SER D 408 12.35 -8.92 20.16
N ALA D 409 12.02 -9.19 21.41
CA ALA D 409 10.62 -9.29 21.82
C ALA D 409 10.42 -8.44 23.07
N TRP D 410 9.19 -7.98 23.27
CA TRP D 410 8.83 -6.99 24.28
C TRP D 410 7.30 -6.91 24.45
N GLN D 411 6.82 -6.20 25.45
CA GLN D 411 5.39 -6.23 25.79
C GLN D 411 4.57 -5.01 25.42
N ASP D 412 5.11 -3.83 25.68
CA ASP D 412 4.37 -2.60 25.52
C ASP D 412 4.56 -1.95 24.17
N ALA D 413 3.45 -1.60 23.55
CA ALA D 413 3.46 -0.94 22.25
C ALA D 413 4.30 0.34 22.26
N GLU D 414 4.24 1.06 23.38
CA GLU D 414 4.99 2.31 23.56
C GLU D 414 6.50 2.13 23.41
N LEU D 415 6.99 0.89 23.46
CA LEU D 415 8.42 0.64 23.32
C LEU D 415 8.82 0.09 21.95
N ASP D 416 7.86 -0.02 21.01
CA ASP D 416 8.18 -0.49 19.65
C ASP D 416 9.43 0.19 19.06
N GLU D 417 9.38 1.52 19.00
CA GLU D 417 10.47 2.29 18.40
C GLU D 417 11.79 1.98 19.08
N LEU D 418 11.77 1.80 20.39
CA LEU D 418 13.01 1.51 21.10
C LEU D 418 13.59 0.19 20.57
N HIS D 419 12.77 -0.84 20.55
CA HIS D 419 13.27 -2.14 20.20
C HIS D 419 13.65 -2.24 18.72
N LEU D 420 12.77 -1.74 17.84
CA LEU D 420 13.15 -1.71 16.43
C LEU D 420 14.46 -0.97 16.30
N GLY D 421 14.60 0.11 17.08
CA GLY D 421 15.78 0.94 17.00
C GLY D 421 17.03 0.12 17.27
N TRP D 422 16.96 -0.69 18.30
CA TRP D 422 18.13 -1.48 18.69
C TRP D 422 18.44 -2.49 17.59
N LEU D 423 17.40 -3.18 17.11
CA LEU D 423 17.59 -4.26 16.15
C LEU D 423 18.21 -3.68 14.89
N ARG D 424 17.56 -2.67 14.35
CA ARG D 424 18.07 -2.02 13.15
C ARG D 424 19.51 -1.58 13.37
N GLY D 425 19.76 -0.96 14.52
CA GLY D 425 21.07 -0.41 14.78
C GLY D 425 22.14 -1.48 14.65
N LEU D 426 21.85 -2.65 15.22
CA LEU D 426 22.82 -3.75 15.22
C LEU D 426 22.99 -4.31 13.81
N TYR D 427 21.87 -4.60 13.17
CA TYR D 427 21.88 -5.38 11.94
C TYR D 427 22.59 -4.54 10.91
N GLU D 428 22.08 -3.32 10.71
CA GLU D 428 22.66 -2.39 9.76
C GLU D 428 24.13 -2.08 10.03
N GLU D 429 24.56 -2.08 11.30
CA GLU D 429 25.97 -1.77 11.49
C GLU D 429 26.84 -3.00 11.20
N PHE D 430 26.30 -4.17 11.52
CA PHE D 430 27.02 -5.42 11.35
C PHE D 430 27.31 -5.61 9.88
N PHE D 431 26.34 -5.27 9.05
CA PHE D 431 26.45 -5.42 7.59
C PHE D 431 26.68 -4.08 6.88
N ALA D 432 27.26 -3.11 7.60
CA ALA D 432 27.48 -1.78 7.03
C ALA D 432 28.34 -1.83 5.76
N GLY D 433 29.31 -2.74 5.73
CA GLY D 433 30.16 -2.90 4.56
C GLY D 433 29.39 -3.18 3.29
N THR D 434 28.21 -3.77 3.42
CA THR D 434 27.40 -4.07 2.23
C THR D 434 26.00 -3.43 2.29
N GLY D 435 25.95 -2.14 2.63
CA GLY D 435 24.72 -1.38 2.58
C GLY D 435 23.73 -1.71 3.70
N GLY D 436 24.19 -2.36 4.75
CA GLY D 436 23.34 -2.65 5.89
C GLY D 436 22.48 -3.91 5.76
N VAL D 437 22.65 -4.65 4.68
CA VAL D 437 22.00 -5.96 4.56
C VAL D 437 22.99 -7.06 4.18
N PRO D 438 22.59 -8.31 4.40
CA PRO D 438 23.46 -9.41 4.01
C PRO D 438 23.27 -9.72 2.53
N VAL D 439 23.92 -8.94 1.67
CA VAL D 439 23.83 -9.15 0.23
C VAL D 439 24.19 -10.57 -0.19
N THR D 440 23.68 -10.99 -1.35
CA THR D 440 23.94 -12.32 -1.84
C THR D 440 25.30 -12.42 -2.52
N GLY D 441 25.88 -13.62 -2.56
CA GLY D 441 27.07 -13.87 -3.36
C GLY D 441 28.43 -13.52 -2.75
N GLY D 442 28.47 -13.19 -1.46
CA GLY D 442 29.74 -12.92 -0.80
C GLY D 442 29.93 -13.77 0.44
N ARG D 443 30.27 -13.12 1.55
CA ARG D 443 30.28 -13.79 2.84
C ARG D 443 28.87 -14.24 3.24
N THR D 444 27.86 -13.59 2.67
CA THR D 444 26.46 -13.89 3.02
C THR D 444 25.68 -14.29 1.77
N ASP D 445 24.47 -14.79 1.92
CA ASP D 445 23.64 -15.16 0.76
C ASP D 445 22.17 -14.77 0.97
N GLY D 446 21.95 -13.59 1.54
CA GLY D 446 20.62 -13.02 1.61
C GLY D 446 19.80 -13.45 2.81
N CYS D 447 18.49 -13.63 2.59
CA CYS D 447 17.55 -13.76 3.72
C CYS D 447 16.54 -14.86 3.50
N TYR D 448 15.83 -15.21 4.56
CA TYR D 448 14.93 -16.34 4.53
C TYR D 448 13.51 -15.80 4.64
N ILE D 449 12.69 -16.13 3.64
CA ILE D 449 11.34 -15.57 3.50
C ILE D 449 10.41 -15.91 4.70
N ASN D 450 10.74 -16.98 5.43
CA ASN D 450 10.00 -17.30 6.63
C ASN D 450 10.36 -16.42 7.86
N TYR D 451 11.40 -15.60 7.72
CA TYR D 451 11.67 -14.52 8.69
C TYR D 451 11.54 -13.19 7.93
N PRO D 452 10.34 -12.90 7.40
CA PRO D 452 10.19 -11.73 6.53
C PRO D 452 10.49 -10.44 7.27
N ASP D 453 11.11 -9.50 6.57
CA ASP D 453 11.54 -8.22 7.16
C ASP D 453 11.20 -7.03 6.26
N ALA D 454 10.14 -6.31 6.63
CA ALA D 454 9.66 -5.17 5.84
C ALA D 454 10.68 -4.04 5.69
N ASP D 455 11.65 -3.98 6.61
CA ASP D 455 12.68 -2.95 6.51
C ASP D 455 13.48 -3.05 5.20
N LEU D 456 13.52 -4.22 4.58
CA LEU D 456 14.26 -4.40 3.35
C LEU D 456 13.65 -3.60 2.22
N LEU D 457 12.42 -3.13 2.42
CA LEU D 457 11.74 -2.31 1.40
C LEU D 457 12.08 -0.82 1.47
N ASP D 458 12.88 -0.43 2.46
CA ASP D 458 13.08 0.99 2.74
C ASP D 458 14.54 1.44 2.55
N PRO D 459 14.75 2.38 1.63
CA PRO D 459 16.10 2.86 1.32
C PRO D 459 16.89 3.33 2.55
N ALA D 460 16.21 3.85 3.57
CA ALA D 460 16.91 4.26 4.79
C ALA D 460 17.55 3.06 5.50
N ARG D 461 16.93 1.90 5.36
CA ARG D 461 17.40 0.66 6.01
C ARG D 461 18.33 -0.14 5.10
N ASN D 462 18.02 -0.14 3.81
CA ASN D 462 18.75 -0.97 2.84
C ASN D 462 19.43 -0.09 1.79
N ARG D 463 20.75 0.02 1.87
CA ARG D 463 21.51 0.83 0.92
C ARG D 463 22.31 -0.02 -0.06
N SER D 464 22.00 -1.29 -0.19
CA SER D 464 22.78 -2.18 -1.02
C SER D 464 22.48 -2.19 -2.51
N GLY D 465 21.36 -1.65 -2.91
CA GLY D 465 20.92 -1.79 -4.28
C GLY D 465 20.16 -3.06 -4.59
N GLU D 466 20.22 -4.00 -3.68
CA GLU D 466 19.57 -5.27 -3.83
C GLU D 466 18.14 -5.26 -3.29
N PRO D 467 17.16 -5.46 -4.14
CA PRO D 467 15.73 -5.49 -3.72
C PRO D 467 15.38 -6.71 -2.88
N TRP D 468 14.34 -6.58 -2.06
CA TRP D 468 13.92 -7.66 -1.18
C TRP D 468 13.80 -9.00 -1.92
N HIS D 469 13.18 -8.97 -3.10
CA HIS D 469 12.90 -10.21 -3.80
C HIS D 469 14.19 -10.90 -4.26
N HIS D 470 15.28 -10.15 -4.39
CA HIS D 470 16.53 -10.80 -4.74
C HIS D 470 17.23 -11.38 -3.51
N LEU D 471 17.12 -10.71 -2.38
CA LEU D 471 17.69 -11.23 -1.14
C LEU D 471 17.01 -12.52 -0.72
N TYR D 472 15.70 -12.61 -0.96
CA TYR D 472 14.95 -13.80 -0.59
C TYR D 472 14.96 -14.89 -1.67
N TYR D 473 14.87 -14.51 -2.93
CA TYR D 473 14.64 -15.50 -3.99
C TYR D 473 15.77 -15.58 -5.03
N LYS D 474 16.69 -14.62 -4.98
CA LYS D 474 17.75 -14.52 -6.00
C LYS D 474 17.19 -14.74 -7.40
N ASP D 475 17.85 -15.58 -8.18
CA ASP D 475 17.45 -15.71 -9.59
C ASP D 475 16.18 -16.56 -9.81
N ASN D 476 15.53 -16.95 -8.71
CA ASN D 476 14.27 -17.69 -8.84
C ASN D 476 13.06 -16.80 -8.95
N TYR D 477 13.28 -15.51 -8.79
CA TYR D 477 12.14 -14.59 -8.76
C TYR D 477 11.37 -14.59 -10.08
N ALA D 478 12.07 -14.53 -11.20
CA ALA D 478 11.40 -14.50 -12.50
C ALA D 478 10.40 -15.65 -12.65
N ARG D 479 10.88 -16.85 -12.35
CA ARG D 479 10.04 -18.03 -12.45
C ARG D 479 8.85 -17.95 -11.47
N LEU D 480 9.09 -17.43 -10.27
CA LEU D 480 7.99 -17.27 -9.32
C LEU D 480 6.95 -16.32 -9.88
N ARG D 481 7.42 -15.25 -10.52
CA ARG D 481 6.51 -14.28 -11.12
C ARG D 481 5.65 -14.89 -12.22
N SER D 482 6.27 -15.68 -13.10
CA SER D 482 5.48 -16.38 -14.12
C SER D 482 4.41 -17.24 -13.46
N ALA D 483 4.82 -18.02 -12.46
CA ALA D 483 3.86 -18.88 -11.76
C ALA D 483 2.71 -18.05 -11.15
N LYS D 484 3.04 -16.87 -10.64
CA LYS D 484 2.07 -15.98 -10.04
C LYS D 484 1.06 -15.50 -11.08
N ARG D 485 1.56 -15.07 -12.24
CA ARG D 485 0.69 -14.65 -13.33
C ARG D 485 -0.22 -15.77 -13.80
N ALA D 486 0.35 -16.97 -13.92
CA ALA D 486 -0.39 -18.11 -14.40
C ALA D 486 -1.50 -18.56 -13.42
N TRP D 487 -1.21 -18.50 -12.12
CA TRP D 487 -2.10 -19.13 -11.13
C TRP D 487 -2.90 -18.18 -10.23
N ASP D 488 -2.47 -16.93 -10.13
CA ASP D 488 -3.24 -15.92 -9.40
C ASP D 488 -3.29 -14.63 -10.19
N PRO D 489 -3.84 -14.68 -11.42
CA PRO D 489 -3.81 -13.56 -12.36
C PRO D 489 -4.51 -12.30 -11.82
N LEU D 490 -5.51 -12.49 -10.95
CA LEU D 490 -6.25 -11.37 -10.39
C LEU D 490 -5.59 -10.79 -9.15
N ASN D 491 -4.44 -11.34 -8.78
CA ASN D 491 -3.74 -10.97 -7.56
C ASN D 491 -4.69 -11.01 -6.36
N THR D 492 -5.46 -12.09 -6.29
CA THR D 492 -6.35 -12.33 -5.16
C THR D 492 -5.58 -12.44 -3.85
N PHE D 493 -4.38 -13.02 -3.91
CA PHE D 493 -3.55 -13.23 -2.72
C PHE D 493 -2.32 -12.34 -2.71
N HIS D 494 -2.29 -11.40 -1.78
CA HIS D 494 -1.24 -10.41 -1.78
C HIS D 494 -1.00 -9.90 -0.38
N HIS D 495 0.19 -9.37 -0.16
CA HIS D 495 0.52 -8.68 1.08
C HIS D 495 1.73 -7.81 0.84
N SER D 496 2.29 -7.22 1.89
CA SER D 496 3.32 -6.22 1.70
C SER D 496 4.59 -6.78 1.05
N MET D 497 4.77 -8.10 1.05
CA MET D 497 5.96 -8.70 0.46
C MET D 497 5.58 -9.92 -0.38
N SER D 498 4.51 -9.78 -1.12
CA SER D 498 4.04 -10.88 -1.96
C SER D 498 4.65 -10.75 -3.35
N ILE D 499 4.83 -11.87 -4.02
CA ILE D 499 5.36 -11.92 -5.35
C ILE D 499 4.56 -11.03 -6.30
N GLY D 500 5.26 -10.22 -7.07
CA GLY D 500 4.65 -9.23 -7.92
C GLY D 500 3.95 -9.66 -9.20
PA FAD E . -0.89 -41.14 33.74
O1A FAD E . 0.36 -41.41 34.25
O2A FAD E . -1.05 -41.53 32.43
O5B FAD E . -1.79 -41.96 34.63
C5B FAD E . -1.90 -41.83 36.02
C4B FAD E . -2.63 -42.95 36.73
O4B FAD E . -3.97 -43.01 36.38
C3B FAD E . -2.07 -44.30 36.40
O3B FAD E . -2.33 -45.12 37.45
C2B FAD E . -2.91 -44.72 35.27
O2B FAD E . -2.97 -46.07 35.23
C1B FAD E . -4.24 -44.11 35.57
N9A FAD E . -4.95 -43.81 34.34
C8A FAD E . -4.61 -43.05 33.32
N7A FAD E . -5.55 -43.09 32.42
C5A FAD E . -6.51 -43.86 32.82
C6A FAD E . -7.71 -44.25 32.30
N6A FAD E . -8.15 -43.89 31.16
N1A FAD E . -8.46 -45.07 33.05
C2A FAD E . -8.05 -45.49 34.25
N3A FAD E . -6.89 -45.12 34.73
C4A FAD E . -6.13 -44.30 34.04
N1 FAD E . -3.18 -31.85 38.64
C2 FAD E . -4.13 -30.95 38.90
O2 FAD E . -5.09 -31.23 39.50
N3 FAD E . -4.01 -29.70 38.48
C4 FAD E . -2.91 -29.33 37.80
O4 FAD E . -2.81 -28.23 37.43
C4X FAD E . -1.92 -30.23 37.49
N5 FAD E . -0.83 -29.85 36.81
C5X FAD E . 0.12 -30.75 36.52
C6 FAD E . 1.24 -30.36 35.78
C7 FAD E . 2.22 -31.33 35.53
C7M FAD E . 3.44 -31.04 34.76
C8 FAD E . 2.04 -32.61 35.97
C8M FAD E . 3.05 -33.67 35.68
C9 FAD E . 0.93 -32.93 36.67
C9A FAD E . -0.02 -32.02 36.96
N10 FAD E . -1.11 -32.43 37.68
C10 FAD E . -2.07 -31.52 37.95
C1' FAD E . -1.23 -33.83 38.16
C2' FAD E . -2.08 -34.76 37.33
O2' FAD E . -3.41 -34.51 37.49
C3' FAD E . -1.81 -36.19 37.73
O3' FAD E . -0.47 -36.39 37.57
C4' FAD E . -2.62 -37.12 36.84
O4' FAD E . -3.00 -38.23 37.52
C5' FAD E . -1.84 -37.51 35.66
O5' FAD E . -2.69 -37.82 34.61
P FAD E . -2.21 -38.65 33.42
O1P FAD E . -3.28 -39.23 32.74
O2P FAD E . -1.52 -37.79 32.61
O3P FAD E . -1.24 -39.68 34.05
C VGP F . 1.83 -22.90 37.01
O VGP F . 2.77 -35.35 39.38
C01 VGP F . 5.84 -30.35 37.46
O01 VGP F . 1.33 -28.86 39.08
C02 VGP F . 4.82 -30.98 38.16
O02 VGP F . 6.74 -28.45 36.37
C03 VGP F . 3.67 -30.27 38.45
O03 VGP F . 5.36 -26.28 36.27
C04 VGP F . 3.51 -28.93 38.06
O04 VGP F . 1.87 -24.25 37.24
C05 VGP F . 4.52 -28.30 37.37
O05 VGP F . -0.53 -28.77 40.50
C06 VGP F . 5.70 -29.03 37.06
O06 VGP F . 2.59 -32.30 39.00
C07 VGP F . 2.32 -28.24 38.38
O07 VGP F . 2.78 -32.27 42.42
C08 VGP F . 2.17 -26.92 38.01
O08 VGP F . 3.78 -29.87 40.97
C09 VGP F . 3.20 -26.28 37.32
C10 VGP F . 4.38 -26.96 36.98
C11 VGP F . 0.14 -28.28 39.40
C12 VGP F . 0.01 -26.86 39.01
C13 VGP F . 1.01 -26.21 38.30
C14 VGP F . -1.14 -26.17 39.33
C15 VGP F . -1.30 -24.86 38.95
C16 VGP F . -0.31 -24.19 38.26
C17 VGP F . 0.87 -24.88 37.93
C18 VGP F . -2.59 -24.17 39.31
C19 VGP F . -3.87 -24.92 39.11
C20 VGP F . 2.82 -30.79 40.69
C21 VGP F . 2.58 -30.96 39.23
C22 VGP F . 3.23 -32.12 41.15
C23 VGP F . 2.65 -33.05 40.14
C24 VGP F . 3.49 -34.27 39.80
C25 VGP F . 4.42 -34.65 40.88
C26 VGP F . 5.40 -24.91 36.19
PA FAD G . -3.80 17.32 -9.39
O1A FAD G . -5.12 17.67 -9.41
O2A FAD G . -3.54 16.14 -10.05
O5B FAD G . -3.47 17.02 -7.94
C5B FAD G . -2.23 16.83 -7.39
C4B FAD G . -2.23 16.34 -5.97
O4B FAD G . -2.54 17.37 -5.09
C3B FAD G . -3.23 15.26 -5.69
O3B FAD G . -2.82 14.53 -4.62
C2B FAD G . -4.39 16.06 -5.25
O2B FAD G . -5.27 15.32 -4.53
C1B FAD G . -3.76 17.16 -4.44
N9A FAD G . -4.70 18.26 -4.48
C8A FAD G . -5.19 18.80 -5.57
N7A FAD G . -6.02 19.72 -5.24
C5A FAD G . -6.09 19.78 -3.94
C6A FAD G . -6.83 20.56 -3.08
N6A FAD G . -7.70 21.41 -3.49
N1A FAD G . -6.68 20.37 -1.77
C2A FAD G . -5.83 19.45 -1.29
N3A FAD G . -5.13 18.67 -2.13
C4A FAD G . -5.26 18.85 -3.43
N1 FAD G . 5.16 23.01 -11.16
C2 FAD G . 5.80 24.15 -10.88
O2 FAD G . 6.12 24.40 -9.78
N3 FAD G . 6.08 24.99 -11.87
C4 FAD G . 5.73 24.70 -13.13
O4 FAD G . 5.98 25.46 -14.00
C4X FAD G . 5.06 23.56 -13.41
N5 FAD G . 4.69 23.29 -14.67
C5X FAD G . 4.03 22.16 -14.97
C6 FAD G . 3.63 21.92 -16.28
C7 FAD G . 2.96 20.73 -16.48
C7M FAD G . 2.48 20.33 -17.83
C8 FAD G . 2.67 19.88 -15.46
C8M FAD G . 1.94 18.61 -15.68
C9 FAD G . 3.08 20.18 -14.22
C9A FAD G . 3.75 21.31 -13.95
N10 FAD G . 4.13 21.56 -12.69
C10 FAD G . 4.79 22.70 -12.42
C1' FAD G . 3.81 20.62 -11.59
C2' FAD G . 2.49 20.84 -10.90
O2' FAD G . 2.61 21.86 -9.99
C3' FAD G . 2.05 19.67 -10.07
O3' FAD G . 1.83 18.56 -10.84
C4' FAD G . 0.81 20.08 -9.26
O4' FAD G . 0.62 19.26 -8.18
C5' FAD G . -0.40 20.00 -10.09
O5' FAD G . -1.52 20.50 -9.48
P FAD G . -2.85 20.02 -10.04
O1P FAD G . -3.81 20.61 -9.23
O2P FAD G . -3.01 20.27 -11.40
O3P FAD G . -2.78 18.46 -9.85
C VGP H . 8.49 25.57 -20.71
O VGP H . 4.21 16.36 -13.27
C01 VGP H . 5.09 18.09 -19.04
O01 VGP H . 7.12 21.58 -16.18
C02 VGP H . 5.34 18.19 -17.67
O02 VGP H . 5.20 19.04 -21.21
C03 VGP H . 5.93 19.33 -17.20
O03 VGP H . 6.18 21.27 -21.62
C04 VGP H . 6.30 20.38 -18.04
O04 VGP H . 7.96 24.59 -19.92
C05 VGP H . 6.06 20.29 -19.40
O05 VGP H . 8.45 22.45 -14.49
C06 VGP H . 5.44 19.14 -19.88
O06 VGP H . 5.41 18.56 -15.16
C07 VGP H . 6.89 21.52 -17.52
O07 VGP H . 8.34 17.30 -13.96
C08 VGP H . 7.25 22.55 -18.36
O08 VGP H . 8.32 18.75 -16.65
C09 VGP H . 7.00 22.50 -19.72
C10 VGP H . 6.41 21.36 -20.26
C11 VGP H . 7.67 22.66 -15.56
C12 VGP H . 8.07 23.74 -16.45
C13 VGP H . 7.84 23.67 -17.80
C14 VGP H . 8.66 24.83 -15.89
C15 VGP H . 9.02 25.90 -16.68
C16 VGP H . 8.80 25.84 -18.05
C17 VGP H . 8.21 24.70 -18.60
C18 VGP H . 9.66 27.08 -16.04
C19 VGP H . 9.10 27.56 -14.74
C20 VGP H . 7.59 18.83 -15.51
C21 VGP H . 6.25 19.44 -15.74
C22 VGP H . 7.38 17.52 -14.89
C23 VGP H . 6.00 17.66 -14.29
C24 VGP H . 5.04 16.47 -14.35
C25 VGP H . 5.61 15.17 -14.77
C26 VGP H . 7.01 21.86 -22.53
PA FAD I . -11.95 39.81 -33.17
O1A FAD I . -10.82 40.30 -33.78
O2A FAD I . -12.12 40.25 -31.86
O5B FAD I . -13.07 40.31 -34.08
C5B FAD I . -13.13 40.25 -35.47
C4B FAD I . -14.18 41.14 -36.12
O4B FAD I . -15.47 40.87 -35.69
C3B FAD I . -13.96 42.60 -35.81
O3B FAD I . -14.44 43.38 -36.83
C2B FAD I . -14.84 42.83 -34.63
O2B FAD I . -15.21 44.14 -34.53
C1B FAD I . -15.98 41.90 -34.93
N9A FAD I . -16.56 41.53 -33.65
C8A FAD I . -15.98 40.93 -32.61
N7A FAD I . -16.86 40.79 -31.68
C5A FAD I . -17.99 41.30 -32.07
C6A FAD I . -19.23 41.45 -31.46
N6A FAD I . -19.41 41.13 -30.23
N1A FAD I . -20.21 42.05 -32.14
C2A FAD I . -19.99 42.50 -33.35
N3A FAD I . -18.80 42.37 -33.94
C4A FAD I . -17.81 41.78 -33.30
N1 FAD I . -12.38 30.18 -37.99
C2 FAD I . -13.12 29.11 -38.21
O2 FAD I . -14.13 29.21 -38.74
N3 FAD I . -12.73 27.92 -37.82
C4 FAD I . -11.57 27.79 -37.21
O4 FAD I . -11.26 26.70 -36.89
C4X FAD I . -10.76 28.89 -36.93
N5 FAD I . -9.57 28.76 -36.30
C5X FAD I . -8.83 29.83 -36.05
C6 FAD I . -7.61 29.67 -35.36
C7 FAD I . -6.88 30.84 -35.15
C7M FAD I . -5.59 30.79 -34.46
C8 FAD I . -7.32 32.05 -35.56
C8M FAD I . -6.52 33.30 -35.30
C9 FAD I . -8.51 32.17 -36.22
C9A FAD I . -9.26 31.07 -36.48
N10 FAD I . -10.44 31.22 -37.13
C10 FAD I . -11.19 30.12 -37.34
C1' FAD I . -10.90 32.55 -37.57
C2' FAD I . -11.96 33.24 -36.73
O2' FAD I . -13.18 32.71 -36.97
C3' FAD I . -12.03 34.72 -37.05
O3' FAD I . -10.84 35.27 -36.66
C4' FAD I . -13.10 35.49 -36.29
O4' FAD I . -13.52 36.52 -37.08
C5' FAD I . -12.41 36.05 -35.09
O5' FAD I . -13.22 36.18 -34.00
P FAD I . -12.74 37.05 -32.86
O1P FAD I . -13.73 37.46 -31.95
O2P FAD I . -11.74 36.43 -32.12
O3P FAD I . -11.99 38.26 -33.51
C VGP J . -5.48 22.50 -36.55
O VGP J . -7.35 34.94 -39.33
C01 VGP J . -3.31 30.89 -37.24
O01 VGP J . -7.33 28.27 -38.55
C02 VGP J . -4.52 31.22 -37.85
O02 VGP J . -1.92 29.29 -36.27
C03 VGP J . -5.47 30.25 -38.08
O03 VGP J . -2.62 26.91 -36.13
C04 VGP J . -5.25 28.91 -37.71
O04 VGP J . -5.67 23.80 -36.89
C05 VGP J . -4.04 28.56 -37.11
O05 VGP J . -9.06 27.69 -39.94
C06 VGP J . -3.10 29.57 -36.87
O06 VGP J . -6.84 32.03 -38.70
C07 VGP J . -6.19 27.90 -37.94
O07 VGP J . -6.92 31.75 -42.12
C08 VGP J . -5.96 26.58 -37.57
O08 VGP J . -5.40 29.71 -40.52
C09 VGP J . -4.76 26.26 -36.97
C10 VGP J . -3.82 27.24 -36.74
C11 VGP J . -8.37 27.42 -38.80
C12 VGP J . -8.14 26.01 -38.44
C13 VGP J . -6.97 25.60 -37.82
C14 VGP J . -9.15 25.11 -38.71
C15 VGP J . -9.01 23.79 -38.39
C16 VGP J . -7.84 23.35 -37.78
C17 VGP J . -6.81 24.25 -37.50
C18 VGP J . -10.14 22.84 -38.70
C19 VGP J . -11.54 23.28 -38.50
C20 VGP J . -6.50 30.45 -40.25
C21 VGP J . -6.73 30.67 -38.79
C22 VGP J . -6.37 31.77 -40.87
C23 VGP J . -7.03 32.67 -39.90
C24 VGP J . -6.42 34.04 -39.71
C25 VGP J . -5.80 34.52 -40.92
C26 VGP J . -2.25 25.58 -36.13
PA FAD K . 0.99 -17.90 9.41
O1A FAD K . 0.95 -16.70 10.06
O2A FAD K . -0.24 -18.47 9.63
O5B FAD K . 1.17 -17.70 7.88
C5B FAD K . 2.20 -17.02 7.25
C4B FAD K . 1.87 -16.63 5.82
O4B FAD K . 1.63 -17.77 5.08
C3B FAD K . 0.61 -15.82 5.76
O3B FAD K . 0.60 -15.02 4.65
C2B FAD K . -0.41 -16.84 5.51
O2B FAD K . -1.50 -16.29 4.94
C1B FAD K . 0.33 -17.76 4.61
N9A FAD K . -0.26 -19.07 4.72
C8A FAD K . -0.46 -19.74 5.83
N7A FAD K . -1.02 -20.88 5.54
C5A FAD K . -1.18 -20.94 4.25
C6A FAD K . -1.73 -21.89 3.43
N6A FAD K . -2.56 -22.78 3.91
N1A FAD K . -1.76 -21.64 2.12
C2A FAD K . -1.28 -20.49 1.63
N3A FAD K . -0.76 -19.56 2.43
C4A FAD K . -0.72 -19.78 3.73
N1 FAD K . 11.00 -21.54 10.57
C2 FAD K . 11.89 -22.50 10.30
O2 FAD K . 12.21 -22.72 9.20
N3 FAD K . 12.43 -23.23 11.28
C4 FAD K . 12.11 -23.02 12.55
O4 FAD K . 12.61 -23.68 13.39
C4X FAD K . 11.20 -22.03 12.84
N5 FAD K . 10.86 -21.80 14.12
C5X FAD K . 9.98 -20.85 14.45
C6 FAD K . 9.61 -20.64 15.76
C7 FAD K . 8.69 -19.64 16.02
C7M FAD K . 8.26 -19.32 17.39
C8 FAD K . 8.13 -18.91 15.03
C8M FAD K . 7.13 -17.87 15.40
C9 FAD K . 8.50 -19.14 13.73
C9A FAD K . 9.42 -20.10 13.44
N10 FAD K . 9.75 -20.31 12.15
C10 FAD K . 10.65 -21.29 11.85
C1' FAD K . 9.14 -19.48 11.08
C2' FAD K . 7.92 -20.02 10.39
O2' FAD K . 8.32 -20.85 9.37
C3' FAD K . 7.17 -18.93 9.74
O3' FAD K . 6.81 -18.03 10.69
C4' FAD K . 5.99 -19.50 9.02
O4' FAD K . 5.70 -18.71 7.94
C5' FAD K . 4.77 -19.56 9.91
O5' FAD K . 3.78 -20.39 9.41
P FAD K . 2.38 -20.35 10.03
O1P FAD K . 1.47 -21.15 9.37
O2P FAD K . 2.46 -20.62 11.41
O3P FAD K . 2.16 -18.81 9.87
C VGP L . 16.02 -23.34 19.72
O VGP L . 8.92 -15.26 12.75
C01 VGP L . 10.56 -16.67 18.72
O01 VGP L . 13.01 -19.62 15.57
C02 VGP L . 10.68 -16.71 17.32
O02 VGP L . 11.10 -17.54 20.87
C03 VGP L . 11.45 -17.68 16.73
O03 VGP L . 12.54 -19.44 21.05
C04 VGP L . 12.13 -18.62 17.51
O04 VGP L . 15.08 -22.60 19.09
C05 VGP L . 12.00 -18.58 18.89
O05 VGP L . 14.15 -20.33 13.64
C06 VGP L . 11.21 -17.59 19.51
O06 VGP L . 10.54 -17.06 14.65
C07 VGP L . 12.92 -19.61 16.93
O07 VGP L . 13.03 -15.22 13.09
C08 VGP L . 13.60 -20.56 17.69
O08 VGP L . 13.60 -16.54 15.81
C09 VGP L . 13.46 -20.50 19.08
C10 VGP L . 12.68 -19.51 19.67
C11 VGP L . 13.72 -20.55 14.90
C12 VGP L . 14.46 -21.53 15.69
C13 VGP L . 14.39 -21.54 17.05
C14 VGP L . 15.21 -22.44 14.98
C15 VGP L . 15.91 -23.40 15.66
C16 VGP L . 15.87 -23.44 17.04
C17 VGP L . 15.11 -22.53 17.73
C18 VGP L . 16.71 -24.39 14.88
C19 VGP L . 16.16 -24.91 13.59
C20 VGP L . 12.79 -16.88 14.77
C21 VGP L . 11.61 -17.70 15.20
C22 VGP L . 12.24 -15.68 14.11
C23 VGP L . 10.90 -16.12 13.70
C24 VGP L . 9.80 -15.10 13.77
C25 VGP L . 10.22 -13.71 13.89
C26 VGP L . 13.43 -20.11 21.88
#